data_8REW
#
_entry.id   8REW
#
_cell.length_a   1.00
_cell.length_b   1.00
_cell.length_c   1.00
_cell.angle_alpha   90.00
_cell.angle_beta   90.00
_cell.angle_gamma   90.00
#
_symmetry.space_group_name_H-M   'P 1'
#
loop_
_entity.id
_entity.type
_entity.pdbx_description
1 polymer 'Transforming growth factor beta-1'
2 polymer 'Transforming growth factor beta activator LRRC32'
3 polymer 'hFab LHT-22, Light Chain'
4 polymer 'hFab LHT-22, Heavy Chain'
5 branched alpha-D-mannopyranose-(1-6)-beta-D-mannopyranose-(1-4)-2-acetamido-2-deoxy-beta-D-glucopyranose-(1-4)-2-acetamido-2-deoxy-beta-D-glucopyranose
6 branched 2-acetamido-2-deoxy-beta-D-glucopyranose-(1-4)-2-acetamido-2-deoxy-beta-D-glucopyranose
7 non-polymer 2-acetamido-2-deoxy-beta-D-glucopyranose
#
loop_
_entity_poly.entity_id
_entity_poly.type
_entity_poly.pdbx_seq_one_letter_code
_entity_poly.pdbx_strand_id
1 'polypeptide(L)'
;MPPSGLRLLPLLLPLLWLLVLTPGRPAAGLSTCKTIDMELVKRKRIEAIRGQILSKLRLASPPSQGEVPPGPLPEAVLAL
YNSTRDRVAGESAEPEPEPEADYYAKEVTRVLMVETHNEIYDKFKQSTHSIYMFFNTSELREAVPEPVLLSRAELRLLRL
KLKVEQHVELYQKYSNNSWRYLSNRLLAPSDSPEWLSFDVTGVVRQWLSRGGEIEGFRLSAHCSCDSRDNTLQVDINGFT
TGRRGDLATIHGMNRPFLLLMATPLERAQHLQSSRHRRALDTNYCFSSTEKNCCVRQLYIDFRKDLGWKWIHEPKGYHAN
FCLGPCPYIWSLDTQYSKVLALYNQHNPGASAAPCCVPQALEPLPIVYYVGRKPKVEQLSNMIVRSCKCS
;
A,B,C,D
2 'polypeptide(L)'
;MRPQILLLLALLTLGLAAQHQDKVPCKMVDKKVSCQVLGLLQVPSVLPPDTETLDLSGNQLRSILASPLGFYTALRHLDL
STNEISFLQPGAFQALTHLEHLSLAHNRLAMATALSAGGLGPLPRVTSLDLSGNSLYSGLLERLLGEAPSLHTLSLAENS
LTRLTRHTFRDMPALEQLDLHSNVLMDIEDGAFEGLPRLTHLNLSRNSLTCISDFSLQQLRVLDLSCNSIEAFQTASQPQ
AEFQLTWLDLRENKLLHFPDLAALPRLIYLNLSNNLIRLPTGPPQDSKGIHAPSEGWSALPLSAPSGNASGRPLSQLLNL
DLSYNEIELIPDSFLEHLTSLCFLNLSRNCLRTFEARRLGSLPCLMLLDLSHNALETLELGARALGSLRTLLLQGNALRD
LPPYTFANLASLQRLNLQGNRVSPCGGPDEPGPSGCVAFSGITSLRSLSLVDNEIELLRAGAFLHTPLTELDLSSNPGLE
VATGALGGLEASLEVLALQGNGLMVLQVDLPCFICLKRLNLAENRLSHLPAWTQAVSLEVLDLRNNSFSLLPGSAMGGLE
TSLRRLYLQGNPLSCCGNGWLAAQLHQGRVDVDATQDLICRFSSQEEVSLSHVRPEDCEKGGLKNINLEAAAENLYFQGA
AWSHPQFEKGAAWSHPQFEKGAAWSHPQFEKGAA
;
E
3 'polypeptide(L)'
;MGWSCIILFLVATATGVHSQAVVTQEPSLSVSPGGTVTITCGLSSGSVTRNNYPDWYQQTPGQAPRLLLYNTVARHSGVP
SRFSGSISGNKAALTITGAQPEDEAGYYCALYMYTGSNNGRVFGGGTLLTVLGQPKAAPSVTLFPPSSEELQANKATLVC
LISDFYPGAVTVAWKADSSPVKAGVETTTPSKQSNNKYAASSYLSLTPEQWKSHRSYSCQVTHEGSTVEKTVAPTECS
;
F,I
4 'polypeptide(L)'
;MGWSCIILFLVATATGVHSELQLVESGGGLVQPGGSLRLSCAASGFTFDDYTMNWVRQAPGKGLEWVSAIRWNGVTTYYA
ESMKGRFTVSRDNGQNTLYLQMNSLKAEDTAVYYCAKGGSIDLTYGMDYWGKGTLVTVSSASTKGPSVFPLAPSSKSTSG
GTAALGCLVKDYFPEPVTVSWNSGALTSGVHTFPAVLQSSGLYSLSSVVTVPSSSLGTQTYICNVNHKPSNTKVDKKVEP
KSCDKTH
;
G,H
#
# COMPACT_ATOMS: atom_id res chain seq x y z
N LEU A 30 -20.44 31.75 -17.85
CA LEU A 30 -19.83 30.62 -17.17
C LEU A 30 -20.37 30.47 -15.75
N SER A 31 -20.84 29.27 -15.42
CA SER A 31 -21.40 29.00 -14.10
C SER A 31 -21.19 27.52 -13.78
N THR A 32 -20.28 27.25 -12.86
CA THR A 32 -20.08 25.89 -12.37
C THR A 32 -21.34 25.40 -11.67
N CYS A 33 -21.74 24.16 -11.97
CA CYS A 33 -22.94 23.61 -11.36
C CYS A 33 -22.69 23.29 -9.88
N LYS A 34 -23.67 23.59 -9.03
CA LYS A 34 -23.62 23.24 -7.62
C LYS A 34 -24.71 22.25 -7.23
N THR A 35 -25.69 22.01 -8.08
CA THR A 35 -26.77 21.08 -7.80
C THR A 35 -26.42 19.72 -8.40
N ILE A 36 -26.41 18.69 -7.56
CA ILE A 36 -26.10 17.33 -7.97
C ILE A 36 -27.41 16.55 -7.96
N ASP A 37 -27.77 15.99 -9.12
CA ASP A 37 -29.01 15.25 -9.25
C ASP A 37 -28.89 13.93 -8.52
N MET A 38 -29.56 13.81 -7.37
CA MET A 38 -29.36 12.65 -6.51
C MET A 38 -30.04 11.40 -7.06
N GLU A 39 -31.15 11.56 -7.79
CA GLU A 39 -31.91 10.39 -8.22
C GLU A 39 -31.17 9.63 -9.32
N LEU A 40 -30.48 10.34 -10.22
CA LEU A 40 -29.78 9.68 -11.31
C LEU A 40 -28.63 8.83 -10.79
N VAL A 41 -27.78 9.41 -9.93
CA VAL A 41 -26.69 8.64 -9.34
C VAL A 41 -27.24 7.56 -8.42
N LYS A 42 -28.37 7.81 -7.77
CA LYS A 42 -28.98 6.80 -6.92
C LYS A 42 -29.37 5.56 -7.72
N ARG A 43 -30.13 5.75 -8.81
CA ARG A 43 -30.47 4.62 -9.67
C ARG A 43 -29.24 3.98 -10.30
N LYS A 44 -28.21 4.78 -10.61
CA LYS A 44 -26.98 4.22 -11.16
C LYS A 44 -26.33 3.26 -10.17
N ARG A 45 -26.25 3.66 -8.90
CA ARG A 45 -25.67 2.76 -7.90
C ARG A 45 -26.59 1.58 -7.60
N ILE A 46 -27.92 1.76 -7.71
CA ILE A 46 -28.83 0.62 -7.56
C ILE A 46 -28.56 -0.43 -8.62
N GLU A 47 -28.44 0.00 -9.88
CA GLU A 47 -28.15 -0.95 -10.95
C GLU A 47 -26.76 -1.57 -10.79
N ALA A 48 -25.78 -0.75 -10.37
CA ALA A 48 -24.43 -1.26 -10.17
C ALA A 48 -24.37 -2.31 -9.08
N ILE A 49 -25.05 -2.08 -7.95
CA ILE A 49 -25.01 -3.07 -6.88
C ILE A 49 -25.84 -4.30 -7.25
N ARG A 50 -26.90 -4.14 -8.04
CA ARG A 50 -27.63 -5.31 -8.50
C ARG A 50 -26.74 -6.20 -9.37
N GLY A 51 -26.01 -5.58 -10.31
CA GLY A 51 -25.05 -6.34 -11.10
C GLY A 51 -23.95 -6.95 -10.25
N GLN A 52 -23.52 -6.24 -9.20
CA GLN A 52 -22.46 -6.75 -8.35
C GLN A 52 -22.91 -7.95 -7.53
N ILE A 53 -24.13 -7.89 -6.98
CA ILE A 53 -24.69 -9.03 -6.23
C ILE A 53 -24.84 -10.23 -7.15
N LEU A 54 -25.37 -10.02 -8.36
CA LEU A 54 -25.48 -11.15 -9.27
C LEU A 54 -24.13 -11.61 -9.81
N SER A 55 -23.08 -10.80 -9.71
CA SER A 55 -21.77 -11.19 -10.21
C SER A 55 -20.97 -11.98 -9.19
N LYS A 56 -20.97 -11.56 -7.92
CA LYS A 56 -20.23 -12.31 -6.91
C LYS A 56 -20.87 -13.66 -6.64
N LEU A 57 -22.19 -13.74 -6.72
CA LEU A 57 -22.90 -15.00 -6.50
C LEU A 57 -22.82 -15.93 -7.70
N ARG A 58 -22.24 -15.46 -8.82
CA ARG A 58 -22.12 -16.24 -10.05
C ARG A 58 -23.49 -16.69 -10.56
N LEU A 59 -24.48 -15.81 -10.44
CA LEU A 59 -25.85 -16.09 -10.85
C LEU A 59 -26.21 -15.18 -12.02
N ALA A 60 -26.67 -15.77 -13.11
CA ALA A 60 -27.20 -14.96 -14.21
C ALA A 60 -28.55 -14.35 -13.85
N SER A 61 -29.37 -15.10 -13.11
CA SER A 61 -30.69 -14.69 -12.69
C SER A 61 -30.86 -14.98 -11.20
N PRO A 62 -31.69 -14.21 -10.50
CA PRO A 62 -31.99 -14.55 -9.11
C PRO A 62 -32.68 -15.89 -9.01
N PRO A 63 -32.43 -16.64 -7.93
CA PRO A 63 -33.01 -17.98 -7.83
C PRO A 63 -34.53 -17.98 -7.65
N SER A 64 -35.13 -19.17 -7.68
CA SER A 64 -36.57 -19.32 -7.60
C SER A 64 -36.97 -19.78 -6.20
N GLN A 65 -37.99 -19.14 -5.65
CA GLN A 65 -38.50 -19.49 -4.33
C GLN A 65 -39.57 -20.57 -4.38
N GLY A 66 -39.88 -21.10 -5.56
CA GLY A 66 -40.90 -22.14 -5.67
C GLY A 66 -40.48 -23.43 -4.98
N GLU A 67 -39.19 -23.75 -5.07
CA GLU A 67 -38.67 -24.98 -4.43
C GLU A 67 -38.12 -24.62 -3.05
N VAL A 68 -38.63 -23.54 -2.43
CA VAL A 68 -38.19 -23.19 -1.06
C VAL A 68 -39.39 -23.34 -0.11
N PRO A 69 -39.31 -24.17 0.95
CA PRO A 69 -40.38 -24.21 1.93
C PRO A 69 -40.32 -22.81 2.57
N PRO A 70 -41.46 -22.14 2.80
CA PRO A 70 -41.45 -20.79 3.35
C PRO A 70 -41.29 -20.94 4.87
N GLY A 71 -40.12 -21.37 5.32
CA GLY A 71 -39.94 -21.62 6.76
C GLY A 71 -39.09 -20.55 7.39
N PRO A 72 -39.33 -20.15 8.67
CA PRO A 72 -38.45 -19.21 9.33
C PRO A 72 -37.13 -19.98 9.21
N LEU A 73 -36.04 -19.30 8.90
CA LEU A 73 -34.79 -20.05 8.61
C LEU A 73 -34.43 -20.92 9.82
N PRO A 74 -33.96 -22.18 9.62
CA PRO A 74 -33.57 -23.05 10.72
C PRO A 74 -32.57 -22.47 11.73
N GLU A 75 -32.38 -23.10 12.89
CA GLU A 75 -31.54 -22.51 13.92
C GLU A 75 -30.06 -22.54 13.53
N ALA A 76 -29.65 -23.56 12.77
CA ALA A 76 -28.25 -23.67 12.38
C ALA A 76 -27.84 -22.54 11.43
N VAL A 77 -28.69 -22.24 10.44
CA VAL A 77 -28.37 -21.20 9.47
C VAL A 77 -28.41 -19.83 10.14
N LEU A 78 -29.36 -19.62 11.05
CA LEU A 78 -29.40 -18.37 11.81
C LEU A 78 -28.18 -18.22 12.70
N ALA A 79 -27.71 -19.34 13.27
CA ALA A 79 -26.47 -19.30 14.04
C ALA A 79 -25.28 -18.95 13.16
N LEU A 80 -25.23 -19.51 11.96
CA LEU A 80 -24.20 -19.14 10.98
C LEU A 80 -24.20 -17.64 10.71
N TYR A 81 -25.38 -17.09 10.41
CA TYR A 81 -25.47 -15.68 10.06
C TYR A 81 -25.16 -14.78 11.24
N ASN A 82 -25.60 -15.16 12.44
CA ASN A 82 -25.31 -14.36 13.63
C ASN A 82 -23.83 -14.40 13.98
N SER A 83 -23.19 -15.54 13.76
CA SER A 83 -21.76 -15.64 14.02
C SER A 83 -20.94 -14.83 13.01
N THR A 84 -21.34 -14.88 11.74
CA THR A 84 -20.57 -14.17 10.72
C THR A 84 -20.89 -12.67 10.72
N ARG A 85 -22.02 -12.27 11.30
CA ARG A 85 -22.30 -10.84 11.43
C ARG A 85 -21.43 -10.20 12.49
N ASP A 86 -21.28 -10.85 13.64
CA ASP A 86 -20.51 -10.29 14.74
C ASP A 86 -19.03 -10.23 14.40
N ARG A 87 -18.35 -9.23 14.95
CA ARG A 87 -16.93 -9.00 14.72
C ARG A 87 -16.20 -8.95 16.07
N VAL A 88 -14.92 -8.61 16.01
CA VAL A 88 -14.10 -8.52 17.21
C VAL A 88 -13.70 -7.08 17.46
N ASP A 102 -10.44 -12.40 -2.93
CA ASP A 102 -10.99 -12.71 -4.24
C ASP A 102 -12.32 -11.95 -4.34
N TYR A 103 -12.78 -11.75 -5.57
CA TYR A 103 -13.94 -10.89 -5.81
C TYR A 103 -15.25 -11.55 -5.39
N TYR A 104 -15.41 -12.84 -5.67
CA TYR A 104 -16.72 -13.47 -5.64
C TYR A 104 -17.15 -13.81 -4.22
N ALA A 105 -18.43 -14.16 -4.08
CA ALA A 105 -18.98 -14.54 -2.79
C ALA A 105 -18.48 -15.91 -2.37
N LYS A 106 -18.43 -16.13 -1.05
CA LYS A 106 -17.83 -17.33 -0.47
C LYS A 106 -18.74 -17.88 0.60
N GLU A 107 -18.97 -19.19 0.56
CA GLU A 107 -19.84 -19.84 1.54
C GLU A 107 -19.19 -19.84 2.92
N VAL A 108 -20.03 -19.70 3.94
CA VAL A 108 -19.61 -19.63 5.34
C VAL A 108 -20.18 -20.84 6.06
N THR A 109 -19.32 -21.58 6.75
CA THR A 109 -19.73 -22.78 7.47
C THR A 109 -19.01 -22.85 8.80
N ARG A 110 -19.76 -23.17 9.86
CA ARG A 110 -19.18 -23.33 11.19
C ARG A 110 -19.01 -24.81 11.48
N VAL A 111 -17.91 -25.15 12.13
CA VAL A 111 -17.65 -26.50 12.62
C VAL A 111 -17.46 -26.41 14.13
N LEU A 112 -18.31 -27.11 14.87
CA LEU A 112 -18.25 -27.04 16.32
C LEU A 112 -17.11 -27.89 16.86
N MET A 113 -16.40 -27.33 17.82
CA MET A 113 -15.27 -28.01 18.44
C MET A 113 -15.75 -29.22 19.23
N VAL A 114 -14.95 -30.29 19.19
CA VAL A 114 -15.39 -31.60 19.67
C VAL A 114 -15.68 -31.56 21.16
N GLU A 115 -16.77 -32.23 21.57
CA GLU A 115 -17.23 -32.22 22.95
C GLU A 115 -16.13 -32.64 23.91
N THR A 116 -16.01 -31.90 25.01
CA THR A 116 -15.02 -32.20 26.04
C THR A 116 -15.26 -33.56 26.69
N HIS A 117 -16.50 -34.06 26.66
CA HIS A 117 -16.81 -35.36 27.23
C HIS A 117 -16.19 -36.50 26.44
N ASN A 118 -15.72 -36.26 25.23
CA ASN A 118 -15.11 -37.30 24.42
C ASN A 118 -13.74 -37.69 24.97
N GLU A 119 -13.32 -38.91 24.63
CA GLU A 119 -12.09 -39.48 25.16
C GLU A 119 -10.84 -38.87 24.55
N ILE A 120 -10.98 -38.00 23.54
CA ILE A 120 -9.83 -37.30 22.99
C ILE A 120 -9.20 -36.39 24.04
N TYR A 121 -10.04 -35.70 24.80
CA TYR A 121 -9.59 -34.76 25.82
C TYR A 121 -9.14 -35.42 27.11
N ASP A 122 -9.20 -36.75 27.19
CA ASP A 122 -8.71 -37.44 28.38
C ASP A 122 -7.20 -37.30 28.50
N LYS A 123 -6.49 -37.31 27.38
CA LYS A 123 -5.05 -37.12 27.42
C LYS A 123 -4.68 -35.66 27.65
N PHE A 124 -5.46 -34.74 27.10
CA PHE A 124 -5.22 -33.31 27.23
C PHE A 124 -6.31 -32.73 28.13
N LYS A 125 -6.07 -32.80 29.43
CA LYS A 125 -7.05 -32.30 30.40
C LYS A 125 -6.98 -30.78 30.48
N GLN A 126 -8.15 -30.15 30.61
CA GLN A 126 -8.20 -28.71 30.78
C GLN A 126 -7.62 -28.32 32.13
N SER A 127 -6.49 -27.61 32.11
CA SER A 127 -5.75 -27.27 33.32
C SER A 127 -5.89 -25.78 33.59
N THR A 128 -5.19 -25.31 34.61
CA THR A 128 -5.19 -23.90 34.98
C THR A 128 -4.23 -23.06 34.16
N HIS A 129 -3.49 -23.67 33.24
CA HIS A 129 -2.56 -22.94 32.39
C HIS A 129 -2.82 -23.13 30.89
N SER A 130 -3.73 -24.02 30.51
CA SER A 130 -3.98 -24.29 29.10
C SER A 130 -5.37 -24.88 28.92
N ILE A 131 -6.04 -24.51 27.84
CA ILE A 131 -7.25 -25.17 27.39
C ILE A 131 -7.01 -25.72 26.00
N TYR A 132 -7.75 -26.75 25.64
CA TYR A 132 -7.56 -27.47 24.39
C TYR A 132 -8.84 -27.46 23.59
N MET A 133 -8.72 -27.23 22.29
CA MET A 133 -9.87 -27.16 21.38
C MET A 133 -9.55 -28.03 20.17
N PHE A 134 -10.04 -29.26 20.17
CA PHE A 134 -9.75 -30.21 19.10
C PHE A 134 -10.92 -30.27 18.13
N PHE A 135 -10.61 -30.31 16.84
CA PHE A 135 -11.60 -30.31 15.77
C PHE A 135 -11.49 -31.60 14.97
N ASN A 136 -12.62 -32.28 14.79
CA ASN A 136 -12.67 -33.42 13.89
C ASN A 136 -12.50 -32.92 12.46
N THR A 137 -11.35 -33.21 11.86
CA THR A 137 -11.03 -32.67 10.54
C THR A 137 -11.91 -33.25 9.44
N SER A 138 -12.51 -34.41 9.69
CA SER A 138 -13.49 -34.93 8.74
C SER A 138 -14.64 -33.96 8.55
N GLU A 139 -15.19 -33.43 9.64
CA GLU A 139 -16.26 -32.44 9.56
C GLU A 139 -15.80 -31.17 8.85
N LEU A 140 -14.51 -30.82 9.02
CA LEU A 140 -13.95 -29.71 8.25
C LEU A 140 -14.00 -30.02 6.76
N ARG A 141 -13.82 -31.28 6.39
CA ARG A 141 -13.80 -31.63 4.97
C ARG A 141 -15.21 -31.83 4.38
N GLU A 142 -16.21 -32.26 5.15
CA GLU A 142 -17.57 -32.06 4.62
C GLU A 142 -17.97 -30.60 4.61
N ALA A 143 -17.34 -29.78 5.45
CA ALA A 143 -17.58 -28.33 5.36
C ALA A 143 -16.93 -27.76 4.12
N VAL A 144 -15.61 -27.91 3.99
CA VAL A 144 -14.87 -27.48 2.80
C VAL A 144 -14.35 -28.71 2.08
N PRO A 145 -14.94 -29.10 0.95
CA PRO A 145 -14.53 -30.35 0.29
C PRO A 145 -13.09 -30.37 -0.20
N GLU A 146 -12.55 -29.23 -0.61
CA GLU A 146 -11.22 -29.21 -1.20
C GLU A 146 -10.34 -28.19 -0.46
N PRO A 147 -9.10 -28.55 -0.13
CA PRO A 147 -8.22 -27.58 0.55
C PRO A 147 -7.92 -26.34 -0.26
N VAL A 148 -7.95 -26.43 -1.59
CA VAL A 148 -7.73 -25.25 -2.42
C VAL A 148 -8.89 -24.28 -2.30
N LEU A 149 -10.10 -24.78 -2.07
CA LEU A 149 -11.28 -23.93 -1.98
C LEU A 149 -11.27 -23.04 -0.74
N LEU A 150 -10.57 -23.42 0.31
CA LEU A 150 -10.57 -22.63 1.54
C LEU A 150 -9.86 -21.31 1.32
N SER A 151 -10.44 -20.23 1.82
CA SER A 151 -9.89 -18.89 1.69
C SER A 151 -9.64 -18.21 3.03
N ARG A 152 -10.54 -18.37 3.99
CA ARG A 152 -10.33 -17.80 5.31
C ARG A 152 -10.90 -18.72 6.37
N ALA A 153 -10.16 -18.87 7.47
CA ALA A 153 -10.61 -19.68 8.59
C ALA A 153 -10.35 -18.93 9.88
N GLU A 154 -11.36 -18.86 10.74
CA GLU A 154 -11.25 -18.15 12.01
C GLU A 154 -11.66 -19.07 13.14
N LEU A 155 -10.83 -19.13 14.17
CA LEU A 155 -11.15 -19.85 15.39
C LEU A 155 -11.89 -18.91 16.32
N ARG A 156 -13.13 -19.25 16.67
CA ARG A 156 -14.03 -18.38 17.40
C ARG A 156 -14.19 -18.87 18.84
N LEU A 157 -13.94 -17.99 19.79
CA LEU A 157 -14.12 -18.25 21.21
C LEU A 157 -15.09 -17.24 21.79
N LEU A 158 -15.74 -17.60 22.90
CA LEU A 158 -16.66 -16.71 23.59
C LEU A 158 -16.12 -16.45 24.99
N ARG A 159 -15.46 -15.31 25.14
CA ARG A 159 -14.85 -14.94 26.42
C ARG A 159 -15.91 -14.42 27.37
N LEU A 160 -15.92 -14.94 28.60
CA LEU A 160 -16.85 -14.48 29.63
C LEU A 160 -16.29 -13.20 30.27
N LYS A 161 -16.90 -12.79 31.39
CA LYS A 161 -16.46 -11.59 32.09
C LYS A 161 -15.04 -11.78 32.61
N LEU A 162 -14.19 -10.79 32.36
CA LEU A 162 -12.79 -10.82 32.72
C LEU A 162 -12.46 -9.62 33.59
N LYS A 163 -11.72 -9.87 34.67
CA LYS A 163 -11.42 -8.81 35.64
C LYS A 163 -10.05 -8.17 35.42
N VAL A 164 -9.05 -8.95 35.01
CA VAL A 164 -7.70 -8.46 34.79
C VAL A 164 -7.30 -8.78 33.36
N GLU A 165 -6.50 -7.91 32.75
CA GLU A 165 -6.05 -8.13 31.38
C GLU A 165 -5.23 -9.41 31.28
N GLN A 166 -5.56 -10.24 30.30
CA GLN A 166 -4.97 -11.57 30.18
C GLN A 166 -4.28 -11.71 28.83
N HIS A 167 -3.03 -12.18 28.83
CA HIS A 167 -2.33 -12.45 27.55
C HIS A 167 -2.40 -13.94 27.26
N VAL A 168 -2.92 -14.30 26.09
CA VAL A 168 -3.11 -15.74 25.75
C VAL A 168 -2.26 -16.08 24.53
N GLU A 169 -1.78 -17.31 24.43
CA GLU A 169 -1.06 -17.76 23.21
C GLU A 169 -1.81 -18.95 22.59
N LEU A 170 -1.94 -18.98 21.26
CA LEU A 170 -2.59 -20.07 20.55
C LEU A 170 -1.54 -20.88 19.81
N TYR A 171 -1.55 -22.20 20.04
CA TYR A 171 -0.64 -23.15 19.44
C TYR A 171 -1.43 -24.20 18.67
N GLN A 172 -0.78 -24.84 17.70
CA GLN A 172 -1.37 -25.89 16.90
C GLN A 172 -0.76 -27.25 17.26
N LYS A 173 -1.61 -28.26 17.43
CA LYS A 173 -1.15 -29.59 17.79
C LYS A 173 -0.44 -30.27 16.63
N TYR A 174 0.72 -30.85 16.90
CA TYR A 174 1.39 -31.73 15.95
C TYR A 174 1.05 -33.18 16.24
N SER A 175 1.43 -34.06 15.31
CA SER A 175 1.20 -35.48 15.51
C SER A 175 2.00 -36.04 16.69
N ASN A 176 3.24 -35.59 16.85
CA ASN A 176 4.12 -36.10 17.91
C ASN A 176 4.03 -35.29 19.18
N ASN A 177 2.79 -34.99 19.60
CA ASN A 177 2.46 -34.21 20.80
C ASN A 177 3.33 -32.98 21.02
N SER A 178 3.70 -32.30 19.95
CA SER A 178 4.40 -31.03 20.04
C SER A 178 3.49 -29.93 19.52
N TRP A 179 3.84 -28.68 19.83
CA TRP A 179 2.99 -27.55 19.48
C TRP A 179 3.82 -26.48 18.81
N ARG A 180 3.35 -25.99 17.66
CA ARG A 180 3.93 -24.85 17.01
C ARG A 180 3.16 -23.61 17.42
N TYR A 181 3.86 -22.55 17.79
CA TYR A 181 3.18 -21.27 18.09
C TYR A 181 2.45 -20.79 16.86
N LEU A 182 1.26 -20.29 17.08
CA LEU A 182 0.47 -19.68 16.03
C LEU A 182 0.23 -18.19 16.25
N SER A 183 -0.32 -17.78 17.41
CA SER A 183 -0.69 -16.36 17.66
C SER A 183 -0.72 -15.89 19.13
N ASN A 184 -0.68 -14.57 19.39
CA ASN A 184 -0.81 -13.95 20.75
C ASN A 184 -1.94 -12.93 20.74
N ARG A 185 -2.83 -12.98 21.73
CA ARG A 185 -3.90 -11.98 21.85
C ARG A 185 -3.86 -11.37 23.25
N LEU A 186 -3.94 -10.03 23.36
CA LEU A 186 -4.02 -9.35 24.68
C LEU A 186 -5.50 -9.02 24.92
N LEU A 187 -6.16 -9.66 25.90
CA LEU A 187 -7.56 -9.43 26.19
C LEU A 187 -7.66 -8.42 27.33
N ALA A 188 -8.16 -7.23 27.02
CA ALA A 188 -8.44 -6.24 28.05
C ALA A 188 -9.65 -6.69 28.87
N PRO A 189 -9.68 -6.37 30.17
CA PRO A 189 -10.81 -6.82 30.99
C PRO A 189 -12.11 -6.16 30.58
N SER A 190 -13.20 -6.89 30.73
CA SER A 190 -14.53 -6.39 30.39
C SER A 190 -15.55 -7.13 31.24
N ASP A 191 -16.73 -6.51 31.39
CA ASP A 191 -17.81 -7.08 32.17
C ASP A 191 -18.83 -7.82 31.31
N SER A 192 -18.55 -8.00 30.04
CA SER A 192 -19.48 -8.64 29.11
C SER A 192 -18.79 -9.74 28.33
N PRO A 193 -19.51 -10.79 27.96
CA PRO A 193 -18.92 -11.81 27.09
C PRO A 193 -18.80 -11.31 25.66
N GLU A 194 -17.63 -11.55 25.06
CA GLU A 194 -17.35 -11.08 23.70
C GLU A 194 -16.73 -12.20 22.90
N TRP A 195 -16.99 -12.21 21.60
CA TRP A 195 -16.40 -13.20 20.71
C TRP A 195 -14.99 -12.78 20.31
N LEU A 196 -14.11 -13.75 20.20
CA LEU A 196 -12.70 -13.55 19.87
C LEU A 196 -12.35 -14.43 18.68
N SER A 197 -11.66 -13.83 17.71
CA SER A 197 -11.33 -14.51 16.46
C SER A 197 -9.82 -14.66 16.34
N PHE A 198 -9.39 -15.86 15.97
CA PHE A 198 -7.98 -16.14 15.68
C PHE A 198 -7.86 -16.52 14.21
N ASP A 199 -6.93 -15.86 13.51
CA ASP A 199 -6.72 -16.14 12.09
C ASP A 199 -5.91 -17.43 11.96
N VAL A 200 -6.59 -18.50 11.54
CA VAL A 200 -5.98 -19.82 11.47
C VAL A 200 -6.14 -20.40 10.07
N THR A 201 -6.18 -19.53 9.06
CA THR A 201 -6.45 -19.96 7.69
C THR A 201 -5.41 -20.94 7.19
N GLY A 202 -4.12 -20.63 7.42
CA GLY A 202 -3.06 -21.49 6.90
C GLY A 202 -3.06 -22.88 7.53
N VAL A 203 -3.22 -22.94 8.86
CA VAL A 203 -3.21 -24.24 9.52
C VAL A 203 -4.47 -25.04 9.20
N VAL A 204 -5.60 -24.38 8.96
CA VAL A 204 -6.81 -25.10 8.59
C VAL A 204 -6.68 -25.63 7.16
N ARG A 205 -6.06 -24.87 6.27
CA ARG A 205 -5.77 -25.38 4.93
C ARG A 205 -4.82 -26.57 5.00
N GLN A 206 -3.82 -26.49 5.87
CA GLN A 206 -2.93 -27.64 6.09
C GLN A 206 -3.68 -28.83 6.67
N TRP A 207 -4.69 -28.59 7.50
CA TRP A 207 -5.50 -29.69 8.03
C TRP A 207 -6.32 -30.33 6.92
N LEU A 208 -6.88 -29.52 6.02
CA LEU A 208 -7.67 -30.06 4.93
C LEU A 208 -6.81 -30.86 3.98
N SER A 209 -5.60 -30.40 3.69
CA SER A 209 -4.74 -31.09 2.74
C SER A 209 -3.99 -32.26 3.38
N ARG A 210 -3.13 -31.97 4.35
CA ARG A 210 -2.22 -32.93 4.95
C ARG A 210 -2.64 -33.38 6.34
N GLY A 211 -3.71 -32.83 6.89
CA GLY A 211 -4.01 -33.01 8.29
C GLY A 211 -4.59 -34.37 8.62
N GLY A 212 -4.65 -34.66 9.91
CA GLY A 212 -5.14 -35.91 10.45
C GLY A 212 -6.64 -35.92 10.59
N GLU A 213 -7.11 -36.45 11.71
CA GLU A 213 -8.54 -36.50 12.01
C GLU A 213 -8.94 -35.54 13.13
N ILE A 214 -8.24 -35.58 14.26
CA ILE A 214 -8.73 -34.92 15.47
C ILE A 214 -7.72 -33.86 15.89
N GLU A 215 -7.08 -33.23 14.91
CA GLU A 215 -6.11 -32.18 15.20
C GLU A 215 -6.81 -30.93 15.74
N GLY A 216 -6.08 -30.16 16.54
CA GLY A 216 -6.68 -29.03 17.21
C GLY A 216 -5.67 -27.99 17.66
N PHE A 217 -6.15 -27.09 18.51
CA PHE A 217 -5.38 -25.97 19.04
C PHE A 217 -5.28 -26.07 20.56
N ARG A 218 -4.34 -25.31 21.11
CA ARG A 218 -4.22 -25.09 22.55
C ARG A 218 -4.09 -23.61 22.83
N LEU A 219 -4.94 -23.09 23.72
CA LEU A 219 -4.84 -21.71 24.18
C LEU A 219 -4.28 -21.71 25.59
N SER A 220 -3.08 -21.18 25.75
CA SER A 220 -2.37 -21.18 27.02
C SER A 220 -2.14 -19.74 27.47
N ALA A 221 -1.76 -19.59 28.74
CA ALA A 221 -1.31 -18.31 29.24
C ALA A 221 0.13 -18.08 28.84
N HIS A 222 0.51 -16.81 28.68
CA HIS A 222 1.87 -16.47 28.29
C HIS A 222 2.80 -16.74 29.47
N CYS A 223 3.46 -17.89 29.44
CA CYS A 223 4.43 -18.25 30.47
C CYS A 223 5.79 -17.67 30.06
N SER A 224 6.21 -16.60 30.72
CA SER A 224 7.46 -15.96 30.38
C SER A 224 8.63 -16.78 30.93
N CYS A 225 9.85 -16.31 30.68
CA CYS A 225 11.05 -17.00 31.12
C CYS A 225 11.37 -16.74 32.59
N ASP A 226 10.66 -15.85 33.25
CA ASP A 226 10.94 -15.48 34.64
C ASP A 226 9.91 -15.99 35.62
N SER A 227 8.62 -15.90 35.30
CA SER A 227 7.56 -16.29 36.21
C SER A 227 6.54 -17.15 35.48
N ARG A 228 5.94 -18.08 36.22
CA ARG A 228 4.86 -18.89 35.67
C ARG A 228 3.53 -18.16 35.85
N ASP A 229 2.63 -18.39 34.89
CA ASP A 229 1.33 -17.73 34.88
C ASP A 229 0.24 -18.78 34.73
N ASN A 230 -1.00 -18.34 34.91
CA ASN A 230 -2.16 -19.20 34.81
C ASN A 230 -3.20 -18.52 33.94
N THR A 231 -4.08 -19.32 33.33
CA THR A 231 -5.17 -18.77 32.53
C THR A 231 -6.38 -18.59 33.44
N LEU A 232 -6.45 -17.40 34.03
CA LEU A 232 -7.66 -17.01 34.75
C LEU A 232 -8.82 -16.79 33.79
N GLN A 233 -8.52 -16.68 32.49
CA GLN A 233 -9.56 -16.64 31.46
C GLN A 233 -10.42 -17.88 31.49
N VAL A 234 -11.74 -17.67 31.44
CA VAL A 234 -12.72 -18.75 31.42
C VAL A 234 -13.50 -18.64 30.12
N ASP A 235 -13.36 -19.65 29.28
CA ASP A 235 -14.15 -19.77 28.05
C ASP A 235 -15.27 -20.77 28.25
N ILE A 236 -16.39 -20.54 27.57
CA ILE A 236 -17.56 -21.38 27.76
C ILE A 236 -17.30 -22.78 27.20
N ASN A 237 -17.60 -23.79 28.01
CA ASN A 237 -17.42 -25.21 27.65
C ASN A 237 -15.98 -25.52 27.27
N GLY A 238 -15.04 -25.00 28.06
CA GLY A 238 -13.63 -25.25 27.84
C GLY A 238 -13.08 -24.58 26.60
N ASN A 254 -21.58 -20.02 22.59
CA ASN A 254 -21.46 -21.38 23.12
C ASN A 254 -19.98 -21.77 23.20
N ARG A 255 -19.69 -23.03 22.88
CA ARG A 255 -18.32 -23.50 22.86
C ARG A 255 -17.57 -22.89 21.67
N PRO A 256 -16.23 -22.89 21.70
CA PRO A 256 -15.48 -22.41 20.54
C PRO A 256 -15.79 -23.22 19.29
N PHE A 257 -15.64 -22.59 18.14
CA PHE A 257 -15.89 -23.28 16.88
C PHE A 257 -14.93 -22.73 15.82
N LEU A 258 -15.13 -23.16 14.58
CA LEU A 258 -14.28 -22.79 13.47
C LEU A 258 -15.15 -22.28 12.33
N LEU A 259 -14.97 -21.03 11.95
CA LEU A 259 -15.74 -20.41 10.88
C LEU A 259 -14.90 -20.44 9.61
N LEU A 260 -15.47 -21.00 8.54
CA LEU A 260 -14.76 -21.21 7.30
C LEU A 260 -15.47 -20.47 6.18
N MET A 261 -14.76 -19.52 5.56
CA MET A 261 -15.21 -18.83 4.36
C MET A 261 -14.43 -19.41 3.19
N ALA A 262 -15.12 -20.15 2.33
CA ALA A 262 -14.46 -20.87 1.25
C ALA A 262 -15.26 -20.73 -0.04
N THR A 263 -14.58 -20.86 -1.17
CA THR A 263 -15.24 -20.87 -2.46
C THR A 263 -15.97 -22.19 -2.67
N PRO A 264 -17.26 -22.19 -2.95
CA PRO A 264 -17.97 -23.45 -3.20
C PRO A 264 -17.46 -24.14 -4.47
N LEU A 265 -17.50 -25.47 -4.45
CA LEU A 265 -17.02 -26.23 -5.60
C LEU A 265 -17.98 -26.11 -6.78
N GLU A 266 -19.24 -25.77 -6.53
CA GLU A 266 -20.18 -25.53 -7.62
C GLU A 266 -19.82 -24.28 -8.41
N ARG A 267 -19.28 -23.27 -7.75
CA ARG A 267 -18.81 -22.07 -8.43
C ARG A 267 -17.32 -21.84 -8.17
N LEU B 280 -2.68 -6.45 -9.02
CA LEU B 280 -1.51 -6.83 -9.82
C LEU B 280 -0.33 -5.92 -9.52
N ASP B 281 0.74 -6.50 -8.99
CA ASP B 281 1.91 -5.75 -8.56
C ASP B 281 2.79 -5.40 -9.77
N THR B 282 3.99 -4.90 -9.49
CA THR B 282 4.90 -4.52 -10.56
C THR B 282 5.49 -5.72 -11.28
N ASN B 283 5.56 -6.87 -10.59
CA ASN B 283 6.22 -8.03 -11.16
C ASN B 283 5.50 -8.55 -12.39
N TYR B 284 4.17 -8.48 -12.40
CA TYR B 284 3.41 -8.99 -13.53
C TYR B 284 3.49 -8.10 -14.76
N CYS B 285 3.52 -6.77 -14.59
CA CYS B 285 3.44 -5.84 -15.71
C CYS B 285 4.77 -5.24 -16.12
N PHE B 286 5.82 -5.35 -15.32
CA PHE B 286 7.11 -4.83 -15.75
C PHE B 286 7.70 -5.71 -16.85
N SER B 287 7.33 -7.00 -16.87
CA SER B 287 7.84 -7.94 -17.86
C SER B 287 6.81 -8.34 -18.90
N SER B 288 5.52 -8.31 -18.57
CA SER B 288 4.47 -8.79 -19.46
C SER B 288 3.42 -7.71 -19.67
N THR B 289 3.08 -7.46 -20.93
CA THR B 289 1.99 -6.54 -21.25
C THR B 289 0.65 -7.21 -20.95
N GLU B 290 -0.35 -6.38 -20.68
CA GLU B 290 -1.67 -6.89 -20.30
C GLU B 290 -2.69 -5.81 -20.65
N LYS B 291 -3.90 -6.25 -21.03
CA LYS B 291 -4.86 -5.35 -21.67
C LYS B 291 -5.42 -4.32 -20.70
N ASN B 292 -5.80 -4.75 -19.49
CA ASN B 292 -6.43 -3.84 -18.54
C ASN B 292 -5.37 -2.93 -17.91
N CYS B 293 -5.76 -2.22 -16.86
CA CYS B 293 -4.82 -1.26 -16.28
C CYS B 293 -3.87 -1.96 -15.32
N CYS B 294 -2.66 -1.43 -15.25
CA CYS B 294 -1.74 -1.81 -14.19
C CYS B 294 -0.63 -0.78 -14.12
N VAL B 295 0.45 -1.14 -13.42
CA VAL B 295 1.58 -0.26 -13.21
C VAL B 295 2.38 -0.16 -14.49
N ARG B 296 2.58 1.07 -14.97
CA ARG B 296 3.47 1.37 -16.07
C ARG B 296 4.66 2.16 -15.51
N GLN B 297 5.84 1.91 -16.08
CA GLN B 297 7.08 2.45 -15.56
C GLN B 297 7.11 3.97 -15.72
N LEU B 298 7.67 4.64 -14.72
CA LEU B 298 7.92 6.08 -14.79
C LEU B 298 9.04 6.41 -13.82
N TYR B 299 10.22 6.70 -14.35
CA TYR B 299 11.34 7.16 -13.55
C TYR B 299 11.41 8.68 -13.62
N ILE B 300 11.28 9.32 -12.47
CA ILE B 300 11.29 10.78 -12.37
C ILE B 300 12.68 11.20 -11.91
N ASP B 301 13.33 12.02 -12.72
CA ASP B 301 14.64 12.60 -12.42
C ASP B 301 14.43 14.06 -12.03
N PHE B 302 14.96 14.44 -10.86
CA PHE B 302 14.63 15.75 -10.31
C PHE B 302 15.27 16.88 -11.10
N ARG B 303 16.44 16.64 -11.71
CA ARG B 303 17.00 17.62 -12.63
C ARG B 303 16.28 17.66 -13.97
N LYS B 304 16.22 16.53 -14.68
CA LYS B 304 15.76 16.54 -16.05
C LYS B 304 14.24 16.55 -16.12
N ASP B 305 13.59 15.63 -15.42
CA ASP B 305 12.15 15.47 -15.54
C ASP B 305 11.40 16.55 -14.77
N LEU B 306 11.92 17.02 -13.64
CA LEU B 306 11.23 18.02 -12.83
C LEU B 306 11.94 19.36 -12.72
N GLY B 307 13.26 19.40 -12.75
CA GLY B 307 13.96 20.68 -12.69
C GLY B 307 14.31 21.18 -11.31
N TRP B 308 14.90 20.35 -10.45
CA TRP B 308 15.14 20.70 -9.06
C TRP B 308 16.58 20.46 -8.64
N LYS B 309 17.17 21.45 -7.97
CA LYS B 309 18.45 21.33 -7.27
C LYS B 309 18.31 21.27 -5.76
N TRP B 310 17.09 21.27 -5.23
CA TRP B 310 16.95 21.28 -3.79
C TRP B 310 16.83 19.88 -3.19
N ILE B 311 16.41 18.88 -3.96
CA ILE B 311 16.40 17.49 -3.49
C ILE B 311 17.76 16.87 -3.80
N HIS B 312 18.57 16.72 -2.76
CA HIS B 312 19.92 16.19 -2.96
C HIS B 312 19.92 14.69 -3.15
N GLU B 313 19.11 13.97 -2.38
CA GLU B 313 18.99 12.52 -2.53
C GLU B 313 17.52 12.16 -2.43
N PRO B 314 17.06 11.21 -3.27
CA PRO B 314 17.78 10.56 -4.36
C PRO B 314 17.84 11.42 -5.62
N LYS B 315 18.66 11.03 -6.59
CA LYS B 315 18.66 11.70 -7.88
C LYS B 315 17.31 11.56 -8.59
N GLY B 316 16.60 10.47 -8.35
CA GLY B 316 15.28 10.26 -8.92
C GLY B 316 14.69 9.00 -8.33
N TYR B 317 13.47 8.70 -8.76
CA TYR B 317 12.81 7.50 -8.25
C TYR B 317 11.76 7.00 -9.23
N HIS B 318 11.45 5.72 -9.11
CA HIS B 318 10.48 5.04 -9.96
C HIS B 318 9.09 5.22 -9.37
N ALA B 319 8.43 6.32 -9.75
CA ALA B 319 7.10 6.58 -9.21
C ALA B 319 6.05 5.69 -9.85
N ASN B 320 6.19 5.39 -11.14
CA ASN B 320 5.25 4.60 -11.94
C ASN B 320 3.86 5.24 -11.97
N PHE B 321 2.91 4.61 -12.66
CA PHE B 321 1.53 5.07 -12.59
C PHE B 321 0.60 3.92 -12.95
N CYS B 322 -0.68 4.11 -12.65
CA CYS B 322 -1.72 3.14 -12.98
C CYS B 322 -2.39 3.59 -14.28
N LEU B 323 -2.36 2.74 -15.30
CA LEU B 323 -2.94 3.15 -16.57
C LEU B 323 -3.55 1.95 -17.29
N GLY B 324 -4.61 2.24 -18.05
CA GLY B 324 -5.38 1.24 -18.76
C GLY B 324 -6.83 1.25 -18.31
N PRO B 325 -7.66 0.40 -18.91
CA PRO B 325 -9.09 0.38 -18.58
C PRO B 325 -9.43 -0.67 -17.52
N CYS B 326 -10.67 -0.57 -17.03
CA CYS B 326 -11.26 -1.58 -16.15
C CYS B 326 -12.73 -1.76 -16.53
N PRO B 327 -13.06 -2.80 -17.27
CA PRO B 327 -14.47 -3.07 -17.57
C PRO B 327 -15.20 -3.59 -16.36
N TYR B 328 -16.54 -3.53 -16.43
CA TYR B 328 -17.36 -4.13 -15.40
C TYR B 328 -17.16 -5.64 -15.37
N ILE B 329 -17.20 -6.22 -14.17
CA ILE B 329 -16.83 -7.62 -13.98
C ILE B 329 -17.81 -8.55 -14.69
N TRP B 330 -19.08 -8.13 -14.84
CA TRP B 330 -20.02 -8.95 -15.57
C TRP B 330 -19.82 -8.82 -17.08
N SER B 331 -19.12 -7.78 -17.52
CA SER B 331 -18.81 -7.61 -18.94
C SER B 331 -17.62 -8.43 -19.40
N LEU B 332 -16.80 -8.95 -18.47
CA LEU B 332 -15.70 -9.83 -18.85
C LEU B 332 -16.23 -11.19 -19.29
N LEU B 340 -9.93 -12.05 -11.49
CA LEU B 340 -8.64 -11.42 -11.66
C LEU B 340 -8.24 -10.68 -10.39
N ALA B 341 -6.93 -10.49 -10.18
CA ALA B 341 -6.44 -9.84 -8.98
C ALA B 341 -6.78 -8.35 -8.93
N LEU B 342 -7.11 -7.74 -10.08
CA LEU B 342 -7.52 -6.34 -10.09
C LEU B 342 -8.83 -6.13 -9.33
N TYR B 343 -9.76 -7.07 -9.45
CA TYR B 343 -11.11 -6.90 -8.94
C TYR B 343 -11.25 -7.40 -7.50
N ASN B 344 -10.15 -7.51 -6.76
CA ASN B 344 -10.23 -7.97 -5.38
C ASN B 344 -11.01 -7.00 -4.50
N GLN B 345 -10.78 -5.70 -4.70
CA GLN B 345 -11.48 -4.65 -3.96
C GLN B 345 -12.43 -3.87 -4.86
N HIS B 346 -12.98 -4.53 -5.87
CA HIS B 346 -13.85 -3.88 -6.83
C HIS B 346 -15.20 -3.56 -6.22
N ASN B 347 -15.76 -2.42 -6.60
CA ASN B 347 -17.09 -2.00 -6.13
C ASN B 347 -17.70 -1.10 -7.17
N PRO B 348 -18.47 -1.66 -8.11
CA PRO B 348 -19.17 -0.82 -9.09
C PRO B 348 -20.20 0.10 -8.47
N GLY B 349 -20.77 -0.27 -7.32
CA GLY B 349 -21.76 0.53 -6.64
C GLY B 349 -21.23 1.62 -5.75
N ALA B 350 -19.93 1.92 -5.84
CA ALA B 350 -19.31 2.99 -5.06
C ALA B 350 -19.00 4.22 -5.92
N SER B 351 -18.30 4.02 -7.03
CA SER B 351 -18.01 5.10 -7.97
C SER B 351 -18.95 5.00 -9.17
N ALA B 352 -19.19 6.15 -9.80
CA ALA B 352 -20.10 6.19 -10.95
C ALA B 352 -19.56 5.39 -12.12
N ALA B 353 -18.27 5.56 -12.42
CA ALA B 353 -17.60 4.81 -13.47
C ALA B 353 -16.33 4.21 -12.87
N PRO B 354 -16.12 2.91 -12.99
CA PRO B 354 -14.96 2.29 -12.34
C PRO B 354 -13.68 2.56 -13.11
N CYS B 355 -12.86 3.46 -12.57
CA CYS B 355 -11.49 3.62 -13.03
C CYS B 355 -10.62 2.67 -12.22
N CYS B 356 -9.31 2.86 -12.21
CA CYS B 356 -8.48 2.06 -11.33
C CYS B 356 -7.41 2.92 -10.68
N VAL B 357 -7.13 2.62 -9.42
CA VAL B 357 -6.29 3.45 -8.56
C VAL B 357 -5.22 2.55 -7.97
N PRO B 358 -4.08 3.12 -7.58
CA PRO B 358 -3.06 2.31 -6.90
C PRO B 358 -3.56 1.77 -5.57
N GLN B 359 -3.17 0.53 -5.27
CA GLN B 359 -3.52 -0.11 -4.01
C GLN B 359 -2.36 -0.16 -3.03
N ALA B 360 -1.18 -0.56 -3.48
CA ALA B 360 0.04 -0.52 -2.68
C ALA B 360 0.86 0.67 -3.11
N LEU B 361 1.18 1.54 -2.16
CA LEU B 361 1.88 2.79 -2.44
C LEU B 361 3.10 2.87 -1.52
N GLU B 362 4.25 2.46 -2.03
CA GLU B 362 5.46 2.46 -1.22
C GLU B 362 5.95 3.89 -0.98
N PRO B 363 6.49 4.15 0.20
CA PRO B 363 6.95 5.50 0.54
C PRO B 363 8.22 5.89 -0.18
N LEU B 364 8.63 7.14 0.03
CA LEU B 364 9.88 7.66 -0.53
C LEU B 364 10.58 8.52 0.52
N PRO B 365 11.85 8.24 0.83
CA PRO B 365 12.63 9.19 1.63
C PRO B 365 13.45 10.13 0.75
N ILE B 366 13.52 11.39 1.17
CA ILE B 366 14.31 12.39 0.48
C ILE B 366 15.22 13.08 1.48
N VAL B 367 16.31 13.64 0.96
CA VAL B 367 17.27 14.41 1.73
C VAL B 367 17.41 15.77 1.07
N TYR B 368 17.16 16.84 1.81
CA TYR B 368 17.25 18.17 1.22
C TYR B 368 17.70 19.18 2.25
N TYR B 369 18.31 20.26 1.77
CA TYR B 369 18.85 21.31 2.63
C TYR B 369 17.79 22.37 2.88
N VAL B 370 17.58 22.72 4.15
CA VAL B 370 16.84 23.92 4.52
C VAL B 370 17.85 24.88 5.11
N GLY B 371 18.08 26.00 4.42
CA GLY B 371 19.16 26.88 4.79
C GLY B 371 20.50 26.18 4.67
N ARG B 372 21.10 25.86 5.82
CA ARG B 372 22.32 25.06 5.86
C ARG B 372 22.12 23.72 6.54
N LYS B 373 20.92 23.42 7.04
CA LYS B 373 20.68 22.19 7.78
C LYS B 373 20.12 21.12 6.86
N PRO B 374 20.80 19.97 6.72
CA PRO B 374 20.19 18.84 6.01
C PRO B 374 19.00 18.28 6.78
N LYS B 375 18.00 17.81 6.02
CA LYS B 375 16.83 17.19 6.59
C LYS B 375 16.48 15.96 5.77
N VAL B 376 16.24 14.85 6.46
CA VAL B 376 15.77 13.62 5.84
C VAL B 376 14.29 13.46 6.16
N GLU B 377 13.45 13.45 5.13
CA GLU B 377 12.01 13.38 5.35
C GLU B 377 11.39 12.27 4.54
N GLN B 378 10.40 11.63 5.15
CA GLN B 378 9.67 10.50 4.59
C GLN B 378 8.31 10.94 4.10
N LEU B 379 8.08 10.82 2.79
CA LEU B 379 6.79 11.09 2.17
C LEU B 379 6.08 9.77 1.92
N SER B 380 4.87 9.63 2.43
CA SER B 380 4.10 8.42 2.27
C SER B 380 3.33 8.45 0.95
N ASN B 381 3.08 7.26 0.40
CA ASN B 381 2.31 7.06 -0.83
C ASN B 381 2.91 7.83 -1.99
N MET B 382 4.14 7.44 -2.36
CA MET B 382 4.88 8.10 -3.42
C MET B 382 5.25 7.19 -4.58
N ILE B 383 5.34 5.89 -4.36
CA ILE B 383 5.75 4.93 -5.39
C ILE B 383 4.59 3.97 -5.60
N VAL B 384 4.04 3.95 -6.82
CA VAL B 384 2.94 3.05 -7.14
C VAL B 384 3.48 1.64 -7.31
N ARG B 385 2.85 0.68 -6.64
CA ARG B 385 3.28 -0.71 -6.70
C ARG B 385 2.24 -1.65 -7.28
N SER B 386 0.96 -1.47 -6.95
CA SER B 386 -0.09 -2.33 -7.48
C SER B 386 -1.35 -1.52 -7.69
N CYS B 387 -2.05 -1.81 -8.78
CA CYS B 387 -3.29 -1.13 -9.15
C CYS B 387 -4.49 -2.03 -8.91
N LYS B 388 -5.66 -1.40 -8.81
CA LYS B 388 -6.90 -2.15 -8.62
C LYS B 388 -8.06 -1.33 -9.15
N CYS B 389 -9.03 -2.01 -9.76
CA CYS B 389 -10.22 -1.34 -10.28
C CYS B 389 -11.14 -0.96 -9.13
N SER B 390 -11.74 0.23 -9.23
CA SER B 390 -12.67 0.72 -8.23
C SER B 390 -13.59 1.80 -8.82
N CYS C 33 -11.82 -0.64 -25.13
CA CYS C 33 -10.75 -0.63 -26.11
C CYS C 33 -9.61 0.28 -25.66
N LYS C 34 -8.60 0.42 -26.50
CA LYS C 34 -7.45 1.28 -26.21
C LYS C 34 -7.76 2.68 -26.70
N THR C 35 -7.96 3.60 -25.76
CA THR C 35 -8.29 4.98 -26.11
C THR C 35 -7.57 6.01 -25.25
N ILE C 36 -6.49 5.64 -24.57
CA ILE C 36 -5.76 6.55 -23.71
C ILE C 36 -4.39 6.81 -24.32
N ASP C 37 -3.86 8.01 -24.10
CA ASP C 37 -2.55 8.40 -24.61
C ASP C 37 -1.53 8.26 -23.49
N MET C 38 -0.36 7.71 -23.83
CA MET C 38 0.68 7.50 -22.82
C MET C 38 1.27 8.83 -22.37
N GLU C 39 1.54 9.73 -23.31
CA GLU C 39 2.34 10.92 -23.03
C GLU C 39 1.59 11.91 -22.15
N LEU C 40 0.30 12.12 -22.42
CA LEU C 40 -0.47 13.06 -21.60
C LEU C 40 -0.62 12.56 -20.17
N VAL C 41 -0.89 11.26 -19.99
CA VAL C 41 -0.98 10.69 -18.65
C VAL C 41 0.37 10.79 -17.94
N LYS C 42 1.46 10.56 -18.67
CA LYS C 42 2.80 10.66 -18.09
C LYS C 42 3.09 12.09 -17.61
N ARG C 43 2.79 13.08 -18.45
CA ARG C 43 3.09 14.46 -18.08
C ARG C 43 2.19 14.95 -16.95
N LYS C 44 0.92 14.52 -16.95
CA LYS C 44 0.02 14.88 -15.85
C LYS C 44 0.49 14.24 -14.55
N ARG C 45 0.99 13.00 -14.63
CA ARG C 45 1.57 12.36 -13.45
C ARG C 45 2.79 13.12 -12.96
N ILE C 46 3.61 13.62 -13.88
CA ILE C 46 4.80 14.38 -13.51
C ILE C 46 4.41 15.66 -12.75
N GLU C 47 3.45 16.40 -13.31
CA GLU C 47 3.03 17.64 -12.65
C GLU C 47 2.35 17.35 -11.31
N ALA C 48 1.55 16.29 -11.23
CA ALA C 48 0.95 15.92 -9.95
C ALA C 48 2.01 15.52 -8.94
N ILE C 49 3.09 14.87 -9.39
CA ILE C 49 4.19 14.53 -8.49
C ILE C 49 4.86 15.79 -7.97
N ARG C 50 5.05 16.77 -8.85
CA ARG C 50 5.62 18.05 -8.42
C ARG C 50 4.75 18.70 -7.34
N GLY C 51 3.45 18.76 -7.59
CA GLY C 51 2.55 19.32 -6.60
C GLY C 51 2.53 18.54 -5.31
N GLN C 52 2.58 17.21 -5.40
CA GLN C 52 2.59 16.35 -4.22
C GLN C 52 3.85 16.54 -3.38
N ILE C 53 5.02 16.65 -4.01
CA ILE C 53 6.26 16.88 -3.28
C ILE C 53 6.22 18.26 -2.62
N LEU C 54 5.73 19.27 -3.33
CA LEU C 54 5.69 20.61 -2.74
C LEU C 54 4.65 20.71 -1.62
N SER C 55 3.57 19.94 -1.69
CA SER C 55 2.51 20.04 -0.69
C SER C 55 2.75 19.18 0.53
N LYS C 56 3.29 17.98 0.36
CA LYS C 56 3.58 17.12 1.52
C LYS C 56 4.65 17.75 2.40
N LEU C 57 5.55 18.53 1.83
CA LEU C 57 6.56 19.26 2.60
C LEU C 57 6.04 20.59 3.11
N ARG C 58 4.79 20.95 2.80
CA ARG C 58 4.20 22.24 3.14
C ARG C 58 5.07 23.39 2.63
N LEU C 59 5.55 23.23 1.40
CA LEU C 59 6.48 24.16 0.79
C LEU C 59 5.74 25.05 -0.20
N ALA C 60 5.66 26.35 0.11
CA ALA C 60 5.09 27.30 -0.84
C ALA C 60 5.99 27.46 -2.06
N SER C 61 7.30 27.52 -1.84
CA SER C 61 8.30 27.66 -2.88
C SER C 61 9.41 26.66 -2.65
N PRO C 62 10.11 26.25 -3.71
CA PRO C 62 11.29 25.39 -3.54
C PRO C 62 12.36 26.09 -2.72
N PRO C 63 13.07 25.37 -1.86
CA PRO C 63 14.10 26.00 -1.02
C PRO C 63 15.25 26.52 -1.86
N SER C 64 15.66 27.76 -1.57
CA SER C 64 16.80 28.35 -2.26
C SER C 64 18.09 27.68 -1.80
N GLN C 65 18.97 27.41 -2.76
CA GLN C 65 20.24 26.75 -2.50
C GLN C 65 21.37 27.75 -2.29
N GLY C 66 21.05 28.96 -1.84
CA GLY C 66 22.09 29.95 -1.61
C GLY C 66 22.99 29.63 -0.43
N GLU C 67 22.41 29.11 0.65
CA GLU C 67 23.14 28.90 1.90
C GLU C 67 23.49 27.44 2.14
N VAL C 68 23.62 26.66 1.08
CA VAL C 68 23.99 25.24 1.21
C VAL C 68 25.49 25.16 1.49
N PRO C 69 25.94 24.13 2.21
CA PRO C 69 27.37 23.94 2.38
C PRO C 69 28.02 23.60 1.05
N PRO C 70 29.26 24.03 0.83
CA PRO C 70 29.95 23.74 -0.44
C PRO C 70 30.72 22.41 -0.39
N GLY C 71 29.97 21.31 -0.23
CA GLY C 71 30.56 20.00 -0.16
C GLY C 71 29.54 18.90 -0.13
N PRO C 72 30.00 17.66 0.02
CA PRO C 72 29.09 16.51 0.06
C PRO C 72 28.38 16.43 1.40
N LEU C 73 27.44 15.49 1.48
CA LEU C 73 26.58 15.24 2.64
C LEU C 73 27.40 14.67 3.80
N PRO C 74 27.04 15.01 5.04
CA PRO C 74 27.72 14.44 6.20
C PRO C 74 27.37 12.97 6.37
N GLU C 75 28.18 12.30 7.21
CA GLU C 75 28.04 10.86 7.38
C GLU C 75 26.77 10.49 8.13
N ALA C 76 26.38 11.31 9.12
CA ALA C 76 25.19 11.01 9.91
C ALA C 76 23.92 11.06 9.05
N VAL C 77 23.82 12.09 8.20
CA VAL C 77 22.66 12.23 7.34
C VAL C 77 22.61 11.11 6.31
N LEU C 78 23.76 10.74 5.76
CA LEU C 78 23.80 9.63 4.80
C LEU C 78 23.42 8.31 5.45
N ALA C 79 23.88 8.08 6.68
CA ALA C 79 23.50 6.87 7.40
C ALA C 79 22.00 6.86 7.73
N LEU C 80 21.45 8.02 8.09
CA LEU C 80 20.01 8.12 8.34
C LEU C 80 19.22 7.83 7.08
N TYR C 81 19.64 8.36 5.94
CA TYR C 81 18.95 8.10 4.68
C TYR C 81 19.07 6.62 4.29
N ASN C 82 20.24 6.03 4.51
CA ASN C 82 20.41 4.61 4.23
C ASN C 82 19.49 3.75 5.10
N SER C 83 19.39 4.09 6.39
CA SER C 83 18.51 3.33 7.28
C SER C 83 17.05 3.52 6.92
N THR C 84 16.69 4.71 6.43
CA THR C 84 15.32 4.92 5.98
C THR C 84 15.03 4.11 4.72
N ARG C 85 16.02 4.00 3.82
CA ARG C 85 15.85 3.23 2.59
C ARG C 85 15.92 1.73 2.82
N ASP C 86 16.38 1.27 3.97
CA ASP C 86 16.63 -0.14 4.19
C ASP C 86 15.35 -0.94 4.22
N ARG C 87 15.46 -2.23 3.91
CA ARG C 87 14.33 -3.15 3.88
C ARG C 87 14.33 -4.00 5.13
N VAL C 88 13.18 -4.08 5.78
CA VAL C 88 13.04 -4.82 7.02
C VAL C 88 12.13 -6.03 6.84
N ASP C 102 -0.75 9.46 7.85
CA ASP C 102 -1.27 10.76 7.44
C ASP C 102 -0.99 11.01 5.97
N TYR C 103 -0.71 12.26 5.63
CA TYR C 103 -0.45 12.64 4.24
C TYR C 103 0.86 13.38 4.06
N TYR C 104 1.23 14.23 5.00
CA TYR C 104 2.39 15.10 4.82
C TYR C 104 3.68 14.36 5.16
N ALA C 105 4.80 15.01 4.84
CA ALA C 105 6.10 14.43 5.11
C ALA C 105 6.41 14.44 6.60
N LYS C 106 7.03 13.37 7.07
CA LYS C 106 7.43 13.24 8.47
C LYS C 106 8.94 13.27 8.54
N GLU C 107 9.48 14.17 9.37
CA GLU C 107 10.92 14.23 9.57
C GLU C 107 11.41 12.97 10.24
N VAL C 108 12.54 12.45 9.74
CA VAL C 108 13.11 11.19 10.20
C VAL C 108 14.37 11.50 10.98
N THR C 109 14.51 10.91 12.16
CA THR C 109 15.71 11.02 12.97
C THR C 109 15.96 9.70 13.67
N ARG C 110 17.22 9.26 13.67
CA ARG C 110 17.57 8.03 14.35
C ARG C 110 18.36 8.34 15.61
N VAL C 111 18.08 7.59 16.66
CA VAL C 111 18.75 7.71 17.95
C VAL C 111 19.33 6.36 18.31
N LEU C 112 20.65 6.28 18.40
CA LEU C 112 21.29 5.04 18.76
C LEU C 112 21.06 4.74 20.24
N MET C 113 21.03 3.45 20.57
CA MET C 113 20.85 3.04 21.94
C MET C 113 22.09 3.38 22.76
N VAL C 114 21.89 3.45 24.08
CA VAL C 114 23.00 3.69 24.99
C VAL C 114 23.98 2.53 24.91
N GLU C 115 25.27 2.86 24.84
CA GLU C 115 26.31 1.86 24.67
C GLU C 115 26.35 0.91 25.86
N THR C 116 26.64 -0.34 25.47
CA THR C 116 26.59 -1.48 26.42
C THR C 116 27.62 -1.39 27.53
N HIS C 117 28.54 -0.44 27.42
CA HIS C 117 29.59 -0.24 28.45
C HIS C 117 29.04 0.69 29.54
N ASN C 118 27.87 1.29 29.30
CA ASN C 118 27.31 2.29 30.25
C ASN C 118 26.90 1.59 31.56
N GLU C 119 26.88 2.34 32.66
CA GLU C 119 26.52 1.78 33.98
C GLU C 119 25.18 1.08 33.92
N ILE C 120 24.24 1.64 33.19
CA ILE C 120 22.87 1.09 33.18
C ILE C 120 22.87 -0.39 32.84
N TYR C 121 23.92 -0.89 32.16
CA TYR C 121 23.72 -2.31 31.89
C TYR C 121 24.34 -3.21 32.95
N ASP C 122 24.93 -2.64 34.01
CA ASP C 122 25.45 -3.47 35.09
C ASP C 122 24.32 -4.21 35.80
N LYS C 123 23.20 -3.53 36.05
CA LYS C 123 22.04 -4.19 36.62
C LYS C 123 21.38 -5.15 35.63
N PHE C 124 21.34 -4.79 34.36
CA PHE C 124 20.69 -5.59 33.32
C PHE C 124 21.77 -6.17 32.42
N LYS C 125 22.33 -7.30 32.83
CA LYS C 125 23.37 -7.95 32.05
C LYS C 125 22.77 -8.79 30.94
N GLN C 126 23.50 -8.90 29.83
CA GLN C 126 23.03 -9.65 28.68
C GLN C 126 23.12 -11.14 28.99
N SER C 127 22.03 -11.66 29.56
CA SER C 127 21.96 -13.06 29.91
C SER C 127 21.83 -13.92 28.65
N THR C 128 21.83 -15.23 28.85
CA THR C 128 21.72 -16.15 27.71
C THR C 128 20.32 -16.10 27.10
N HIS C 129 19.31 -15.76 27.87
CA HIS C 129 17.93 -15.81 27.41
C HIS C 129 17.35 -14.44 27.09
N SER C 130 18.13 -13.35 27.22
CA SER C 130 17.59 -12.02 26.98
C SER C 130 18.72 -11.04 26.75
N ILE C 131 18.45 -10.03 25.91
CA ILE C 131 19.32 -8.89 25.74
C ILE C 131 18.54 -7.62 26.09
N TYR C 132 19.27 -6.60 26.52
CA TYR C 132 18.66 -5.36 26.99
C TYR C 132 19.16 -4.19 26.17
N MET C 133 18.24 -3.31 25.78
CA MET C 133 18.55 -2.16 24.93
C MET C 133 17.92 -0.93 25.56
N PHE C 134 18.74 -0.09 26.19
CA PHE C 134 18.23 1.10 26.86
C PHE C 134 18.60 2.35 26.08
N PHE C 135 17.69 3.31 26.07
CA PHE C 135 17.83 4.55 25.31
C PHE C 135 17.73 5.72 26.28
N ASN C 136 18.58 6.72 26.03
CA ASN C 136 18.52 7.98 26.75
C ASN C 136 17.38 8.80 26.14
N THR C 137 16.29 8.95 26.90
CA THR C 137 15.10 9.61 26.38
C THR C 137 15.33 11.11 26.17
N SER C 138 16.36 11.68 26.80
CA SER C 138 16.72 13.07 26.53
C SER C 138 17.11 13.26 25.08
N GLU C 139 17.85 12.29 24.51
CA GLU C 139 18.17 12.33 23.09
C GLU C 139 16.90 12.20 22.23
N LEU C 140 15.95 11.38 22.68
CA LEU C 140 14.69 11.23 21.96
C LEU C 140 13.91 12.54 21.92
N ARG C 141 13.92 13.28 23.04
CA ARG C 141 13.24 14.56 23.08
C ARG C 141 13.99 15.64 22.31
N GLU C 142 15.33 15.57 22.28
CA GLU C 142 16.07 16.44 21.39
C GLU C 142 15.79 16.13 19.93
N ALA C 143 15.41 14.89 19.61
CA ALA C 143 14.94 14.55 18.28
C ALA C 143 13.49 14.96 18.08
N VAL C 144 12.60 14.52 18.95
CA VAL C 144 11.17 14.84 18.87
C VAL C 144 10.81 15.71 20.06
N PRO C 145 10.67 17.03 19.89
CA PRO C 145 10.46 17.91 21.05
C PRO C 145 9.13 17.70 21.77
N GLU C 146 8.06 17.34 21.07
CA GLU C 146 6.77 17.15 21.72
C GLU C 146 6.23 15.76 21.43
N PRO C 147 5.60 15.11 22.42
CA PRO C 147 5.06 13.75 22.20
C PRO C 147 4.00 13.68 21.12
N VAL C 148 3.17 14.72 20.96
CA VAL C 148 2.08 14.68 20.00
C VAL C 148 2.60 14.70 18.57
N LEU C 149 3.83 15.17 18.35
CA LEU C 149 4.38 15.25 17.01
C LEU C 149 4.81 13.90 16.47
N LEU C 150 5.04 12.91 17.34
CA LEU C 150 5.55 11.63 16.90
C LEU C 150 4.52 10.90 16.05
N SER C 151 4.93 10.46 14.87
CA SER C 151 4.05 9.71 13.99
C SER C 151 4.34 8.21 13.97
N ARG C 152 5.60 7.80 13.89
CA ARG C 152 5.88 6.37 14.06
C ARG C 152 7.28 6.19 14.61
N ALA C 153 7.43 5.22 15.51
CA ALA C 153 8.72 4.90 16.11
C ALA C 153 9.05 3.46 15.80
N GLU C 154 10.31 3.19 15.46
CA GLU C 154 10.74 1.91 14.94
C GLU C 154 12.02 1.48 15.64
N LEU C 155 11.94 0.42 16.43
CA LEU C 155 13.14 -0.17 17.02
C LEU C 155 13.81 -1.05 15.99
N ARG C 156 15.06 -0.74 15.66
CA ARG C 156 15.79 -1.39 14.57
C ARG C 156 16.95 -2.20 15.12
N LEU C 157 17.05 -3.45 14.65
CA LEU C 157 18.02 -4.44 15.09
C LEU C 157 18.77 -4.99 13.88
N LEU C 158 20.00 -5.44 14.10
CA LEU C 158 20.75 -6.11 13.04
C LEU C 158 21.04 -7.55 13.49
N ARG C 159 20.16 -8.46 13.08
CA ARG C 159 20.37 -9.88 13.37
C ARG C 159 21.44 -10.43 12.45
N LEU C 160 22.40 -11.17 13.01
CA LEU C 160 23.55 -11.61 12.24
C LEU C 160 23.23 -12.87 11.42
N LYS C 161 22.89 -13.97 12.09
CA LYS C 161 22.63 -15.22 11.38
C LYS C 161 21.81 -16.13 12.27
N LEU C 162 21.05 -17.02 11.64
CA LEU C 162 20.26 -18.02 12.35
C LEU C 162 20.31 -19.33 11.57
N LYS C 163 20.82 -20.37 12.21
CA LYS C 163 20.74 -21.70 11.61
C LYS C 163 19.36 -22.30 11.74
N VAL C 164 18.61 -21.91 12.78
CA VAL C 164 17.28 -22.41 13.05
C VAL C 164 16.38 -21.21 13.34
N GLU C 165 15.09 -21.37 13.06
CA GLU C 165 14.12 -20.32 13.35
C GLU C 165 14.02 -20.12 14.86
N GLN C 166 13.86 -18.86 15.27
CA GLN C 166 13.82 -18.52 16.69
C GLN C 166 12.64 -17.61 16.95
N HIS C 167 11.85 -17.95 17.96
CA HIS C 167 10.73 -17.12 18.38
C HIS C 167 11.23 -16.17 19.47
N VAL C 168 11.14 -14.87 19.22
CA VAL C 168 11.64 -13.86 20.16
C VAL C 168 10.50 -12.92 20.52
N GLU C 169 10.64 -12.25 21.65
CA GLU C 169 9.61 -11.40 22.20
C GLU C 169 10.22 -10.14 22.79
N LEU C 170 9.54 -9.03 22.58
CA LEU C 170 9.99 -7.71 23.00
C LEU C 170 9.11 -7.23 24.15
N TYR C 171 9.77 -6.82 25.23
CA TYR C 171 9.17 -6.19 26.41
C TYR C 171 9.74 -4.78 26.56
N GLN C 172 9.00 -3.92 27.25
CA GLN C 172 9.55 -2.63 27.67
C GLN C 172 9.78 -2.63 29.17
N LYS C 173 10.66 -1.73 29.62
CA LYS C 173 11.06 -1.65 31.01
C LYS C 173 10.18 -0.66 31.76
N TYR C 174 9.84 -0.99 32.99
CA TYR C 174 9.16 -0.09 33.90
C TYR C 174 10.13 0.44 34.94
N SER C 175 9.69 1.45 35.67
CA SER C 175 10.51 2.04 36.74
C SER C 175 10.72 1.08 37.90
N ASN C 176 9.74 0.22 38.20
CA ASN C 176 9.81 -0.70 39.32
C ASN C 176 10.42 -2.05 38.94
N ASN C 177 11.30 -2.07 37.93
CA ASN C 177 11.95 -3.26 37.40
C ASN C 177 10.90 -4.29 36.96
N SER C 178 9.83 -3.83 36.32
CA SER C 178 8.83 -4.71 35.74
C SER C 178 8.88 -4.58 34.22
N TRP C 179 8.34 -5.58 33.54
CA TRP C 179 8.36 -5.64 32.09
C TRP C 179 6.97 -5.90 31.56
N ARG C 180 6.51 -5.08 30.62
CA ARG C 180 5.21 -5.27 29.98
C ARG C 180 5.45 -5.80 28.57
N TYR C 181 4.59 -6.72 28.16
CA TYR C 181 4.76 -7.36 26.84
C TYR C 181 4.49 -6.36 25.73
N LEU C 182 5.32 -6.38 24.71
CA LEU C 182 5.12 -5.56 23.51
C LEU C 182 4.83 -6.40 22.28
N SER C 183 5.70 -7.35 21.92
CA SER C 183 5.50 -8.02 20.64
C SER C 183 6.18 -9.39 20.61
N ASN C 184 5.92 -10.07 19.49
CA ASN C 184 6.47 -11.43 19.28
C ASN C 184 6.77 -11.57 17.80
N ARG C 185 7.97 -12.00 17.44
CA ARG C 185 8.32 -12.29 16.06
C ARG C 185 8.99 -13.65 15.93
N LEU C 186 8.63 -14.37 14.86
CA LEU C 186 9.19 -15.68 14.56
C LEU C 186 10.22 -15.50 13.47
N LEU C 187 11.48 -15.34 13.86
CA LEU C 187 12.55 -15.12 12.91
C LEU C 187 12.88 -16.41 12.17
N ALA C 188 12.65 -16.42 10.87
CA ALA C 188 13.04 -17.50 9.99
C ALA C 188 14.55 -17.55 9.84
N PRO C 189 15.13 -18.74 9.64
CA PRO C 189 16.59 -18.81 9.46
C PRO C 189 17.03 -18.12 8.18
N SER C 190 18.22 -17.54 8.21
CA SER C 190 18.78 -16.87 7.05
C SER C 190 20.29 -16.83 7.19
N ASP C 191 20.98 -16.84 6.05
CA ASP C 191 22.44 -16.83 6.03
C ASP C 191 23.03 -15.44 5.96
N SER C 192 22.19 -14.39 5.96
CA SER C 192 22.67 -13.03 5.86
C SER C 192 22.09 -12.18 7.00
N PRO C 193 22.82 -11.15 7.44
CA PRO C 193 22.26 -10.26 8.46
C PRO C 193 21.06 -9.50 7.94
N GLU C 194 20.05 -9.36 8.79
CA GLU C 194 18.81 -8.71 8.43
C GLU C 194 18.46 -7.63 9.44
N TRP C 195 17.76 -6.60 8.96
CA TRP C 195 17.36 -5.48 9.81
C TRP C 195 15.95 -5.75 10.31
N LEU C 196 15.83 -5.95 11.62
CA LEU C 196 14.57 -6.22 12.28
C LEU C 196 13.90 -4.92 12.71
N SER C 197 12.59 -4.88 12.57
CA SER C 197 11.79 -3.70 12.84
C SER C 197 10.72 -4.03 13.87
N PHE C 198 10.60 -3.18 14.89
CA PHE C 198 9.53 -3.28 15.87
C PHE C 198 8.78 -1.95 15.94
N ASP C 199 7.46 -2.02 15.87
CA ASP C 199 6.62 -0.82 15.93
C ASP C 199 6.39 -0.48 17.40
N VAL C 200 7.06 0.56 17.87
CA VAL C 200 7.03 0.95 19.28
C VAL C 200 6.54 2.40 19.40
N THR C 201 5.63 2.79 18.52
CA THR C 201 5.20 4.20 18.44
C THR C 201 4.57 4.66 19.75
N GLY C 202 3.64 3.88 20.29
CA GLY C 202 3.01 4.25 21.55
C GLY C 202 3.99 4.25 22.71
N VAL C 203 4.92 3.30 22.71
CA VAL C 203 5.92 3.21 23.77
C VAL C 203 6.81 4.45 23.79
N VAL C 204 7.30 4.84 22.61
CA VAL C 204 8.19 5.99 22.55
C VAL C 204 7.41 7.29 22.79
N ARG C 205 6.14 7.34 22.38
CA ARG C 205 5.32 8.51 22.69
C ARG C 205 5.13 8.66 24.20
N GLN C 206 4.86 7.55 24.89
CA GLN C 206 4.76 7.58 26.34
C GLN C 206 6.09 7.95 26.99
N TRP C 207 7.20 7.49 26.41
CA TRP C 207 8.52 7.87 26.92
C TRP C 207 8.76 9.36 26.76
N LEU C 208 8.36 9.94 25.63
CA LEU C 208 8.50 11.37 25.44
C LEU C 208 7.63 12.14 26.42
N SER C 209 6.45 11.62 26.74
CA SER C 209 5.58 12.31 27.69
C SER C 209 5.90 11.94 29.13
N ARG C 210 5.85 10.64 29.47
CA ARG C 210 5.88 10.19 30.87
C ARG C 210 7.15 9.43 31.21
N GLY C 211 8.21 9.58 30.45
CA GLY C 211 9.39 8.73 30.57
C GLY C 211 10.53 9.40 31.30
N GLY C 212 11.36 8.59 31.95
CA GLY C 212 12.52 9.07 32.66
C GLY C 212 13.70 9.29 31.72
N GLU C 213 14.88 9.39 32.33
CA GLU C 213 16.08 9.61 31.54
C GLU C 213 16.44 8.39 30.70
N ILE C 214 16.42 7.21 31.31
CA ILE C 214 16.79 5.97 30.64
C ILE C 214 15.55 5.09 30.57
N GLU C 215 15.15 4.70 29.36
CA GLU C 215 14.03 3.80 29.15
C GLU C 215 14.39 2.82 28.06
N GLY C 216 13.97 1.57 28.20
CA GLY C 216 14.47 0.59 27.27
C GLY C 216 13.58 -0.63 27.10
N PHE C 217 14.13 -1.59 26.36
CA PHE C 217 13.44 -2.81 25.98
C PHE C 217 14.28 -4.02 26.38
N ARG C 218 13.61 -5.15 26.51
CA ARG C 218 14.27 -6.45 26.63
C ARG C 218 13.78 -7.34 25.50
N LEU C 219 14.72 -7.86 24.71
CA LEU C 219 14.41 -8.85 23.68
C LEU C 219 14.84 -10.21 24.23
N SER C 220 13.86 -11.08 24.47
CA SER C 220 14.13 -12.37 25.09
C SER C 220 13.58 -13.48 24.22
N ALA C 221 14.24 -14.64 24.28
CA ALA C 221 13.72 -15.81 23.60
C ALA C 221 12.37 -16.20 24.18
N HIS C 222 11.44 -16.57 23.31
CA HIS C 222 10.09 -16.87 23.75
C HIS C 222 10.06 -18.15 24.58
N CYS C 223 9.44 -18.06 25.74
CA CYS C 223 9.30 -19.20 26.64
C CYS C 223 7.85 -19.67 26.64
N SER C 224 7.66 -20.95 26.88
CA SER C 224 6.35 -21.56 27.03
C SER C 224 6.19 -22.07 28.45
N CYS C 225 5.07 -22.73 28.72
CA CYS C 225 4.81 -23.32 30.02
C CYS C 225 5.43 -24.72 30.16
N ASP C 226 6.22 -25.14 29.17
CA ASP C 226 6.88 -26.45 29.25
C ASP C 226 8.24 -26.34 29.93
N SER C 227 9.11 -25.49 29.40
CA SER C 227 10.46 -25.35 29.93
C SER C 227 10.95 -23.94 29.61
N ARG C 228 12.26 -23.72 29.77
CA ARG C 228 12.89 -22.44 29.49
C ARG C 228 13.81 -22.56 28.28
N ASP C 229 14.04 -21.44 27.62
CA ASP C 229 14.84 -21.39 26.41
C ASP C 229 15.91 -20.32 26.54
N ASN C 230 16.78 -20.27 25.53
CA ASN C 230 17.85 -19.28 25.46
C ASN C 230 17.84 -18.54 24.12
N THR C 231 18.46 -17.37 24.10
CA THR C 231 18.47 -16.51 22.93
C THR C 231 19.70 -16.85 22.08
N LEU C 232 19.48 -17.54 20.96
CA LEU C 232 20.55 -17.94 20.08
C LEU C 232 20.86 -16.93 19.00
N GLN C 233 19.98 -15.97 18.74
CA GLN C 233 20.25 -14.93 17.77
C GLN C 233 21.35 -14.00 18.28
N VAL C 234 22.12 -13.43 17.35
CA VAL C 234 23.23 -12.56 17.69
C VAL C 234 23.00 -11.19 17.04
N ASP C 235 23.02 -10.15 17.86
CA ASP C 235 22.94 -8.78 17.38
C ASP C 235 24.23 -8.05 17.74
N ILE C 236 24.62 -7.08 16.92
CA ILE C 236 25.88 -6.36 17.13
C ILE C 236 25.75 -5.49 18.37
N ASN C 237 26.77 -5.57 19.24
CA ASN C 237 26.84 -4.81 20.49
C ASN C 237 25.64 -5.11 21.39
N GLY C 238 25.24 -6.37 21.42
CA GLY C 238 24.11 -6.79 22.25
C GLY C 238 22.78 -6.28 21.76
N ASN C 254 25.20 -0.64 12.94
CA ASN C 254 25.91 -0.89 14.20
C ASN C 254 24.94 -1.43 15.25
N ARG C 255 24.91 -0.77 16.41
CA ARG C 255 24.04 -1.20 17.50
C ARG C 255 22.59 -0.86 17.16
N PRO C 256 21.63 -1.53 17.83
CA PRO C 256 20.21 -1.22 17.60
C PRO C 256 19.88 0.23 17.90
N PHE C 257 18.91 0.77 17.16
CA PHE C 257 18.57 2.18 17.32
C PHE C 257 17.07 2.36 17.23
N LEU C 258 16.65 3.62 17.29
CA LEU C 258 15.24 4.01 17.17
C LEU C 258 15.10 4.99 16.02
N LEU C 259 14.32 4.62 15.03
CA LEU C 259 14.01 5.48 13.89
C LEU C 259 12.66 6.14 14.18
N LEU C 260 12.69 7.45 14.40
CA LEU C 260 11.49 8.21 14.74
C LEU C 260 11.13 9.10 13.57
N MET C 261 9.89 8.97 13.10
CA MET C 261 9.30 9.90 12.16
C MET C 261 8.29 10.74 12.92
N ALA C 262 8.51 12.05 12.94
CA ALA C 262 7.64 12.97 13.64
C ALA C 262 7.41 14.21 12.78
N THR C 263 6.27 14.85 13.00
CA THR C 263 5.98 16.11 12.33
C THR C 263 6.98 17.16 12.80
N PRO C 264 7.63 17.88 11.90
CA PRO C 264 8.59 18.91 12.33
C PRO C 264 7.92 20.03 13.10
N LEU C 265 8.69 20.62 14.02
CA LEU C 265 8.15 21.68 14.87
C LEU C 265 7.78 22.92 14.08
N GLU C 266 8.50 23.20 12.99
CA GLU C 266 8.17 24.35 12.15
C GLU C 266 6.83 24.16 11.44
N ARG C 267 6.50 22.92 11.10
CA ARG C 267 5.23 22.61 10.44
C ARG C 267 4.19 22.06 11.40
N ALA C 268 4.42 22.16 12.70
CA ALA C 268 3.48 21.66 13.70
C ALA C 268 2.22 22.54 13.74
N TYR D 284 -20.81 16.10 8.55
CA TYR D 284 -20.58 17.26 7.70
C TYR D 284 -21.12 17.03 6.30
N CYS D 285 -20.48 16.13 5.55
CA CYS D 285 -20.88 15.82 4.19
C CYS D 285 -21.72 14.56 4.09
N PHE D 286 -22.18 14.01 5.21
CA PHE D 286 -23.07 12.85 5.16
C PHE D 286 -24.48 13.26 4.76
N SER D 287 -24.88 14.49 5.07
CA SER D 287 -26.21 15.02 4.76
C SER D 287 -26.12 16.42 4.18
N SER D 288 -25.13 16.64 3.31
CA SER D 288 -24.97 17.93 2.65
C SER D 288 -24.41 17.70 1.26
N THR D 289 -24.84 18.52 0.32
CA THR D 289 -24.43 18.39 -1.08
C THR D 289 -23.22 19.28 -1.39
N GLU D 290 -22.14 19.08 -0.65
CA GLU D 290 -20.92 19.86 -0.88
C GLU D 290 -20.04 19.12 -1.88
N LYS D 291 -19.22 19.89 -2.61
CA LYS D 291 -18.46 19.35 -3.75
C LYS D 291 -17.09 18.87 -3.28
N ASN D 292 -17.07 17.65 -2.74
CA ASN D 292 -15.84 16.94 -2.40
C ASN D 292 -16.13 15.46 -2.36
N CYS D 293 -15.08 14.66 -2.47
CA CYS D 293 -15.20 13.20 -2.45
C CYS D 293 -15.59 12.75 -1.05
N CYS D 294 -16.87 12.43 -0.88
CA CYS D 294 -17.39 11.94 0.38
C CYS D 294 -18.25 10.71 0.16
N VAL D 295 -18.38 9.92 1.22
CA VAL D 295 -19.33 8.83 1.26
C VAL D 295 -20.72 9.38 1.58
N ARG D 296 -21.72 8.92 0.84
CA ARG D 296 -23.10 9.32 1.04
C ARG D 296 -23.90 8.10 1.47
N GLN D 297 -24.70 8.27 2.51
CA GLN D 297 -25.48 7.16 3.05
C GLN D 297 -26.56 6.74 2.07
N LEU D 298 -26.63 5.44 1.82
CA LEU D 298 -27.60 4.87 0.90
C LEU D 298 -28.06 3.53 1.46
N TYR D 299 -29.32 3.45 1.87
CA TYR D 299 -29.89 2.22 2.40
C TYR D 299 -30.56 1.45 1.28
N ILE D 300 -30.25 0.16 1.20
CA ILE D 300 -30.83 -0.73 0.21
C ILE D 300 -31.78 -1.67 0.92
N ASP D 301 -33.02 -1.71 0.46
CA ASP D 301 -34.05 -2.60 0.99
C ASP D 301 -34.40 -3.59 -0.13
N PHE D 302 -34.02 -4.85 0.06
CA PHE D 302 -34.18 -5.85 -1.00
C PHE D 302 -35.65 -6.08 -1.34
N ARG D 303 -36.55 -5.86 -0.39
CA ARG D 303 -37.97 -6.05 -0.66
C ARG D 303 -38.56 -4.90 -1.48
N LYS D 304 -38.10 -3.67 -1.24
CA LYS D 304 -38.68 -2.49 -1.84
C LYS D 304 -37.77 -1.82 -2.86
N ASP D 305 -36.53 -1.52 -2.49
CA ASP D 305 -35.61 -0.84 -3.40
C ASP D 305 -35.28 -1.70 -4.62
N LEU D 306 -35.08 -3.01 -4.40
CA LEU D 306 -34.76 -3.93 -5.49
C LEU D 306 -35.89 -4.87 -5.86
N GLY D 307 -36.91 -5.00 -5.01
CA GLY D 307 -38.00 -5.91 -5.29
C GLY D 307 -37.60 -7.37 -5.31
N TRP D 308 -36.66 -7.76 -4.46
CA TRP D 308 -36.18 -9.14 -4.44
C TRP D 308 -36.94 -9.96 -3.40
N LYS D 309 -37.20 -11.22 -3.75
CA LYS D 309 -37.91 -12.14 -2.86
C LYS D 309 -37.13 -13.43 -2.62
N TRP D 310 -35.81 -13.39 -2.78
CA TRP D 310 -34.99 -14.57 -2.54
C TRP D 310 -33.98 -14.39 -1.41
N ILE D 311 -33.56 -13.17 -1.12
CA ILE D 311 -32.72 -12.92 0.05
C ILE D 311 -33.63 -12.76 1.27
N HIS D 312 -33.39 -13.58 2.28
CA HIS D 312 -34.22 -13.56 3.48
C HIS D 312 -33.65 -12.64 4.56
N GLU D 313 -32.37 -12.77 4.87
CA GLU D 313 -31.67 -11.83 5.74
C GLU D 313 -30.31 -11.50 5.10
N PRO D 314 -29.84 -10.26 5.22
CA PRO D 314 -30.53 -9.12 5.84
C PRO D 314 -31.57 -8.50 4.92
N LYS D 315 -32.60 -7.88 5.50
CA LYS D 315 -33.61 -7.20 4.70
C LYS D 315 -33.08 -5.94 4.03
N GLY D 316 -31.97 -5.40 4.50
CA GLY D 316 -31.38 -4.23 3.86
C GLY D 316 -30.05 -3.92 4.51
N TYR D 317 -29.31 -3.02 3.87
CA TYR D 317 -28.00 -2.64 4.39
C TYR D 317 -27.58 -1.28 3.87
N HIS D 318 -26.63 -0.68 4.58
CA HIS D 318 -26.04 0.61 4.21
C HIS D 318 -24.96 0.36 3.15
N ALA D 319 -25.37 0.37 1.88
CA ALA D 319 -24.40 0.23 0.81
C ALA D 319 -23.54 1.47 0.65
N ASN D 320 -24.16 2.66 0.73
CA ASN D 320 -23.53 3.96 0.56
C ASN D 320 -22.92 4.12 -0.82
N PHE D 321 -22.41 5.32 -1.13
CA PHE D 321 -21.70 5.48 -2.40
C PHE D 321 -20.74 6.65 -2.30
N CYS D 322 -19.63 6.53 -3.03
CA CYS D 322 -18.67 7.62 -3.14
C CYS D 322 -19.18 8.63 -4.17
N LEU D 323 -19.20 9.90 -3.79
CA LEU D 323 -19.64 10.93 -4.72
C LEU D 323 -18.88 12.22 -4.41
N GLY D 324 -18.64 13.00 -5.45
CA GLY D 324 -17.88 14.22 -5.35
C GLY D 324 -16.69 14.19 -6.28
N PRO D 325 -16.62 15.18 -7.18
CA PRO D 325 -15.53 15.19 -8.17
C PRO D 325 -14.18 15.40 -7.52
N CYS D 326 -13.16 14.74 -8.08
CA CYS D 326 -11.78 14.91 -7.66
C CYS D 326 -11.04 15.61 -8.79
N PRO D 327 -11.04 16.93 -8.84
CA PRO D 327 -10.39 17.63 -9.95
C PRO D 327 -8.88 17.53 -9.86
N TYR D 328 -8.24 17.32 -11.01
CA TYR D 328 -6.79 17.28 -11.08
C TYR D 328 -6.26 18.68 -10.82
N ILE D 329 -5.63 18.88 -9.66
CA ILE D 329 -5.13 20.20 -9.30
C ILE D 329 -3.78 20.40 -9.97
N TRP D 330 -3.74 21.31 -10.95
CA TRP D 330 -2.51 21.56 -11.68
C TRP D 330 -1.50 22.25 -10.78
N SER D 331 -0.22 21.98 -11.03
CA SER D 331 0.84 22.33 -10.10
C SER D 331 1.74 23.42 -10.66
N LEU D 332 2.19 24.28 -9.74
CA LEU D 332 3.19 25.29 -10.03
C LEU D 332 4.34 25.12 -9.04
N ASP D 333 5.53 25.58 -9.45
CA ASP D 333 6.67 25.51 -8.56
C ASP D 333 6.48 26.40 -7.34
N THR D 334 5.89 27.57 -7.53
CA THR D 334 5.57 28.49 -6.45
C THR D 334 4.05 28.60 -6.31
N GLN D 335 3.54 28.34 -5.11
CA GLN D 335 2.11 28.30 -4.89
C GLN D 335 1.80 28.73 -3.46
N TYR D 336 0.54 29.06 -3.21
CA TYR D 336 0.12 29.52 -1.90
C TYR D 336 0.02 28.34 -0.92
N SER D 337 0.13 28.66 0.36
CA SER D 337 0.12 27.64 1.41
C SER D 337 -1.28 27.14 1.75
N LYS D 338 -2.32 27.89 1.39
CA LYS D 338 -3.69 27.45 1.63
C LYS D 338 -4.24 26.62 0.48
N VAL D 339 -3.44 26.35 -0.54
CA VAL D 339 -3.85 25.53 -1.67
C VAL D 339 -3.26 24.12 -1.59
N LEU D 340 -2.26 23.89 -0.75
CA LEU D 340 -1.75 22.55 -0.53
C LEU D 340 -2.80 21.63 0.09
N ALA D 341 -3.80 22.21 0.76
CA ALA D 341 -4.94 21.41 1.20
C ALA D 341 -5.77 20.93 0.00
N LEU D 342 -5.81 21.72 -1.08
CA LEU D 342 -6.51 21.25 -2.27
C LEU D 342 -5.79 20.04 -2.86
N TYR D 343 -4.46 20.00 -2.74
CA TYR D 343 -3.71 18.78 -3.02
C TYR D 343 -4.09 17.68 -2.04
N ASN D 344 -4.27 18.03 -0.76
CA ASN D 344 -4.49 17.03 0.29
C ASN D 344 -5.77 16.24 0.06
N GLN D 345 -6.89 16.93 -0.11
CA GLN D 345 -8.15 16.26 -0.40
C GLN D 345 -8.66 16.49 -1.83
N HIS D 346 -7.77 16.64 -2.80
CA HIS D 346 -8.16 16.58 -4.19
C HIS D 346 -7.24 15.72 -5.05
N ASN D 347 -6.00 15.50 -4.66
CA ASN D 347 -5.08 14.62 -5.38
C ASN D 347 -4.01 14.10 -4.43
N PRO D 348 -4.36 13.21 -3.49
CA PRO D 348 -3.34 12.71 -2.56
C PRO D 348 -2.35 11.76 -3.21
N GLY D 349 -2.83 10.85 -4.05
CA GLY D 349 -1.96 9.92 -4.74
C GLY D 349 -1.28 10.47 -5.97
N ALA D 350 -1.54 11.73 -6.30
CA ALA D 350 -0.93 12.42 -7.46
C ALA D 350 -1.18 11.66 -8.75
N SER D 351 -2.39 11.12 -8.91
CA SER D 351 -2.74 10.42 -10.13
C SER D 351 -3.02 11.42 -11.24
N ALA D 352 -2.89 10.94 -12.48
CA ALA D 352 -3.17 11.80 -13.63
C ALA D 352 -4.66 12.07 -13.77
N ALA D 353 -5.49 11.06 -13.53
CA ALA D 353 -6.95 11.18 -13.61
C ALA D 353 -7.55 10.62 -12.33
N PRO D 354 -7.60 11.41 -11.27
CA PRO D 354 -8.10 10.91 -9.98
C PRO D 354 -9.59 10.64 -10.02
N CYS D 355 -10.02 9.70 -9.17
CA CYS D 355 -11.42 9.36 -9.02
C CYS D 355 -11.79 9.41 -7.55
N CYS D 356 -13.09 9.49 -7.27
CA CYS D 356 -13.62 9.34 -5.92
C CYS D 356 -13.90 7.87 -5.71
N VAL D 357 -13.00 7.17 -5.03
CA VAL D 357 -13.08 5.72 -4.89
C VAL D 357 -13.07 5.34 -3.42
N PRO D 358 -13.71 4.23 -3.02
CA PRO D 358 -13.71 3.86 -1.61
C PRO D 358 -12.32 3.52 -1.10
N GLN D 359 -12.07 3.89 0.17
CA GLN D 359 -10.82 3.59 0.85
C GLN D 359 -10.95 2.44 1.83
N ALA D 360 -12.00 2.43 2.63
CA ALA D 360 -12.28 1.34 3.55
C ALA D 360 -13.67 0.78 3.26
N LEU D 361 -13.75 -0.51 3.02
CA LEU D 361 -15.01 -1.17 2.72
C LEU D 361 -15.27 -2.26 3.75
N GLU D 362 -16.55 -2.60 3.92
CA GLU D 362 -16.96 -3.60 4.89
C GLU D 362 -17.77 -4.69 4.18
N PRO D 363 -17.44 -5.96 4.37
CA PRO D 363 -18.19 -7.03 3.72
C PRO D 363 -19.59 -7.17 4.30
N LEU D 364 -20.46 -7.80 3.51
CA LEU D 364 -21.85 -8.03 3.89
C LEU D 364 -22.17 -9.51 3.83
N PRO D 365 -22.62 -10.13 4.91
CA PRO D 365 -23.13 -11.50 4.82
C PRO D 365 -24.60 -11.53 4.45
N ILE D 366 -24.97 -12.48 3.59
CA ILE D 366 -26.35 -12.68 3.19
C ILE D 366 -26.71 -14.15 3.35
N VAL D 367 -28.01 -14.41 3.44
CA VAL D 367 -28.58 -15.75 3.48
C VAL D 367 -29.57 -15.88 2.33
N TYR D 368 -29.44 -16.96 1.55
CA TYR D 368 -30.36 -17.22 0.47
C TYR D 368 -30.39 -18.71 0.17
N TYR D 369 -31.41 -19.14 -0.55
CA TYR D 369 -31.66 -20.55 -0.80
C TYR D 369 -31.26 -20.93 -2.22
N VAL D 370 -30.50 -22.02 -2.35
CA VAL D 370 -30.19 -22.63 -3.63
C VAL D 370 -31.01 -23.91 -3.69
N GLY D 371 -31.98 -23.95 -4.60
CA GLY D 371 -32.90 -25.07 -4.67
C GLY D 371 -33.74 -25.17 -3.42
N ARG D 372 -33.45 -26.17 -2.58
CA ARG D 372 -34.10 -26.31 -1.28
C ARG D 372 -33.10 -26.24 -0.14
N LYS D 373 -31.87 -25.83 -0.42
CA LYS D 373 -30.81 -25.80 0.59
C LYS D 373 -30.48 -24.36 0.94
N PRO D 374 -30.63 -23.97 2.20
CA PRO D 374 -30.19 -22.61 2.60
C PRO D 374 -28.68 -22.49 2.55
N LYS D 375 -28.23 -21.24 2.41
CA LYS D 375 -26.81 -20.97 2.28
C LYS D 375 -26.52 -19.60 2.86
N VAL D 376 -25.43 -19.49 3.62
CA VAL D 376 -24.92 -18.23 4.11
C VAL D 376 -23.64 -17.92 3.35
N GLU D 377 -23.60 -16.76 2.69
CA GLU D 377 -22.41 -16.32 2.00
C GLU D 377 -21.97 -14.96 2.52
N GLN D 378 -20.71 -14.63 2.26
CA GLN D 378 -20.09 -13.43 2.79
C GLN D 378 -19.45 -12.69 1.63
N LEU D 379 -20.11 -11.63 1.16
CA LEU D 379 -19.67 -10.90 -0.01
C LEU D 379 -18.73 -9.79 0.45
N SER D 380 -17.47 -9.87 0.02
CA SER D 380 -16.47 -8.90 0.44
C SER D 380 -16.65 -7.59 -0.32
N ASN D 381 -16.35 -6.49 0.36
CA ASN D 381 -16.34 -5.14 -0.21
C ASN D 381 -17.73 -4.74 -0.73
N MET D 382 -18.67 -4.58 0.21
CA MET D 382 -20.01 -4.06 -0.07
C MET D 382 -20.36 -2.75 0.62
N ILE D 383 -19.90 -2.51 1.84
CA ILE D 383 -20.35 -1.37 2.62
C ILE D 383 -19.26 -0.32 2.59
N VAL D 384 -19.54 0.82 1.96
CA VAL D 384 -18.58 1.90 1.82
C VAL D 384 -18.69 2.80 3.04
N ARG D 385 -17.57 2.97 3.75
CA ARG D 385 -17.53 3.77 4.95
C ARG D 385 -16.52 4.90 4.88
N SER D 386 -15.68 4.95 3.85
CA SER D 386 -14.78 6.07 3.63
C SER D 386 -14.43 6.13 2.14
N CYS D 387 -14.44 7.34 1.58
CA CYS D 387 -14.08 7.56 0.20
C CYS D 387 -12.90 8.53 0.13
N LYS D 388 -12.05 8.35 -0.87
CA LYS D 388 -10.88 9.19 -1.04
C LYS D 388 -10.66 9.46 -2.52
N CYS D 389 -10.00 10.58 -2.80
CA CYS D 389 -9.57 10.89 -4.15
C CYS D 389 -8.34 10.05 -4.49
N SER D 390 -8.35 9.43 -5.66
CA SER D 390 -7.23 8.61 -6.11
C SER D 390 -7.25 8.40 -7.61
N LYS E 31 14.98 56.76 -24.24
CA LYS E 31 13.77 56.55 -23.47
C LYS E 31 13.62 55.09 -23.07
N LYS E 32 14.55 54.25 -23.52
CA LYS E 32 14.56 52.83 -23.22
C LYS E 32 15.82 52.49 -22.46
N VAL E 33 15.67 51.89 -21.29
CA VAL E 33 16.79 51.44 -20.45
C VAL E 33 16.60 49.96 -20.16
N SER E 34 17.60 49.16 -20.49
CA SER E 34 17.55 47.72 -20.32
C SER E 34 18.35 47.34 -19.08
N CYS E 35 17.67 46.72 -18.10
CA CYS E 35 18.31 46.22 -16.89
C CYS E 35 18.08 44.73 -16.71
N GLN E 36 17.85 44.00 -17.80
CA GLN E 36 17.59 42.57 -17.71
C GLN E 36 18.83 41.81 -17.24
N VAL E 37 19.99 42.11 -17.82
CA VAL E 37 21.22 41.45 -17.41
C VAL E 37 21.64 41.90 -16.02
N LEU E 38 21.43 43.17 -15.71
CA LEU E 38 21.86 43.71 -14.42
C LEU E 38 20.98 43.19 -13.28
N GLY E 39 21.64 42.74 -12.22
CA GLY E 39 20.94 42.29 -11.03
C GLY E 39 21.22 43.18 -9.84
N LEU E 40 20.17 43.71 -9.22
CA LEU E 40 20.31 44.64 -8.11
C LEU E 40 19.40 44.21 -6.98
N LEU E 41 19.42 45.01 -5.90
CA LEU E 41 18.61 44.74 -4.73
C LEU E 41 17.51 45.76 -4.48
N GLN E 42 17.61 46.95 -5.08
CA GLN E 42 16.62 48.00 -4.90
C GLN E 42 16.41 48.73 -6.22
N VAL E 43 15.40 49.58 -6.24
CA VAL E 43 15.08 50.36 -7.45
C VAL E 43 16.17 51.40 -7.68
N PRO E 44 16.78 51.46 -8.85
CA PRO E 44 17.82 52.46 -9.10
C PRO E 44 17.23 53.87 -9.14
N SER E 45 18.07 54.83 -8.73
CA SER E 45 17.68 56.24 -8.71
C SER E 45 18.56 57.12 -9.59
N VAL E 46 19.53 56.51 -10.28
CA VAL E 46 20.51 57.31 -11.09
C VAL E 46 20.10 57.27 -12.56
N LEU E 47 19.06 56.51 -12.91
CA LEU E 47 18.58 56.45 -14.31
C LEU E 47 17.97 57.79 -14.70
N PRO E 48 18.02 58.21 -15.99
CA PRO E 48 17.37 59.45 -16.41
C PRO E 48 15.84 59.34 -16.24
N PRO E 49 15.14 60.40 -15.78
CA PRO E 49 13.70 60.35 -15.55
C PRO E 49 12.91 60.15 -16.85
N ASP E 50 13.36 60.79 -17.94
CA ASP E 50 12.63 60.73 -19.24
C ASP E 50 12.51 59.30 -19.77
N THR E 51 13.29 58.33 -19.24
CA THR E 51 13.15 56.96 -19.69
C THR E 51 11.67 56.57 -19.70
N GLU E 52 11.21 56.01 -20.82
CA GLU E 52 9.82 55.62 -20.99
C GLU E 52 9.61 54.12 -20.74
N THR E 53 10.52 53.27 -21.20
CA THR E 53 10.40 51.83 -21.02
C THR E 53 11.52 51.36 -20.10
N LEU E 54 11.15 50.71 -19.00
CA LEU E 54 12.08 50.18 -18.03
C LEU E 54 11.84 48.69 -17.85
N ASP E 55 12.89 47.90 -17.96
CA ASP E 55 12.82 46.44 -17.84
C ASP E 55 13.77 46.02 -16.71
N LEU E 56 13.21 45.83 -15.52
CA LEU E 56 13.98 45.42 -14.35
C LEU E 56 13.87 43.92 -14.09
N SER E 57 13.75 43.12 -15.14
CA SER E 57 13.64 41.67 -14.98
C SER E 57 14.99 41.08 -14.58
N GLY E 58 14.94 39.92 -13.93
CA GLY E 58 16.15 39.27 -13.48
C GLY E 58 16.81 39.94 -12.29
N ASN E 59 16.07 40.72 -11.52
CA ASN E 59 16.59 41.40 -10.35
C ASN E 59 16.06 40.73 -9.08
N GLN E 60 16.54 41.20 -7.93
CA GLN E 60 16.19 40.66 -6.63
C GLN E 60 15.63 41.75 -5.72
N LEU E 61 14.72 42.56 -6.23
CA LEU E 61 14.08 43.59 -5.42
C LEU E 61 13.08 42.96 -4.46
N ARG E 62 12.99 43.52 -3.26
CA ARG E 62 12.05 43.03 -2.26
C ARG E 62 10.93 44.01 -1.91
N SER E 63 11.08 45.30 -2.22
CA SER E 63 10.06 46.27 -1.86
C SER E 63 10.05 47.40 -2.88
N ILE E 64 8.91 48.10 -2.94
CA ILE E 64 8.72 49.24 -3.83
C ILE E 64 8.34 50.45 -2.97
N LEU E 65 9.08 51.54 -3.14
CA LEU E 65 8.83 52.77 -2.39
C LEU E 65 8.44 53.88 -3.35
N ALA E 66 7.61 54.80 -2.86
CA ALA E 66 7.07 55.85 -3.71
C ALA E 66 8.14 56.88 -4.07
N SER E 67 9.08 57.14 -3.16
CA SER E 67 10.08 58.18 -3.39
C SER E 67 10.99 57.88 -4.58
N PRO E 68 11.57 56.69 -4.74
CA PRO E 68 12.35 56.45 -5.98
C PRO E 68 11.49 56.29 -7.21
N LEU E 69 10.28 55.75 -7.08
CA LEU E 69 9.45 55.48 -8.24
C LEU E 69 8.84 56.72 -8.84
N GLY E 70 8.46 57.71 -8.03
CA GLY E 70 7.86 58.92 -8.56
C GLY E 70 8.82 59.85 -9.26
N PHE E 71 10.13 59.59 -9.15
CA PHE E 71 11.11 60.40 -9.84
C PHE E 71 11.05 60.19 -11.36
N TYR E 72 10.62 59.01 -11.80
CA TYR E 72 10.49 58.71 -13.22
C TYR E 72 9.03 58.88 -13.65
N THR E 73 8.59 60.14 -13.68
CA THR E 73 7.23 60.45 -14.09
C THR E 73 7.00 60.14 -15.57
N ALA E 74 8.03 60.29 -16.40
CA ALA E 74 7.90 60.08 -17.83
C ALA E 74 7.91 58.62 -18.25
N LEU E 75 7.84 57.68 -17.30
CA LEU E 75 7.82 56.26 -17.63
C LEU E 75 6.51 55.91 -18.34
N ARG E 76 6.63 55.18 -19.45
CA ARG E 76 5.48 54.63 -20.15
C ARG E 76 5.30 53.14 -19.91
N HIS E 77 6.37 52.37 -19.96
CA HIS E 77 6.33 50.92 -19.75
C HIS E 77 7.25 50.55 -18.60
N LEU E 78 6.75 49.71 -17.70
CA LEU E 78 7.51 49.24 -16.55
C LEU E 78 7.43 47.71 -16.48
N ASP E 79 8.60 47.08 -16.35
CA ASP E 79 8.70 45.63 -16.23
C ASP E 79 9.61 45.29 -15.05
N LEU E 80 9.11 44.41 -14.17
CA LEU E 80 9.84 44.03 -12.96
C LEU E 80 9.71 42.54 -12.66
N SER E 81 9.51 41.72 -13.70
CA SER E 81 9.27 40.30 -13.51
C SER E 81 10.51 39.59 -12.97
N THR E 82 10.28 38.39 -12.44
CA THR E 82 11.31 37.51 -11.85
C THR E 82 12.04 38.24 -10.71
N ASN E 83 11.29 38.52 -9.66
CA ASN E 83 11.79 39.24 -8.51
C ASN E 83 11.24 38.59 -7.24
N GLU E 84 11.39 39.29 -6.11
CA GLU E 84 10.89 38.83 -4.83
C GLU E 84 10.25 39.97 -4.06
N ILE E 85 9.51 40.83 -4.77
CA ILE E 85 8.91 41.99 -4.13
C ILE E 85 7.72 41.56 -3.29
N SER E 86 7.73 41.98 -2.02
CA SER E 86 6.68 41.60 -1.07
C SER E 86 5.91 42.77 -0.51
N PHE E 87 6.36 44.01 -0.71
CA PHE E 87 5.69 45.19 -0.18
C PHE E 87 5.42 46.17 -1.31
N LEU E 88 4.18 46.66 -1.37
CA LEU E 88 3.78 47.64 -2.37
C LEU E 88 3.18 48.85 -1.66
N GLN E 89 3.76 50.02 -1.87
CA GLN E 89 3.20 51.24 -1.32
C GLN E 89 1.98 51.65 -2.12
N PRO E 90 0.87 52.02 -1.47
CA PRO E 90 -0.32 52.45 -2.24
C PRO E 90 -0.09 53.68 -3.10
N GLY E 91 0.77 54.60 -2.65
CA GLY E 91 1.09 55.78 -3.43
C GLY E 91 2.27 55.65 -4.36
N ALA E 92 2.86 54.45 -4.47
CA ALA E 92 4.02 54.27 -5.33
C ALA E 92 3.63 54.36 -6.80
N PHE E 93 2.53 53.70 -7.18
CA PHE E 93 2.07 53.71 -8.57
C PHE E 93 1.16 54.89 -8.87
N GLN E 94 0.75 55.65 -7.87
CA GLN E 94 -0.12 56.81 -8.10
C GLN E 94 0.65 57.99 -8.67
N ALA E 95 1.96 58.07 -8.41
CA ALA E 95 2.76 59.20 -8.87
C ALA E 95 3.06 59.15 -10.37
N LEU E 96 2.76 58.04 -11.04
CA LEU E 96 3.06 57.87 -12.45
C LEU E 96 1.73 57.83 -13.22
N THR E 97 1.31 58.99 -13.73
CA THR E 97 0.06 59.05 -14.47
C THR E 97 0.19 58.43 -15.86
N HIS E 98 1.40 58.39 -16.42
CA HIS E 98 1.64 57.85 -17.75
C HIS E 98 2.13 56.41 -17.73
N LEU E 99 2.03 55.74 -16.59
CA LEU E 99 2.44 54.34 -16.49
C LEU E 99 1.48 53.46 -17.26
N GLU E 100 2.03 52.40 -17.87
CA GLU E 100 1.27 51.52 -18.77
C GLU E 100 2.11 50.27 -18.99
N HIS E 101 1.47 49.21 -19.50
CA HIS E 101 2.06 47.86 -19.53
C HIS E 101 2.63 47.47 -18.17
N LEU E 102 1.81 47.54 -17.13
CA LEU E 102 2.25 47.16 -15.80
C LEU E 102 2.48 45.65 -15.73
N SER E 103 3.70 45.27 -15.33
CA SER E 103 4.11 43.87 -15.26
C SER E 103 4.65 43.61 -13.86
N LEU E 104 3.76 43.16 -12.97
CA LEU E 104 4.12 42.79 -11.61
C LEU E 104 4.35 41.29 -11.46
N ALA E 105 4.86 40.64 -12.50
CA ALA E 105 4.98 39.20 -12.51
C ALA E 105 6.06 38.70 -11.55
N HIS E 106 5.81 37.51 -10.98
CA HIS E 106 6.80 36.73 -10.23
C HIS E 106 7.35 37.52 -9.03
N ASN E 107 6.45 37.79 -8.10
CA ASN E 107 6.80 38.46 -6.85
C ASN E 107 6.12 37.76 -5.69
N ARG E 108 6.59 38.05 -4.48
CA ARG E 108 6.02 37.48 -3.26
C ARG E 108 4.89 38.37 -2.74
N LEU E 109 3.86 38.52 -3.57
CA LEU E 109 2.73 39.39 -3.27
C LEU E 109 1.63 38.67 -2.48
N ALA E 110 1.80 37.36 -2.27
CA ALA E 110 0.82 36.58 -1.52
C ALA E 110 0.72 37.03 -0.06
N GLY E 119 -3.83 47.57 -0.42
CA GLY E 119 -2.49 47.53 -0.97
C GLY E 119 -2.35 48.39 -2.21
N LEU E 120 -2.65 47.81 -3.38
CA LEU E 120 -2.55 48.54 -4.63
C LEU E 120 -3.67 49.57 -4.73
N GLY E 121 -3.31 50.78 -5.18
CA GLY E 121 -4.28 51.84 -5.36
C GLY E 121 -4.98 51.74 -6.70
N PRO E 122 -5.76 52.78 -7.01
CA PRO E 122 -6.39 52.85 -8.33
C PRO E 122 -5.36 53.11 -9.42
N LEU E 123 -5.62 52.56 -10.60
CA LEU E 123 -4.75 52.75 -11.75
C LEU E 123 -5.53 53.50 -12.83
N PRO E 124 -5.26 54.80 -13.02
CA PRO E 124 -6.12 55.60 -13.93
C PRO E 124 -5.85 55.37 -15.41
N ARG E 125 -4.58 55.16 -15.79
CA ARG E 125 -4.22 55.12 -17.21
C ARG E 125 -3.39 53.90 -17.56
N VAL E 126 -3.43 52.84 -16.77
CA VAL E 126 -2.70 51.62 -17.11
C VAL E 126 -3.56 50.73 -17.98
N THR E 127 -3.04 50.36 -19.15
CA THR E 127 -3.77 49.58 -20.14
C THR E 127 -3.55 48.08 -19.94
N SER E 128 -2.34 47.66 -19.63
CA SER E 128 -1.99 46.26 -19.50
C SER E 128 -1.57 45.93 -18.07
N LEU E 129 -2.12 44.86 -17.52
CA LEU E 129 -1.74 44.33 -16.22
C LEU E 129 -1.32 42.88 -16.34
N ASP E 130 -0.23 42.53 -15.66
CA ASP E 130 0.26 41.16 -15.61
C ASP E 130 0.57 40.81 -14.16
N LEU E 131 -0.04 39.73 -13.67
CA LEU E 131 0.13 39.27 -12.30
C LEU E 131 0.44 37.78 -12.27
N SER E 132 1.39 37.37 -13.11
CA SER E 132 1.71 35.95 -13.27
C SER E 132 2.77 35.52 -12.27
N GLY E 133 2.51 34.42 -11.58
CA GLY E 133 3.45 33.87 -10.62
C GLY E 133 3.55 34.62 -9.30
N ASN E 134 2.58 35.45 -8.97
CA ASN E 134 2.60 36.21 -7.73
C ASN E 134 1.83 35.55 -6.61
N SER E 135 1.32 34.34 -6.83
CA SER E 135 0.60 33.55 -5.83
C SER E 135 -0.62 34.29 -5.29
N LEU E 136 -1.44 34.77 -6.21
CA LEU E 136 -2.72 35.39 -5.86
C LEU E 136 -3.71 34.30 -5.46
N TYR E 137 -4.19 34.36 -4.23
CA TYR E 137 -5.22 33.45 -3.77
C TYR E 137 -6.59 34.11 -3.87
N SER E 138 -7.62 33.28 -3.79
CA SER E 138 -8.99 33.79 -3.87
C SER E 138 -9.33 34.55 -2.61
N GLY E 139 -9.32 35.88 -2.70
CA GLY E 139 -9.57 36.76 -1.57
C GLY E 139 -8.69 37.98 -1.52
N LEU E 140 -7.58 38.01 -2.26
CA LEU E 140 -6.69 39.17 -2.21
C LEU E 140 -7.06 40.20 -3.28
N LEU E 141 -7.72 39.74 -4.36
CA LEU E 141 -7.97 40.63 -5.49
C LEU E 141 -9.00 41.70 -5.17
N GLU E 142 -9.96 41.40 -4.27
CA GLU E 142 -10.97 42.39 -3.92
C GLU E 142 -10.35 43.58 -3.20
N ARG E 143 -9.44 43.32 -2.26
CA ARG E 143 -8.80 44.41 -1.53
C ARG E 143 -7.69 45.04 -2.35
N LEU E 144 -7.03 44.28 -3.22
CA LEU E 144 -5.92 44.81 -4.01
C LEU E 144 -6.41 45.72 -5.14
N LEU E 145 -7.46 45.32 -5.84
CA LEU E 145 -7.92 46.04 -7.01
C LEU E 145 -8.99 47.06 -6.60
N GLY E 146 -8.73 48.33 -6.90
CA GLY E 146 -9.68 49.39 -6.62
C GLY E 146 -10.51 49.74 -7.83
N GLU E 147 -10.35 50.96 -8.34
CA GLU E 147 -11.03 51.42 -9.54
C GLU E 147 -10.03 51.61 -10.66
N ALA E 148 -10.32 51.00 -11.81
CA ALA E 148 -9.48 51.12 -13.00
C ALA E 148 -10.29 50.83 -14.25
N PRO E 149 -11.01 51.81 -14.78
CA PRO E 149 -11.86 51.58 -15.96
C PRO E 149 -11.15 51.71 -17.30
N SER E 150 -9.81 51.70 -17.33
CA SER E 150 -9.08 51.97 -18.56
C SER E 150 -7.97 50.95 -18.81
N LEU E 151 -8.23 49.67 -18.56
CA LEU E 151 -7.27 48.62 -18.85
C LEU E 151 -7.78 47.76 -20.00
N HIS E 152 -6.86 47.17 -20.76
CA HIS E 152 -7.21 46.30 -21.88
C HIS E 152 -6.92 44.84 -21.56
N THR E 153 -5.70 44.55 -21.09
CA THR E 153 -5.26 43.18 -20.83
C THR E 153 -4.98 43.01 -19.33
N LEU E 154 -5.61 42.00 -18.74
CA LEU E 154 -5.34 41.59 -17.36
C LEU E 154 -4.93 40.13 -17.37
N SER E 155 -3.78 39.83 -16.76
CA SER E 155 -3.26 38.47 -16.72
C SER E 155 -3.10 38.05 -15.26
N LEU E 156 -3.98 37.15 -14.83
CA LEU E 156 -3.89 36.54 -13.49
C LEU E 156 -3.38 35.11 -13.57
N ALA E 157 -2.47 34.84 -14.49
CA ALA E 157 -1.98 33.49 -14.72
C ALA E 157 -1.05 33.05 -13.59
N GLU E 158 -0.81 31.74 -13.54
CA GLU E 158 0.20 31.13 -12.66
C GLU E 158 -0.01 31.51 -11.20
N ASN E 159 -1.28 31.63 -10.80
CA ASN E 159 -1.59 32.03 -9.43
C ASN E 159 -2.36 30.92 -8.73
N SER E 160 -2.82 31.19 -7.51
CA SER E 160 -3.47 30.20 -6.67
C SER E 160 -4.94 30.54 -6.43
N LEU E 161 -5.59 31.14 -7.43
CA LEU E 161 -6.99 31.51 -7.33
C LEU E 161 -7.84 30.25 -7.29
N THR E 162 -8.76 30.18 -6.32
CA THR E 162 -9.61 29.02 -6.13
C THR E 162 -11.06 29.27 -6.54
N ARG E 163 -11.59 30.45 -6.25
CA ARG E 163 -12.97 30.79 -6.60
C ARG E 163 -12.99 32.17 -7.24
N LEU E 164 -13.72 32.30 -8.35
CA LEU E 164 -13.95 33.60 -8.99
C LEU E 164 -15.27 34.14 -8.49
N THR E 165 -15.21 34.89 -7.39
CA THR E 165 -16.38 35.47 -6.75
C THR E 165 -16.90 36.62 -7.61
N ARG E 166 -18.20 36.92 -7.48
CA ARG E 166 -18.80 38.05 -8.18
C ARG E 166 -18.11 39.37 -7.87
N HIS E 167 -17.56 39.51 -6.66
CA HIS E 167 -16.88 40.73 -6.24
C HIS E 167 -15.42 40.78 -6.65
N THR E 168 -14.92 39.76 -7.35
CA THR E 168 -13.52 39.77 -7.78
C THR E 168 -13.30 40.78 -8.90
N PHE E 169 -14.20 40.83 -9.88
CA PHE E 169 -14.12 41.76 -10.99
C PHE E 169 -15.19 42.83 -10.83
N ARG E 170 -14.77 44.09 -10.77
CA ARG E 170 -15.69 45.20 -10.59
C ARG E 170 -15.03 46.49 -11.03
N ASP E 171 -15.86 47.41 -11.53
CA ASP E 171 -15.44 48.76 -11.93
C ASP E 171 -14.37 48.74 -13.01
N MET E 172 -14.38 47.72 -13.87
CA MET E 172 -13.42 47.61 -14.97
C MET E 172 -14.12 47.17 -16.25
N PRO E 173 -14.92 48.06 -16.85
CA PRO E 173 -15.72 47.66 -18.01
C PRO E 173 -14.98 47.77 -19.33
N ALA E 174 -13.67 47.92 -19.28
CA ALA E 174 -12.86 48.06 -20.49
C ALA E 174 -12.02 46.82 -20.80
N LEU E 175 -12.15 45.75 -20.01
CA LEU E 175 -11.31 44.58 -20.21
C LEU E 175 -11.65 43.87 -21.52
N GLU E 176 -10.61 43.47 -22.24
CA GLU E 176 -10.76 42.74 -23.50
C GLU E 176 -9.90 41.48 -23.52
N GLN E 177 -8.94 41.37 -22.62
CA GLN E 177 -7.98 40.26 -22.57
C GLN E 177 -7.86 39.82 -21.12
N LEU E 178 -8.46 38.71 -20.76
CA LEU E 178 -8.36 38.14 -19.43
C LEU E 178 -7.64 36.81 -19.50
N ASP E 179 -6.51 36.70 -18.79
CA ASP E 179 -5.68 35.51 -18.79
C ASP E 179 -5.70 34.91 -17.39
N LEU E 180 -6.27 33.71 -17.28
CA LEU E 180 -6.42 33.06 -15.98
C LEU E 180 -5.88 31.63 -15.97
N HIS E 181 -4.93 31.31 -16.83
CA HIS E 181 -4.46 29.93 -16.89
C HIS E 181 -3.56 29.61 -15.72
N SER E 182 -3.32 28.30 -15.52
CA SER E 182 -2.52 27.77 -14.42
C SER E 182 -3.07 28.17 -13.05
N ASN E 183 -4.39 28.31 -12.94
CA ASN E 183 -5.06 28.61 -11.68
C ASN E 183 -5.69 27.32 -11.14
N VAL E 184 -6.30 27.44 -9.96
CA VAL E 184 -6.78 26.27 -9.24
C VAL E 184 -8.29 26.49 -9.04
N LEU E 185 -8.93 27.10 -10.03
CA LEU E 185 -10.34 27.41 -9.93
C LEU E 185 -11.19 26.16 -10.10
N MET E 186 -12.08 25.89 -9.13
CA MET E 186 -13.10 24.87 -9.28
C MET E 186 -14.50 25.39 -9.48
N ASP E 187 -14.80 26.61 -9.03
CA ASP E 187 -16.17 27.10 -9.03
C ASP E 187 -16.20 28.53 -9.56
N ILE E 188 -17.22 28.81 -10.38
CA ILE E 188 -17.49 30.15 -10.90
C ILE E 188 -18.98 30.41 -10.75
N GLU E 189 -19.34 31.49 -10.08
CA GLU E 189 -20.75 31.81 -9.87
C GLU E 189 -21.40 32.31 -11.16
N ASP E 190 -22.73 32.36 -11.14
CA ASP E 190 -23.50 32.74 -12.33
C ASP E 190 -23.25 34.19 -12.74
N GLY E 191 -22.98 35.07 -11.80
CA GLY E 191 -22.75 36.46 -12.13
C GLY E 191 -21.33 36.91 -11.87
N ALA E 192 -20.38 35.98 -11.95
CA ALA E 192 -18.98 36.31 -11.70
C ALA E 192 -18.42 37.20 -12.79
N PHE E 193 -18.82 36.96 -14.04
CA PHE E 193 -18.31 37.73 -15.18
C PHE E 193 -19.26 38.83 -15.61
N GLU E 194 -20.31 39.11 -14.83
CA GLU E 194 -21.24 40.19 -15.17
C GLU E 194 -20.61 41.56 -15.01
N GLY E 195 -19.54 41.67 -14.22
CA GLY E 195 -18.80 42.92 -14.10
C GLY E 195 -17.86 43.21 -15.25
N LEU E 196 -17.87 42.37 -16.29
CA LEU E 196 -17.02 42.53 -17.47
C LEU E 196 -17.92 42.51 -18.70
N PRO E 197 -18.58 43.64 -19.01
CA PRO E 197 -19.53 43.65 -20.13
C PRO E 197 -18.88 43.54 -21.50
N ARG E 198 -17.58 43.81 -21.62
CA ARG E 198 -16.90 43.80 -22.91
C ARG E 198 -15.78 42.77 -22.98
N LEU E 199 -15.83 41.74 -22.16
CA LEU E 199 -14.82 40.68 -22.21
C LEU E 199 -15.02 39.83 -23.46
N THR E 200 -13.94 39.64 -24.22
CA THR E 200 -13.98 38.87 -25.46
C THR E 200 -13.09 37.64 -25.43
N HIS E 201 -11.85 37.77 -24.98
CA HIS E 201 -10.93 36.63 -24.87
C HIS E 201 -10.79 36.25 -23.41
N LEU E 202 -10.97 34.96 -23.12
CA LEU E 202 -10.83 34.42 -21.77
C LEU E 202 -10.06 33.12 -21.83
N ASN E 203 -8.94 33.06 -21.12
CA ASN E 203 -8.11 31.86 -21.06
C ASN E 203 -8.25 31.25 -19.67
N LEU E 204 -8.85 30.07 -19.60
CA LEU E 204 -8.97 29.32 -18.35
C LEU E 204 -8.30 27.95 -18.47
N SER E 205 -7.19 27.89 -19.20
CA SER E 205 -6.47 26.64 -19.36
C SER E 205 -5.81 26.23 -18.06
N ARG E 206 -5.47 24.93 -17.97
CA ARG E 206 -4.68 24.39 -16.86
C ARG E 206 -5.36 24.66 -15.51
N ASN E 207 -6.68 24.49 -15.47
CA ASN E 207 -7.49 24.73 -14.29
C ASN E 207 -8.06 23.41 -13.78
N SER E 208 -8.92 23.51 -12.77
CA SER E 208 -9.61 22.37 -12.18
C SER E 208 -11.12 22.62 -12.17
N LEU E 209 -11.64 23.12 -13.28
CA LEU E 209 -12.95 23.77 -13.29
C LEU E 209 -14.12 22.80 -13.21
N THR E 210 -13.87 21.49 -13.39
CA THR E 210 -14.87 20.42 -13.47
C THR E 210 -16.17 20.82 -14.16
N CYS E 211 -17.31 20.50 -13.57
CA CYS E 211 -18.61 20.71 -14.21
C CYS E 211 -18.87 22.19 -14.51
N ILE E 212 -19.42 22.45 -15.70
CA ILE E 212 -19.87 23.78 -16.11
C ILE E 212 -21.26 23.61 -16.72
N SER E 213 -22.24 24.35 -16.20
CA SER E 213 -23.63 24.12 -16.55
C SER E 213 -24.31 25.29 -17.25
N ASP E 214 -23.79 26.50 -17.15
CA ASP E 214 -24.46 27.65 -17.75
C ASP E 214 -23.43 28.54 -18.42
N PHE E 215 -23.78 29.08 -19.59
CA PHE E 215 -22.95 30.02 -20.33
C PHE E 215 -23.78 31.26 -20.62
N SER E 216 -23.30 32.43 -20.18
CA SER E 216 -24.03 33.67 -20.37
C SER E 216 -23.11 34.83 -20.72
N LEU E 217 -22.01 34.57 -21.41
CA LEU E 217 -21.05 35.61 -21.81
C LEU E 217 -21.28 35.89 -23.30
N GLN E 218 -22.08 36.91 -23.59
CA GLN E 218 -22.45 37.20 -24.98
C GLN E 218 -21.29 37.82 -25.75
N GLN E 219 -20.51 38.68 -25.10
CA GLN E 219 -19.42 39.41 -25.76
C GLN E 219 -18.17 38.56 -25.95
N LEU E 220 -18.13 37.36 -25.39
CA LEU E 220 -16.92 36.54 -25.45
C LEU E 220 -16.66 36.06 -26.88
N ARG E 221 -15.40 36.17 -27.31
CA ARG E 221 -14.95 35.69 -28.61
C ARG E 221 -14.09 34.45 -28.52
N VAL E 222 -13.11 34.43 -27.62
CA VAL E 222 -12.13 33.35 -27.52
C VAL E 222 -12.22 32.78 -26.11
N LEU E 223 -12.40 31.45 -26.02
CA LEU E 223 -12.43 30.76 -24.75
C LEU E 223 -11.49 29.56 -24.82
N ASP E 224 -10.67 29.39 -23.78
CA ASP E 224 -9.70 28.29 -23.72
C ASP E 224 -9.92 27.55 -22.40
N LEU E 225 -10.75 26.51 -22.44
CA LEU E 225 -11.04 25.68 -21.28
C LEU E 225 -10.22 24.39 -21.29
N SER E 226 -9.01 24.43 -21.84
CA SER E 226 -8.20 23.23 -21.97
C SER E 226 -7.61 22.82 -20.63
N CYS E 227 -7.19 21.55 -20.57
CA CYS E 227 -6.44 21.00 -19.43
C CYS E 227 -7.20 21.14 -18.12
N ASN E 228 -8.51 20.90 -18.16
CA ASN E 228 -9.36 20.94 -16.98
C ASN E 228 -9.96 19.55 -16.74
N SER E 229 -10.87 19.47 -15.78
CA SER E 229 -11.54 18.22 -15.42
C SER E 229 -13.02 18.30 -15.76
N ILE E 230 -13.35 19.01 -16.84
CA ILE E 230 -14.74 19.26 -17.18
C ILE E 230 -15.39 17.98 -17.70
N GLU E 231 -16.52 17.61 -17.10
CA GLU E 231 -17.27 16.43 -17.51
C GLU E 231 -18.56 16.77 -18.24
N ALA E 232 -19.10 17.97 -18.03
CA ALA E 232 -20.31 18.42 -18.70
C ALA E 232 -20.16 19.88 -19.09
N PHE E 233 -20.67 20.24 -20.26
CA PHE E 233 -20.61 21.61 -20.77
C PHE E 233 -21.99 21.95 -21.34
N GLN E 234 -22.80 22.66 -20.55
CA GLN E 234 -24.13 23.06 -20.94
C GLN E 234 -24.20 24.57 -21.03
N THR E 235 -24.97 25.08 -21.99
CA THR E 235 -25.15 26.50 -22.21
C THR E 235 -26.59 26.90 -21.88
N ALA E 236 -26.91 28.18 -22.09
CA ALA E 236 -28.24 28.67 -21.83
C ALA E 236 -29.22 28.15 -22.87
N SER E 237 -30.50 28.09 -22.48
CA SER E 237 -31.57 27.61 -23.33
C SER E 237 -32.40 28.79 -23.81
N GLN E 238 -32.57 28.90 -25.12
CA GLN E 238 -33.29 29.98 -25.81
C GLN E 238 -32.77 31.35 -25.38
N PRO E 239 -31.57 31.73 -25.79
CA PRO E 239 -31.05 33.05 -25.40
C PRO E 239 -31.78 34.17 -26.12
N GLN E 240 -31.77 35.35 -25.49
CA GLN E 240 -32.36 36.53 -26.11
C GLN E 240 -31.59 36.93 -27.37
N ALA E 241 -30.26 36.86 -27.32
CA ALA E 241 -29.41 37.14 -28.46
C ALA E 241 -28.40 36.02 -28.64
N GLU E 242 -28.03 35.78 -29.89
CA GLU E 242 -27.06 34.73 -30.18
C GLU E 242 -25.67 35.09 -29.65
N PHE E 243 -24.94 34.08 -29.24
CA PHE E 243 -23.62 34.28 -28.67
C PHE E 243 -22.61 34.64 -29.77
N GLN E 244 -21.45 35.15 -29.33
CA GLN E 244 -20.42 35.60 -30.24
C GLN E 244 -19.13 34.80 -30.11
N LEU E 245 -19.17 33.63 -29.48
CA LEU E 245 -17.97 32.83 -29.30
C LEU E 245 -17.53 32.22 -30.62
N THR E 246 -16.24 32.36 -30.94
CA THR E 246 -15.69 31.86 -32.19
C THR E 246 -14.49 30.93 -31.97
N TRP E 247 -14.17 30.60 -30.72
CA TRP E 247 -12.98 29.81 -30.45
C TRP E 247 -13.18 29.12 -29.11
N LEU E 248 -13.03 27.80 -29.08
CA LEU E 248 -13.34 27.03 -27.88
C LEU E 248 -12.45 25.80 -27.80
N ASP E 249 -11.59 25.74 -26.78
CA ASP E 249 -10.88 24.52 -26.43
C ASP E 249 -11.67 23.80 -25.34
N LEU E 250 -12.00 22.54 -25.59
CA LEU E 250 -12.51 21.64 -24.57
C LEU E 250 -11.64 20.39 -24.47
N ARG E 251 -10.36 20.52 -24.81
CA ARG E 251 -9.44 19.40 -24.86
C ARG E 251 -8.90 19.07 -23.48
N GLU E 252 -8.34 17.86 -23.37
CA GLU E 252 -7.70 17.36 -22.16
C GLU E 252 -8.62 17.44 -20.95
N ASN E 253 -9.87 17.05 -21.15
CA ASN E 253 -10.92 17.08 -20.14
C ASN E 253 -11.51 15.68 -19.99
N LYS E 254 -12.61 15.60 -19.24
CA LYS E 254 -13.29 14.33 -19.00
C LYS E 254 -14.72 14.38 -19.50
N LEU E 255 -14.94 15.04 -20.64
CA LEU E 255 -16.29 15.23 -21.18
C LEU E 255 -16.83 13.90 -21.70
N LEU E 256 -17.92 13.43 -21.09
CA LEU E 256 -18.50 12.15 -21.46
C LEU E 256 -19.34 12.23 -22.74
N HIS E 257 -19.86 13.41 -23.08
CA HIS E 257 -20.75 13.56 -24.22
C HIS E 257 -20.33 14.75 -25.06
N PHE E 258 -20.76 14.75 -26.32
CA PHE E 258 -20.59 15.93 -27.16
C PHE E 258 -21.50 17.03 -26.63
N PRO E 259 -20.97 18.17 -26.23
CA PRO E 259 -21.82 19.21 -25.62
C PRO E 259 -22.73 19.86 -26.66
N ASP E 260 -23.85 20.39 -26.18
CA ASP E 260 -24.85 21.02 -27.04
C ASP E 260 -24.42 22.46 -27.30
N LEU E 261 -23.82 22.68 -28.47
CA LEU E 261 -23.38 24.00 -28.90
C LEU E 261 -24.30 24.61 -29.95
N ALA E 262 -25.61 24.36 -29.87
CA ALA E 262 -26.55 25.01 -30.76
C ALA E 262 -26.71 26.50 -30.47
N ALA E 263 -26.27 26.94 -29.29
CA ALA E 263 -26.33 28.35 -28.91
C ALA E 263 -25.04 29.10 -29.25
N LEU E 264 -24.12 28.46 -29.97
CA LEU E 264 -22.85 29.07 -30.35
C LEU E 264 -22.72 28.95 -31.87
N PRO E 265 -23.40 29.83 -32.62
CA PRO E 265 -23.37 29.71 -34.09
C PRO E 265 -22.14 30.31 -34.74
N ARG E 266 -21.41 31.19 -34.05
CA ARG E 266 -20.24 31.84 -34.62
C ARG E 266 -18.95 31.08 -34.40
N LEU E 267 -19.02 29.87 -33.87
CA LEU E 267 -17.82 29.09 -33.57
C LEU E 267 -17.17 28.62 -34.87
N ILE E 268 -15.83 28.76 -34.95
CA ILE E 268 -15.10 28.33 -36.12
C ILE E 268 -14.03 27.29 -35.77
N TYR E 269 -13.54 27.26 -34.52
CA TYR E 269 -12.55 26.30 -34.07
C TYR E 269 -13.05 25.63 -32.79
N LEU E 270 -12.91 24.31 -32.72
CA LEU E 270 -13.43 23.54 -31.59
C LEU E 270 -12.54 22.32 -31.38
N ASN E 271 -11.72 22.35 -30.33
CA ASN E 271 -10.86 21.22 -29.98
C ASN E 271 -11.51 20.45 -28.85
N LEU E 272 -12.01 19.26 -29.16
CA LEU E 272 -12.64 18.36 -28.19
C LEU E 272 -11.81 17.11 -27.97
N SER E 273 -10.51 17.16 -28.21
CA SER E 273 -9.68 15.98 -28.14
C SER E 273 -9.42 15.58 -26.68
N ASN E 274 -8.88 14.37 -26.51
CA ASN E 274 -8.43 13.84 -25.21
C ASN E 274 -9.54 13.81 -24.18
N ASN E 275 -10.77 13.57 -24.62
CA ASN E 275 -11.94 13.46 -23.75
C ASN E 275 -12.61 12.12 -24.01
N LEU E 276 -13.82 11.96 -23.46
CA LEU E 276 -14.50 10.68 -23.53
C LEU E 276 -15.85 10.77 -24.25
N ILE E 277 -15.89 11.43 -25.41
CA ILE E 277 -17.15 11.61 -26.13
C ILE E 277 -17.62 10.26 -26.67
N ARG E 278 -18.82 9.85 -26.34
CA ARG E 278 -19.35 8.60 -26.95
C ARG E 278 -20.57 9.10 -27.71
N LEU E 279 -20.36 9.52 -28.94
CA LEU E 279 -21.49 10.17 -29.64
C LEU E 279 -22.67 9.22 -29.60
N PRO E 280 -23.86 9.67 -29.13
CA PRO E 280 -25.02 8.79 -28.99
C PRO E 280 -25.37 8.07 -30.31
N SER E 315 -23.37 24.75 -37.28
CA SER E 315 -23.78 25.14 -38.62
C SER E 315 -22.66 25.88 -39.35
N GLN E 316 -21.87 26.64 -38.61
CA GLN E 316 -20.76 27.40 -39.17
C GLN E 316 -19.41 26.90 -38.63
N LEU E 317 -19.37 25.69 -38.09
CA LEU E 317 -18.12 25.13 -37.58
C LEU E 317 -17.19 24.76 -38.72
N LEU E 318 -15.91 25.02 -38.53
CA LEU E 318 -14.89 24.73 -39.55
C LEU E 318 -13.86 23.71 -39.08
N ASN E 319 -13.23 23.95 -37.93
CA ASN E 319 -12.19 23.06 -37.41
C ASN E 319 -12.77 22.29 -36.23
N LEU E 320 -12.65 20.96 -36.28
CA LEU E 320 -13.18 20.09 -35.24
C LEU E 320 -12.16 19.00 -34.96
N ASP E 321 -11.71 18.92 -33.71
CA ASP E 321 -10.71 17.94 -33.29
C ASP E 321 -11.39 16.98 -32.30
N LEU E 322 -11.84 15.83 -32.81
CA LEU E 322 -12.46 14.81 -31.98
C LEU E 322 -11.53 13.63 -31.70
N SER E 323 -10.24 13.89 -31.55
CA SER E 323 -9.27 12.82 -31.33
C SER E 323 -9.38 12.26 -29.92
N TYR E 324 -8.82 11.06 -29.75
CA TYR E 324 -8.60 10.42 -28.44
C TYR E 324 -9.89 10.27 -27.63
N ASN E 325 -10.97 9.88 -28.30
CA ASN E 325 -12.26 9.75 -27.64
C ASN E 325 -12.74 8.30 -27.76
N GLU E 326 -13.91 8.05 -27.16
CA GLU E 326 -14.57 6.75 -27.20
C GLU E 326 -15.72 6.75 -28.19
N ILE E 327 -15.54 7.44 -29.32
CA ILE E 327 -16.58 7.51 -30.34
C ILE E 327 -16.69 6.16 -31.04
N GLU E 328 -17.85 5.53 -30.91
CA GLU E 328 -18.08 4.22 -31.50
C GLU E 328 -19.02 4.23 -32.70
N LEU E 329 -19.91 5.22 -32.79
CA LEU E 329 -20.83 5.32 -33.92
C LEU E 329 -21.05 6.79 -34.25
N ILE E 330 -21.43 7.04 -35.50
CA ILE E 330 -21.74 8.39 -35.95
C ILE E 330 -23.23 8.47 -36.31
N PRO E 331 -24.03 9.21 -35.55
CA PRO E 331 -25.46 9.30 -35.87
C PRO E 331 -25.70 10.04 -37.19
N ASP E 332 -26.76 9.63 -37.88
CA ASP E 332 -27.12 10.27 -39.13
C ASP E 332 -27.61 11.70 -38.91
N SER E 333 -28.42 11.92 -37.88
CA SER E 333 -28.90 13.26 -37.57
C SER E 333 -27.76 14.19 -37.19
N PHE E 334 -26.76 13.66 -36.48
CA PHE E 334 -25.55 14.42 -36.19
C PHE E 334 -24.83 14.82 -37.46
N LEU E 335 -24.93 14.02 -38.52
CA LEU E 335 -24.39 14.39 -39.82
C LEU E 335 -25.30 15.32 -40.59
N GLU E 336 -26.56 15.48 -40.18
CA GLU E 336 -27.49 16.32 -40.92
C GLU E 336 -27.16 17.80 -40.74
N HIS E 337 -26.88 18.22 -39.50
CA HIS E 337 -26.57 19.60 -39.21
C HIS E 337 -25.09 19.93 -39.32
N LEU E 338 -24.24 18.93 -39.49
CA LEU E 338 -22.80 19.17 -39.60
C LEU E 338 -22.47 19.55 -41.03
N THR E 339 -22.06 20.80 -41.23
CA THR E 339 -21.76 21.32 -42.55
C THR E 339 -20.73 22.42 -42.44
N SER E 340 -20.13 22.76 -43.58
CA SER E 340 -19.14 23.84 -43.74
C SER E 340 -17.86 23.60 -42.96
N LEU E 341 -17.63 22.37 -42.50
CA LEU E 341 -16.36 22.04 -41.86
C LEU E 341 -15.28 21.95 -42.92
N CYS E 342 -14.07 22.40 -42.57
CA CYS E 342 -12.93 22.32 -43.48
C CYS E 342 -11.89 21.32 -42.97
N PHE E 343 -11.47 21.46 -41.72
CA PHE E 343 -10.46 20.59 -41.13
C PHE E 343 -11.12 19.68 -40.09
N LEU E 344 -10.58 18.48 -39.95
CA LEU E 344 -11.13 17.50 -39.01
C LEU E 344 -10.07 16.48 -38.65
N ASN E 345 -9.81 16.32 -37.37
CA ASN E 345 -9.03 15.19 -36.85
C ASN E 345 -9.96 14.36 -35.98
N LEU E 346 -10.08 13.08 -36.30
CA LEU E 346 -10.86 12.14 -35.50
C LEU E 346 -10.06 10.84 -35.37
N SER E 347 -8.77 10.99 -35.09
CA SER E 347 -7.86 9.87 -35.00
C SER E 347 -7.86 9.28 -33.60
N ARG E 348 -7.38 8.02 -33.52
CA ARG E 348 -7.19 7.31 -32.25
C ARG E 348 -8.51 7.19 -31.47
N ASN E 349 -9.49 6.60 -32.14
CA ASN E 349 -10.81 6.33 -31.55
C ASN E 349 -11.18 4.86 -31.72
N CYS E 350 -12.42 4.52 -31.43
CA CYS E 350 -12.91 3.14 -31.51
C CYS E 350 -14.22 3.07 -32.29
N LEU E 351 -14.24 3.69 -33.47
CA LEU E 351 -15.43 3.70 -34.30
C LEU E 351 -15.77 2.30 -34.80
N ARG E 352 -17.06 2.10 -35.09
CA ARG E 352 -17.57 0.83 -35.60
C ARG E 352 -18.09 0.94 -37.03
N THR E 353 -19.01 1.87 -37.28
CA THR E 353 -19.61 2.04 -38.61
C THR E 353 -19.55 3.52 -38.98
N PHE E 354 -19.07 3.79 -40.19
CA PHE E 354 -18.99 5.16 -40.72
C PHE E 354 -19.50 5.15 -42.15
N GLU E 355 -20.79 5.46 -42.32
CA GLU E 355 -21.41 5.48 -43.64
C GLU E 355 -21.98 6.88 -43.90
N ALA E 356 -21.60 7.46 -45.03
CA ALA E 356 -22.14 8.76 -45.45
C ALA E 356 -23.26 8.55 -46.47
N ARG E 357 -24.33 7.89 -46.02
CA ARG E 357 -25.44 7.56 -46.91
C ARG E 357 -26.31 8.77 -47.24
N ARG E 358 -26.28 9.81 -46.43
CA ARG E 358 -27.10 10.98 -46.70
C ARG E 358 -26.52 11.79 -47.85
N LEU E 359 -27.40 12.23 -48.75
CA LEU E 359 -26.97 13.02 -49.90
C LEU E 359 -26.71 14.45 -49.49
N GLY E 360 -25.64 15.03 -50.02
CA GLY E 360 -25.26 16.39 -49.71
C GLY E 360 -24.47 16.56 -48.43
N SER E 361 -24.20 15.48 -47.70
CA SER E 361 -23.43 15.57 -46.46
C SER E 361 -21.96 15.81 -46.77
N LEU E 362 -21.30 16.53 -45.85
CA LEU E 362 -19.88 16.85 -45.90
C LEU E 362 -19.52 17.60 -47.17
N PRO E 363 -19.93 18.87 -47.31
CA PRO E 363 -19.78 19.57 -48.59
C PRO E 363 -18.39 20.12 -48.86
N CYS E 364 -17.69 20.61 -47.82
CA CYS E 364 -16.47 21.37 -48.03
C CYS E 364 -15.35 20.91 -47.10
N LEU E 365 -15.36 19.64 -46.72
CA LEU E 365 -14.33 19.10 -45.84
C LEU E 365 -13.01 18.99 -46.60
N MET E 366 -12.08 19.89 -46.30
CA MET E 366 -10.76 19.87 -46.94
C MET E 366 -9.84 18.83 -46.34
N LEU E 367 -10.19 18.26 -45.19
CA LEU E 367 -9.36 17.23 -44.57
C LEU E 367 -10.24 16.40 -43.65
N LEU E 368 -9.92 15.11 -43.57
CA LEU E 368 -10.67 14.19 -42.70
C LEU E 368 -9.71 13.09 -42.28
N ASP E 369 -9.52 12.95 -40.97
CA ASP E 369 -8.61 11.95 -40.41
C ASP E 369 -9.44 10.91 -39.67
N LEU E 370 -9.30 9.65 -40.07
CA LEU E 370 -10.01 8.53 -39.45
C LEU E 370 -9.04 7.45 -38.98
N SER E 371 -7.79 7.83 -38.72
CA SER E 371 -6.75 6.85 -38.45
C SER E 371 -6.87 6.28 -37.05
N HIS E 372 -6.25 5.10 -36.86
CA HIS E 372 -6.15 4.41 -35.58
C HIS E 372 -7.52 4.12 -34.96
N ASN E 373 -8.49 3.77 -35.80
CA ASN E 373 -9.81 3.37 -35.37
C ASN E 373 -10.02 1.88 -35.65
N ALA E 374 -11.23 1.40 -35.41
CA ALA E 374 -11.57 -0.01 -35.57
C ALA E 374 -12.77 -0.17 -36.50
N LEU E 375 -12.73 0.52 -37.63
CA LEU E 375 -13.81 0.43 -38.61
C LEU E 375 -13.69 -0.86 -39.41
N GLU E 376 -14.76 -1.64 -39.45
CA GLU E 376 -14.76 -2.87 -40.24
C GLU E 376 -15.49 -2.70 -41.58
N THR E 377 -16.48 -1.79 -41.62
CA THR E 377 -17.24 -1.52 -42.82
C THR E 377 -17.49 -0.03 -42.94
N LEU E 378 -17.30 0.50 -44.15
CA LEU E 378 -17.62 1.88 -44.46
C LEU E 378 -18.34 1.95 -45.80
N GLU E 379 -19.37 2.78 -45.89
CA GLU E 379 -20.18 2.93 -47.10
C GLU E 379 -20.34 4.41 -47.38
N LEU E 380 -19.39 4.96 -48.14
CA LEU E 380 -19.43 6.37 -48.50
C LEU E 380 -20.40 6.59 -49.66
N GLY E 381 -21.26 7.60 -49.53
CA GLY E 381 -22.25 7.85 -50.55
C GLY E 381 -21.65 8.43 -51.82
N ALA E 382 -22.44 8.36 -52.89
CA ALA E 382 -22.00 8.86 -54.19
C ALA E 382 -22.22 10.35 -54.29
N ARG E 383 -21.18 11.07 -54.73
CA ARG E 383 -21.22 12.53 -54.95
C ARG E 383 -21.61 13.28 -53.67
N ALA E 384 -21.12 12.81 -52.54
CA ALA E 384 -21.35 13.47 -51.25
C ALA E 384 -20.06 13.99 -50.65
N LEU E 385 -19.04 13.13 -50.48
CA LEU E 385 -17.75 13.53 -49.94
C LEU E 385 -16.77 13.63 -51.10
N GLY E 386 -16.79 14.80 -51.76
CA GLY E 386 -16.00 14.99 -52.96
C GLY E 386 -14.86 15.97 -52.85
N SER E 387 -14.93 16.89 -51.88
CA SER E 387 -13.92 17.93 -51.73
C SER E 387 -12.77 17.52 -50.82
N LEU E 388 -12.74 16.27 -50.37
CA LEU E 388 -11.71 15.83 -49.44
C LEU E 388 -10.34 15.79 -50.11
N ARG E 389 -9.32 16.18 -49.36
CA ARG E 389 -7.94 16.20 -49.85
C ARG E 389 -7.04 15.18 -49.17
N THR E 390 -7.01 15.13 -47.84
CA THR E 390 -6.12 14.24 -47.11
C THR E 390 -6.94 13.30 -46.25
N LEU E 391 -6.78 11.99 -46.49
CA LEU E 391 -7.52 10.97 -45.77
C LEU E 391 -6.56 9.93 -45.22
N LEU E 392 -6.71 9.61 -43.94
CA LEU E 392 -5.92 8.58 -43.29
C LEU E 392 -6.86 7.56 -42.65
N LEU E 393 -6.61 6.28 -42.90
CA LEU E 393 -7.46 5.21 -42.40
C LEU E 393 -6.63 4.05 -41.88
N GLN E 394 -5.44 4.36 -41.35
CA GLN E 394 -4.56 3.31 -40.86
C GLN E 394 -5.07 2.76 -39.52
N GLY E 395 -4.85 1.46 -39.31
CA GLY E 395 -5.25 0.80 -38.09
C GLY E 395 -6.65 0.23 -38.08
N ASN E 396 -7.43 0.47 -39.14
CA ASN E 396 -8.80 -0.02 -39.17
C ASN E 396 -8.83 -1.53 -39.45
N ALA E 397 -10.00 -2.12 -39.25
CA ALA E 397 -10.20 -3.57 -39.37
C ALA E 397 -11.17 -3.92 -40.49
N LEU E 398 -10.99 -3.28 -41.65
CA LEU E 398 -11.88 -3.50 -42.79
C LEU E 398 -11.76 -4.92 -43.32
N ARG E 399 -12.89 -5.52 -43.67
CA ARG E 399 -12.95 -6.89 -44.15
C ARG E 399 -13.29 -6.97 -45.64
N ASP E 400 -14.42 -6.41 -46.05
CA ASP E 400 -14.88 -6.44 -47.43
C ASP E 400 -15.46 -5.09 -47.81
N LEU E 401 -15.06 -4.58 -48.96
CA LEU E 401 -15.57 -3.31 -49.48
C LEU E 401 -15.88 -3.46 -50.96
N PRO E 402 -16.88 -2.73 -51.46
CA PRO E 402 -17.12 -2.73 -52.90
C PRO E 402 -15.96 -2.11 -53.65
N PRO E 403 -15.69 -2.55 -54.88
CA PRO E 403 -14.57 -1.98 -55.65
C PRO E 403 -14.77 -0.51 -56.00
N TYR E 404 -16.02 -0.06 -56.16
CA TYR E 404 -16.32 1.33 -56.47
C TYR E 404 -16.68 2.13 -55.22
N THR E 405 -16.08 1.80 -54.08
CA THR E 405 -16.30 2.58 -52.86
C THR E 405 -15.75 3.99 -53.00
N PHE E 406 -14.59 4.14 -53.64
CA PHE E 406 -13.96 5.43 -53.80
C PHE E 406 -14.10 5.98 -55.22
N ALA E 407 -14.67 5.21 -56.14
CA ALA E 407 -14.79 5.66 -57.52
C ALA E 407 -15.87 6.72 -57.67
N ASN E 408 -16.96 6.60 -56.91
CA ASN E 408 -18.05 7.56 -57.02
C ASN E 408 -17.69 8.92 -56.44
N LEU E 409 -16.69 8.97 -55.56
CA LEU E 409 -16.28 10.23 -54.96
C LEU E 409 -15.52 11.09 -55.98
N ALA E 410 -15.57 12.40 -55.78
CA ALA E 410 -15.18 13.33 -56.84
C ALA E 410 -13.67 13.55 -56.90
N SER E 411 -13.07 14.15 -55.88
CA SER E 411 -11.74 14.72 -56.00
C SER E 411 -10.87 14.38 -54.79
N LEU E 412 -10.82 13.09 -54.44
CA LEU E 412 -9.84 12.63 -53.45
C LEU E 412 -8.42 12.80 -53.98
N GLN E 413 -7.53 13.28 -53.12
CA GLN E 413 -6.14 13.53 -53.48
C GLN E 413 -5.17 12.59 -52.78
N ARG E 414 -5.26 12.48 -51.46
CA ARG E 414 -4.35 11.64 -50.68
C ARG E 414 -5.19 10.59 -49.94
N LEU E 415 -4.84 9.32 -50.11
CA LEU E 415 -5.59 8.21 -49.53
C LEU E 415 -4.62 7.30 -48.80
N ASN E 416 -4.96 6.93 -47.57
CA ASN E 416 -4.12 6.06 -46.76
C ASN E 416 -4.93 4.86 -46.30
N LEU E 417 -4.38 3.67 -46.50
CA LEU E 417 -5.07 2.42 -46.15
C LEU E 417 -4.09 1.44 -45.50
N GLN E 418 -3.25 1.93 -44.60
CA GLN E 418 -2.28 1.07 -43.94
C GLN E 418 -2.96 0.13 -42.96
N GLY E 419 -2.48 -1.11 -42.91
CA GLY E 419 -2.99 -2.08 -41.95
C GLY E 419 -4.46 -2.41 -42.11
N ASN E 420 -4.97 -2.36 -43.35
CA ASN E 420 -6.38 -2.64 -43.61
C ASN E 420 -6.57 -3.85 -44.52
N ARG E 421 -5.48 -4.36 -45.11
CA ARG E 421 -5.50 -5.51 -46.02
C ARG E 421 -6.50 -5.23 -47.14
N VAL E 422 -6.19 -4.26 -47.98
CA VAL E 422 -7.05 -3.91 -49.11
C VAL E 422 -6.41 -4.46 -50.38
N SER E 423 -7.13 -5.35 -51.07
CA SER E 423 -6.60 -6.01 -52.25
C SER E 423 -6.94 -5.19 -53.49
N PRO E 424 -5.95 -4.75 -54.26
CA PRO E 424 -6.24 -4.02 -55.50
C PRO E 424 -6.94 -4.92 -56.52
N CYS E 425 -7.75 -4.31 -57.36
CA CYS E 425 -8.43 -5.03 -58.43
C CYS E 425 -7.58 -4.97 -59.71
N GLY E 426 -7.95 -5.80 -60.69
CA GLY E 426 -7.22 -5.90 -61.93
C GLY E 426 -7.59 -4.89 -62.99
N GLY E 427 -8.50 -3.98 -62.69
CA GLY E 427 -8.92 -2.97 -63.66
C GLY E 427 -10.04 -3.43 -64.57
N VAL E 437 -10.65 -3.59 -53.85
CA VAL E 437 -11.10 -2.23 -54.09
C VAL E 437 -10.29 -1.61 -55.23
N ALA E 438 -11.00 -1.13 -56.25
CA ALA E 438 -10.34 -0.54 -57.41
C ALA E 438 -9.86 0.87 -57.10
N PHE E 439 -8.62 1.16 -57.45
CA PHE E 439 -8.04 2.49 -57.29
C PHE E 439 -7.81 3.22 -58.60
N SER E 440 -7.97 2.55 -59.74
CA SER E 440 -7.76 3.18 -61.04
C SER E 440 -8.93 4.05 -61.47
N GLY E 441 -10.05 4.00 -60.76
CA GLY E 441 -11.22 4.79 -61.10
C GLY E 441 -11.18 6.23 -60.68
N ILE E 442 -10.14 6.65 -59.95
CA ILE E 442 -9.99 8.03 -59.49
C ILE E 442 -8.85 8.66 -60.29
N THR E 443 -9.17 9.72 -61.03
CA THR E 443 -8.18 10.44 -61.81
C THR E 443 -7.58 11.62 -61.06
N SER E 444 -7.99 11.86 -59.82
CA SER E 444 -7.47 12.95 -59.02
C SER E 444 -6.56 12.50 -57.89
N LEU E 445 -6.39 11.18 -57.71
CA LEU E 445 -5.55 10.68 -56.63
C LEU E 445 -4.09 11.00 -56.88
N ARG E 446 -3.39 11.38 -55.82
CA ARG E 446 -1.99 11.76 -55.90
C ARG E 446 -1.09 10.95 -54.99
N SER E 447 -1.55 10.57 -53.81
CA SER E 447 -0.76 9.79 -52.87
C SER E 447 -1.59 8.61 -52.36
N LEU E 448 -0.98 7.43 -52.33
CA LEU E 448 -1.63 6.24 -51.81
C LEU E 448 -0.60 5.36 -51.13
N SER E 449 -0.93 4.87 -49.94
CA SER E 449 -0.04 4.01 -49.17
C SER E 449 -0.79 2.74 -48.79
N LEU E 450 -0.16 1.59 -49.02
CA LEU E 450 -0.73 0.28 -48.73
C LEU E 450 0.23 -0.55 -47.90
N VAL E 451 0.77 0.06 -46.84
CA VAL E 451 1.76 -0.60 -46.00
C VAL E 451 1.07 -1.64 -45.12
N ASP E 452 1.68 -2.83 -45.04
CA ASP E 452 1.23 -3.92 -44.18
C ASP E 452 -0.19 -4.37 -44.52
N ASN E 453 -0.48 -4.45 -45.81
CA ASN E 453 -1.76 -4.95 -46.29
C ASN E 453 -1.73 -6.41 -46.69
N GLU E 454 -0.57 -7.08 -46.52
CA GLU E 454 -0.40 -8.51 -46.79
C GLU E 454 -0.79 -8.88 -48.23
N ILE E 455 -0.37 -8.04 -49.17
CA ILE E 455 -0.67 -8.26 -50.59
C ILE E 455 0.28 -9.34 -51.09
N GLU E 456 -0.26 -10.53 -51.37
CA GLU E 456 0.57 -11.63 -51.86
C GLU E 456 0.99 -11.43 -53.31
N LEU E 457 0.04 -11.02 -54.16
CA LEU E 457 0.30 -10.83 -55.57
C LEU E 457 -0.38 -9.56 -56.06
N LEU E 458 0.33 -8.78 -56.86
CA LEU E 458 -0.13 -7.46 -57.30
C LEU E 458 -0.76 -7.57 -58.68
N ARG E 459 -1.91 -6.93 -58.85
CA ARG E 459 -2.59 -6.90 -60.14
C ARG E 459 -1.82 -6.05 -61.14
N ALA E 460 -2.03 -6.37 -62.43
CA ALA E 460 -1.41 -5.57 -63.48
C ALA E 460 -2.14 -4.25 -63.67
N GLY E 461 -3.47 -4.25 -63.51
CA GLY E 461 -4.25 -3.04 -63.68
C GLY E 461 -4.59 -2.34 -62.38
N ALA E 462 -3.68 -2.42 -61.40
CA ALA E 462 -3.91 -1.74 -60.12
C ALA E 462 -3.90 -0.23 -60.29
N PHE E 463 -3.00 0.30 -61.11
CA PHE E 463 -2.88 1.72 -61.38
C PHE E 463 -2.82 1.99 -62.88
N LEU E 464 -3.70 1.33 -63.64
CA LEU E 464 -3.72 1.52 -65.09
C LEU E 464 -4.21 2.91 -65.46
N HIS E 465 -5.24 3.41 -64.77
CA HIS E 465 -5.82 4.71 -65.06
C HIS E 465 -5.69 5.69 -63.90
N THR E 466 -4.87 5.38 -62.90
CA THR E 466 -4.72 6.25 -61.74
C THR E 466 -3.40 7.01 -61.85
N PRO E 467 -3.42 8.34 -61.95
CA PRO E 467 -2.16 9.11 -62.03
C PRO E 467 -1.55 9.35 -60.65
N LEU E 468 -1.16 8.26 -60.00
CA LEU E 468 -0.57 8.35 -58.66
C LEU E 468 0.86 8.86 -58.73
N THR E 469 1.24 9.66 -57.73
CA THR E 469 2.61 10.16 -57.63
C THR E 469 3.38 9.58 -56.45
N GLU E 470 2.69 9.24 -55.36
CA GLU E 470 3.33 8.67 -54.17
C GLU E 470 2.73 7.30 -53.91
N LEU E 471 3.57 6.28 -53.92
CA LEU E 471 3.15 4.90 -53.66
C LEU E 471 3.98 4.31 -52.54
N ASP E 472 3.32 3.61 -51.63
CA ASP E 472 3.99 3.01 -50.47
C ASP E 472 3.41 1.62 -50.26
N LEU E 473 4.09 0.61 -50.78
CA LEU E 473 3.71 -0.79 -50.61
C LEU E 473 4.70 -1.52 -49.71
N SER E 474 5.22 -0.81 -48.71
CA SER E 474 6.23 -1.34 -47.82
C SER E 474 5.62 -2.33 -46.83
N SER E 475 6.50 -3.11 -46.17
CA SER E 475 6.14 -4.05 -45.11
C SER E 475 5.10 -5.07 -45.60
N ASN E 476 5.36 -5.65 -46.77
CA ASN E 476 4.48 -6.65 -47.38
C ASN E 476 5.30 -7.89 -47.70
N PRO E 477 5.58 -8.73 -46.71
CA PRO E 477 6.35 -9.96 -46.97
C PRO E 477 5.56 -10.93 -47.84
N GLY E 478 6.30 -11.68 -48.66
CA GLY E 478 5.68 -12.62 -49.57
C GLY E 478 5.00 -11.99 -50.76
N LEU E 479 5.25 -10.71 -51.02
CA LEU E 479 4.62 -10.03 -52.14
C LEU E 479 5.25 -10.48 -53.46
N GLU E 480 4.41 -10.83 -54.42
CA GLU E 480 4.85 -11.21 -55.76
C GLU E 480 4.44 -10.10 -56.73
N VAL E 481 5.40 -9.60 -57.50
CA VAL E 481 5.17 -8.51 -58.43
C VAL E 481 4.95 -9.11 -59.82
N ALA E 482 3.77 -8.85 -60.40
CA ALA E 482 3.46 -9.33 -61.73
C ALA E 482 4.06 -8.40 -62.78
N THR E 483 4.08 -8.88 -64.02
CA THR E 483 4.59 -8.08 -65.12
C THR E 483 3.61 -6.96 -65.46
N GLY E 484 4.12 -5.73 -65.54
CA GLY E 484 3.28 -4.58 -65.80
C GLY E 484 2.30 -4.26 -64.69
N ALA E 485 2.72 -4.43 -63.43
CA ALA E 485 1.84 -4.11 -62.30
C ALA E 485 1.55 -2.62 -62.24
N LEU E 486 2.57 -1.79 -62.48
CA LEU E 486 2.41 -0.34 -62.48
C LEU E 486 2.09 0.10 -63.90
N GLY E 487 0.80 0.25 -64.19
CA GLY E 487 0.34 0.51 -65.54
C GLY E 487 0.69 1.88 -66.09
N GLY E 488 0.10 2.93 -65.52
CA GLY E 488 0.30 4.26 -66.03
C GLY E 488 0.97 5.21 -65.05
N LEU E 489 1.96 4.70 -64.32
CA LEU E 489 2.69 5.49 -63.33
C LEU E 489 4.04 5.96 -63.84
N GLU E 490 4.34 5.74 -65.13
CA GLU E 490 5.66 6.08 -65.65
C GLU E 490 5.91 7.58 -65.65
N ALA E 491 4.88 8.38 -65.98
CA ALA E 491 5.01 9.83 -66.06
C ALA E 491 4.35 10.53 -64.89
N SER E 492 3.95 9.80 -63.85
CA SER E 492 3.28 10.43 -62.71
C SER E 492 3.93 10.10 -61.38
N LEU E 493 4.44 8.89 -61.20
CA LEU E 493 4.99 8.48 -59.92
C LEU E 493 6.27 9.24 -59.60
N GLU E 494 6.39 9.68 -58.35
CA GLU E 494 7.55 10.43 -57.88
C GLU E 494 8.35 9.67 -56.82
N VAL E 495 7.67 9.13 -55.80
CA VAL E 495 8.32 8.38 -54.74
C VAL E 495 7.66 7.01 -54.62
N LEU E 496 8.49 5.98 -54.47
CA LEU E 496 8.03 4.61 -54.30
C LEU E 496 8.78 3.97 -53.14
N ALA E 497 8.05 3.32 -52.24
CA ALA E 497 8.64 2.68 -51.08
C ALA E 497 8.22 1.20 -51.05
N LEU E 498 9.20 0.31 -51.03
CA LEU E 498 8.98 -1.13 -51.00
C LEU E 498 9.83 -1.77 -49.91
N GLN E 499 9.80 -1.16 -48.72
CA GLN E 499 10.64 -1.60 -47.61
C GLN E 499 10.04 -2.82 -46.93
N GLY E 500 10.86 -3.85 -46.73
CA GLY E 500 10.40 -5.06 -46.05
C GLY E 500 9.55 -5.98 -46.88
N ASN E 501 9.48 -5.77 -48.20
CA ASN E 501 8.64 -6.63 -49.03
C ASN E 501 9.27 -7.99 -49.26
N GLY E 502 10.60 -8.07 -49.24
CA GLY E 502 11.29 -9.33 -49.49
C GLY E 502 11.12 -9.85 -50.90
N LEU E 503 11.22 -8.98 -51.90
CA LEU E 503 11.06 -9.38 -53.29
C LEU E 503 12.32 -10.09 -53.77
N MET E 504 12.17 -11.30 -54.27
CA MET E 504 13.31 -12.00 -54.87
C MET E 504 13.65 -11.43 -56.25
N VAL E 505 12.64 -10.92 -56.97
CA VAL E 505 12.84 -10.33 -58.28
C VAL E 505 11.78 -9.24 -58.46
N LEU E 506 12.17 -8.17 -59.16
CA LEU E 506 11.29 -7.05 -59.42
C LEU E 506 10.94 -7.01 -60.90
N GLN E 507 9.66 -7.02 -61.21
CA GLN E 507 9.17 -6.98 -62.59
C GLN E 507 8.85 -5.56 -63.05
N VAL E 508 9.12 -4.56 -62.22
CA VAL E 508 8.86 -3.16 -62.57
C VAL E 508 10.10 -2.59 -63.24
N ASP E 509 9.92 -2.05 -64.44
CA ASP E 509 11.03 -1.44 -65.18
C ASP E 509 11.30 -0.08 -64.56
N LEU E 510 12.27 -0.05 -63.65
CA LEU E 510 12.63 1.19 -62.96
C LEU E 510 13.12 2.31 -63.89
N PRO E 511 14.02 2.09 -64.86
CA PRO E 511 14.54 3.25 -65.63
C PRO E 511 13.51 4.02 -66.43
N CYS E 512 12.45 3.38 -66.92
CA CYS E 512 11.48 4.11 -67.72
C CYS E 512 10.60 5.05 -66.89
N PHE E 513 10.64 4.93 -65.56
CA PHE E 513 9.93 5.87 -64.68
C PHE E 513 10.77 7.13 -64.60
N ILE E 514 10.55 8.04 -65.56
CA ILE E 514 11.37 9.25 -65.64
C ILE E 514 11.04 10.21 -64.50
N CYS E 515 9.80 10.18 -64.01
CA CYS E 515 9.38 11.11 -62.97
C CYS E 515 9.71 10.63 -61.56
N LEU E 516 10.26 9.43 -61.41
CA LEU E 516 10.61 8.92 -60.09
C LEU E 516 11.77 9.70 -59.50
N LYS E 517 11.67 10.00 -58.20
CA LYS E 517 12.69 10.78 -57.51
C LYS E 517 13.31 10.05 -56.33
N ARG E 518 12.53 9.31 -55.54
CA ARG E 518 13.03 8.59 -54.39
C ARG E 518 12.53 7.15 -54.43
N LEU E 519 13.40 6.22 -54.04
CA LEU E 519 13.09 4.80 -54.05
C LEU E 519 13.55 4.16 -52.75
N ASN E 520 12.71 3.27 -52.22
CA ASN E 520 13.02 2.53 -51.00
C ASN E 520 12.90 1.04 -51.29
N LEU E 521 13.99 0.31 -51.06
CA LEU E 521 14.01 -1.13 -51.30
C LEU E 521 14.70 -1.87 -50.16
N ALA E 522 14.58 -1.35 -48.94
CA ALA E 522 15.23 -1.94 -47.79
C ALA E 522 14.56 -3.25 -47.39
N GLU E 523 15.36 -4.15 -46.82
CA GLU E 523 14.90 -5.45 -46.30
C GLU E 523 14.21 -6.27 -47.38
N ASN E 524 14.98 -6.60 -48.42
CA ASN E 524 14.47 -7.37 -49.54
C ASN E 524 15.51 -8.40 -49.96
N ARG E 525 15.06 -9.38 -50.76
CA ARG E 525 15.92 -10.43 -51.27
C ARG E 525 16.34 -10.16 -52.72
N LEU E 526 16.34 -8.89 -53.13
CA LEU E 526 16.69 -8.55 -54.50
C LEU E 526 18.17 -8.76 -54.75
N SER E 527 18.50 -9.43 -55.85
CA SER E 527 19.88 -9.66 -56.25
C SER E 527 20.26 -8.97 -57.55
N HIS E 528 19.28 -8.57 -58.36
CA HIS E 528 19.53 -7.87 -59.62
C HIS E 528 18.49 -6.79 -59.81
N LEU E 529 18.85 -5.78 -60.60
CA LEU E 529 18.01 -4.64 -60.87
C LEU E 529 17.96 -4.40 -62.37
N PRO E 530 16.90 -3.75 -62.88
CA PRO E 530 16.86 -3.42 -64.30
C PRO E 530 17.99 -2.49 -64.71
N ALA E 531 18.46 -2.66 -65.94
CA ALA E 531 19.60 -1.90 -66.44
C ALA E 531 19.19 -0.47 -66.76
N TRP E 532 19.89 0.50 -66.16
CA TRP E 532 19.61 1.91 -66.39
C TRP E 532 20.35 2.35 -67.65
N THR E 533 19.71 2.12 -68.80
CA THR E 533 20.30 2.55 -70.06
C THR E 533 20.34 4.08 -70.17
N GLN E 534 19.29 4.75 -69.69
CA GLN E 534 19.21 6.20 -69.72
C GLN E 534 19.15 6.74 -68.30
N ALA E 535 19.66 7.96 -68.13
CA ALA E 535 19.67 8.60 -66.82
C ALA E 535 18.25 8.97 -66.38
N VAL E 536 18.01 8.89 -65.08
CA VAL E 536 16.71 9.21 -64.51
C VAL E 536 16.88 10.32 -63.48
N SER E 537 15.78 10.73 -62.85
CA SER E 537 15.78 11.81 -61.87
C SER E 537 15.74 11.29 -60.44
N LEU E 538 16.32 10.11 -60.19
CA LEU E 538 16.32 9.55 -58.85
C LEU E 538 17.27 10.31 -57.94
N GLU E 539 16.85 10.52 -56.69
CA GLU E 539 17.63 11.25 -55.71
C GLU E 539 17.93 10.42 -54.46
N VAL E 540 16.97 9.63 -53.98
CA VAL E 540 17.14 8.82 -52.79
C VAL E 540 16.96 7.36 -53.19
N LEU E 541 17.97 6.54 -52.95
CA LEU E 541 17.94 5.11 -53.23
C LEU E 541 18.32 4.35 -51.97
N ASP E 542 17.44 3.45 -51.53
CA ASP E 542 17.62 2.69 -50.31
C ASP E 542 17.84 1.22 -50.66
N LEU E 543 18.91 0.64 -50.14
CA LEU E 543 19.27 -0.75 -50.45
C LEU E 543 19.69 -1.53 -49.20
N ARG E 544 18.98 -1.37 -48.09
CA ARG E 544 19.34 -2.08 -46.87
C ARG E 544 19.00 -3.56 -46.96
N ASN E 545 19.84 -4.38 -46.33
CA ASN E 545 19.55 -5.78 -46.05
C ASN E 545 19.21 -6.59 -47.30
N ASN E 546 19.92 -6.32 -48.39
CA ASN E 546 19.70 -7.00 -49.65
C ASN E 546 20.85 -7.96 -49.93
N SER E 547 20.78 -8.62 -51.08
CA SER E 547 21.76 -9.62 -51.51
C SER E 547 22.48 -9.16 -52.77
N PHE E 548 22.80 -7.87 -52.85
CA PHE E 548 23.50 -7.32 -54.00
C PHE E 548 25.00 -7.46 -53.77
N SER E 549 25.61 -8.39 -54.50
CA SER E 549 27.05 -8.64 -54.39
C SER E 549 27.85 -8.00 -55.52
N LEU E 550 27.34 -8.08 -56.75
CA LEU E 550 28.00 -7.48 -57.91
C LEU E 550 27.10 -6.42 -58.51
N LEU E 551 27.66 -5.22 -58.68
CA LEU E 551 26.93 -4.08 -59.25
C LEU E 551 27.77 -3.50 -60.37
N PRO E 552 27.75 -4.11 -61.55
CA PRO E 552 28.55 -3.58 -62.67
C PRO E 552 28.03 -2.25 -63.18
N GLY E 553 28.94 -1.45 -63.71
CA GLY E 553 28.59 -0.15 -64.23
C GLY E 553 27.95 -0.15 -65.60
N SER E 554 27.93 -1.30 -66.28
CA SER E 554 27.31 -1.38 -67.60
C SER E 554 25.79 -1.34 -67.52
N ALA E 555 25.20 -1.68 -66.38
CA ALA E 555 23.75 -1.69 -66.21
C ALA E 555 23.25 -0.68 -65.20
N MET E 556 23.92 -0.55 -64.05
CA MET E 556 23.53 0.38 -63.00
C MET E 556 24.09 1.77 -63.22
N GLY E 557 24.98 1.94 -64.21
CA GLY E 557 25.72 3.18 -64.42
C GLY E 557 24.88 4.38 -64.83
N GLY E 558 23.59 4.19 -65.07
CA GLY E 558 22.72 5.32 -65.38
C GLY E 558 22.48 6.21 -64.17
N LEU E 559 21.84 7.35 -64.45
CA LEU E 559 21.50 8.39 -63.46
C LEU E 559 22.72 8.78 -62.61
N GLU E 560 23.89 8.83 -63.25
CA GLU E 560 25.12 9.17 -62.55
C GLU E 560 25.25 10.66 -62.25
N THR E 561 24.45 11.51 -62.88
CA THR E 561 24.53 12.95 -62.66
C THR E 561 23.40 13.51 -61.81
N SER E 562 22.28 12.79 -61.69
CA SER E 562 21.16 13.23 -60.88
C SER E 562 21.14 12.60 -59.49
N LEU E 563 22.05 11.68 -59.21
CA LEU E 563 22.11 11.03 -57.90
C LEU E 563 22.75 11.97 -56.89
N ARG E 564 22.09 12.14 -55.75
CA ARG E 564 22.59 13.00 -54.68
C ARG E 564 22.92 12.21 -53.42
N ARG E 565 22.07 11.27 -53.02
CA ARG E 565 22.32 10.41 -51.87
C ARG E 565 22.33 8.97 -52.31
N LEU E 566 23.39 8.25 -51.97
CA LEU E 566 23.53 6.83 -52.29
C LEU E 566 23.86 6.07 -51.02
N TYR E 567 23.25 4.90 -50.86
CA TYR E 567 23.40 4.08 -49.68
C TYR E 567 23.77 2.66 -50.10
N LEU E 568 24.81 2.11 -49.45
CA LEU E 568 25.32 0.79 -49.83
C LEU E 568 25.66 -0.12 -48.66
N GLN E 569 25.43 0.31 -47.42
CA GLN E 569 25.68 -0.55 -46.27
C GLN E 569 24.68 -1.70 -46.23
N GLY E 570 25.13 -2.86 -45.75
CA GLY E 570 24.27 -4.02 -45.61
C GLY E 570 24.28 -4.96 -46.79
N ASN E 571 24.96 -4.61 -47.89
CA ASN E 571 25.02 -5.48 -49.06
C ASN E 571 26.33 -6.26 -49.05
N PRO E 572 26.31 -7.56 -49.34
CA PRO E 572 27.55 -8.36 -49.36
C PRO E 572 28.35 -8.14 -50.65
N LEU E 573 28.81 -6.90 -50.84
CA LEU E 573 29.55 -6.55 -52.04
C LEU E 573 30.96 -7.10 -51.96
N SER E 574 31.42 -7.71 -53.05
CA SER E 574 32.77 -8.25 -53.12
C SER E 574 33.78 -7.11 -53.18
N CYS E 575 35.00 -7.40 -52.71
CA CYS E 575 36.06 -6.40 -52.70
C CYS E 575 36.58 -6.18 -54.12
N CYS E 576 36.36 -4.97 -54.65
CA CYS E 576 36.79 -4.58 -55.99
C CYS E 576 36.22 -5.52 -57.06
N GLY E 577 34.96 -5.94 -56.87
CA GLY E 577 34.33 -6.83 -57.83
C GLY E 577 33.88 -6.13 -59.10
N ASN E 578 33.50 -4.86 -59.00
CA ASN E 578 33.03 -4.10 -60.16
C ASN E 578 33.91 -2.89 -60.45
N GLY E 579 34.22 -2.08 -59.44
CA GLY E 579 35.06 -0.92 -59.61
C GLY E 579 34.33 0.36 -59.97
N TRP E 580 33.08 0.26 -60.44
CA TRP E 580 32.32 1.46 -60.78
C TRP E 580 31.80 2.18 -59.55
N LEU E 581 31.43 1.43 -58.51
CA LEU E 581 30.93 2.04 -57.28
C LEU E 581 32.02 2.85 -56.59
N ALA E 582 33.25 2.32 -56.56
CA ALA E 582 34.36 3.06 -55.95
C ALA E 582 34.68 4.32 -56.75
N ALA E 583 34.62 4.24 -58.08
CA ALA E 583 34.89 5.41 -58.92
C ALA E 583 33.81 6.48 -58.75
N GLN E 584 32.54 6.07 -58.67
CA GLN E 584 31.45 7.01 -58.52
C GLN E 584 31.25 7.48 -57.08
N LEU E 585 31.91 6.84 -56.11
CA LEU E 585 31.77 7.27 -54.72
C LEU E 585 32.42 8.63 -54.49
N HIS E 586 33.40 9.00 -55.32
CA HIS E 586 34.08 10.28 -55.13
C HIS E 586 33.17 11.47 -55.44
N GLN E 587 32.40 11.39 -56.52
CA GLN E 587 31.54 12.48 -56.94
C GLN E 587 30.18 11.95 -57.34
N GLY E 588 29.12 12.59 -56.85
CA GLY E 588 27.77 12.19 -57.20
C GLY E 588 27.18 11.07 -56.37
N ARG E 589 27.84 10.68 -55.28
CA ARG E 589 27.34 9.61 -54.44
C ARG E 589 27.75 9.86 -52.99
N VAL E 590 27.02 9.23 -52.07
CA VAL E 590 27.26 9.33 -50.65
C VAL E 590 27.51 7.93 -50.08
N ASP E 591 27.73 7.87 -48.78
CA ASP E 591 27.97 6.60 -48.10
C ASP E 591 26.66 5.85 -47.87
N ALA F 21 -16.40 -52.90 3.53
CA ALA F 21 -16.25 -53.04 2.09
C ALA F 21 -14.93 -53.72 1.75
N VAL F 22 -14.62 -53.77 0.46
CA VAL F 22 -13.39 -54.40 -0.03
C VAL F 22 -12.60 -53.35 -0.80
N VAL F 23 -11.33 -53.19 -0.44
CA VAL F 23 -10.44 -52.26 -1.12
C VAL F 23 -9.83 -52.95 -2.33
N THR F 24 -9.93 -52.30 -3.48
CA THR F 24 -9.47 -52.85 -4.75
C THR F 24 -8.28 -52.06 -5.27
N GLN F 25 -7.21 -52.77 -5.57
CA GLN F 25 -6.12 -52.28 -6.39
C GLN F 25 -6.01 -53.16 -7.63
N GLU F 26 -5.21 -52.71 -8.59
CA GLU F 26 -4.80 -53.57 -9.67
C GLU F 26 -3.86 -54.65 -9.14
N PRO F 27 -3.88 -55.85 -9.73
CA PRO F 27 -3.02 -56.93 -9.21
C PRO F 27 -1.54 -56.63 -9.30
N SER F 28 -1.08 -56.07 -10.41
CA SER F 28 0.33 -55.73 -10.60
C SER F 28 0.49 -54.80 -11.79
N LEU F 29 1.71 -54.30 -12.01
CA LEU F 29 2.02 -53.43 -13.13
C LEU F 29 3.54 -53.43 -13.33
N SER F 30 3.98 -52.71 -14.36
CA SER F 30 5.39 -52.51 -14.63
C SER F 30 5.60 -51.08 -15.13
N VAL F 31 6.78 -50.53 -14.85
CA VAL F 31 7.15 -49.19 -15.30
C VAL F 31 8.60 -49.21 -15.75
N SER F 32 8.88 -48.48 -16.83
CA SER F 32 10.27 -48.28 -17.24
C SER F 32 10.94 -47.32 -16.26
N PRO F 33 12.24 -47.50 -15.99
CA PRO F 33 12.94 -46.57 -15.08
C PRO F 33 12.99 -45.17 -15.68
N GLY F 34 12.79 -44.18 -14.81
CA GLY F 34 12.79 -42.78 -15.22
C GLY F 34 11.44 -42.25 -15.63
N GLY F 35 10.42 -43.10 -15.74
CA GLY F 35 9.10 -42.68 -16.16
C GLY F 35 8.21 -42.29 -14.99
N THR F 36 6.94 -42.10 -15.31
CA THR F 36 5.92 -41.73 -14.33
C THR F 36 4.83 -42.79 -14.31
N VAL F 37 4.52 -43.31 -13.12
CA VAL F 37 3.54 -44.37 -12.96
C VAL F 37 2.57 -43.99 -11.85
N THR F 38 1.37 -44.56 -11.90
CA THR F 38 0.29 -44.25 -10.97
C THR F 38 -0.35 -45.54 -10.47
N ILE F 39 -0.14 -45.84 -9.18
CA ILE F 39 -0.83 -46.93 -8.51
C ILE F 39 -2.12 -46.38 -7.91
N THR F 40 -3.20 -47.15 -8.00
CA THR F 40 -4.52 -46.60 -7.71
C THR F 40 -5.28 -47.54 -6.79
N CYS F 41 -6.04 -46.96 -5.86
CA CYS F 41 -6.69 -47.68 -4.75
C CYS F 41 -8.10 -47.17 -4.59
N GLY F 42 -9.09 -48.08 -4.54
CA GLY F 42 -10.48 -47.67 -4.42
C GLY F 42 -11.29 -48.57 -3.51
N LEU F 43 -12.51 -48.14 -3.24
CA LEU F 43 -13.55 -48.98 -2.64
C LEU F 43 -14.48 -49.54 -3.70
N SER F 44 -15.00 -50.73 -3.42
CA SER F 44 -16.12 -51.25 -4.21
C SER F 44 -17.42 -50.53 -3.86
N SER F 45 -17.55 -50.04 -2.63
CA SER F 45 -18.77 -49.39 -2.17
C SER F 45 -18.50 -47.91 -1.98
N GLY F 46 -18.91 -47.09 -2.96
CA GLY F 46 -18.74 -45.67 -2.84
C GLY F 46 -17.34 -45.19 -3.21
N SER F 47 -17.11 -43.92 -2.93
CA SER F 47 -15.90 -43.22 -3.32
C SER F 47 -14.87 -43.24 -2.19
N VAL F 48 -13.69 -42.74 -2.50
CA VAL F 48 -12.70 -42.36 -1.51
C VAL F 48 -12.72 -40.83 -1.40
N THR F 49 -12.56 -40.33 -0.20
CA THR F 49 -12.27 -38.93 0.03
C THR F 49 -10.98 -38.85 0.85
N ARG F 50 -10.64 -37.63 1.27
CA ARG F 50 -9.59 -37.50 2.26
C ARG F 50 -10.04 -37.98 3.63
N ASN F 51 -11.36 -38.05 3.86
CA ASN F 51 -11.88 -38.65 5.10
C ASN F 51 -11.66 -40.15 5.16
N ASN F 52 -11.54 -40.81 4.02
CA ASN F 52 -11.12 -42.21 3.97
C ASN F 52 -9.62 -42.29 3.76
N TYR F 53 -8.89 -41.81 4.79
CA TYR F 53 -7.46 -41.49 4.75
C TYR F 53 -6.63 -42.60 4.14
N PRO F 54 -6.09 -42.39 2.94
CA PRO F 54 -5.26 -43.41 2.30
C PRO F 54 -3.83 -43.34 2.82
N ASP F 55 -3.34 -44.45 3.35
CA ASP F 55 -1.94 -44.60 3.72
C ASP F 55 -1.28 -45.52 2.72
N TRP F 56 -0.12 -45.11 2.23
CA TRP F 56 0.60 -45.83 1.19
C TRP F 56 1.88 -46.38 1.79
N TYR F 57 2.03 -47.70 1.75
CA TYR F 57 3.18 -48.40 2.31
C TYR F 57 3.91 -49.16 1.21
N GLN F 58 5.21 -49.33 1.40
CA GLN F 58 6.06 -50.09 0.50
C GLN F 58 6.69 -51.24 1.27
N GLN F 59 6.76 -52.40 0.64
CA GLN F 59 7.30 -53.60 1.27
C GLN F 59 8.20 -54.33 0.28
N THR F 60 9.48 -54.39 0.59
CA THR F 60 10.36 -55.33 -0.08
C THR F 60 10.15 -56.72 0.53
N PRO F 61 10.03 -57.77 -0.30
CA PRO F 61 9.80 -59.11 0.25
C PRO F 61 10.89 -59.54 1.22
N GLY F 62 10.47 -60.16 2.32
CA GLY F 62 11.37 -60.49 3.40
C GLY F 62 11.64 -59.35 4.36
N GLN F 63 10.95 -58.22 4.22
CA GLN F 63 11.18 -57.05 5.04
C GLN F 63 9.83 -56.49 5.48
N ALA F 64 9.81 -55.84 6.64
CA ALA F 64 8.61 -55.19 7.14
C ALA F 64 8.23 -54.02 6.24
N PRO F 65 6.93 -53.74 6.10
CA PRO F 65 6.50 -52.62 5.25
C PRO F 65 6.96 -51.28 5.82
N ARG F 66 7.18 -50.33 4.91
CA ARG F 66 7.63 -48.99 5.25
C ARG F 66 6.58 -47.99 4.80
N LEU F 67 6.21 -47.08 5.69
CA LEU F 67 5.23 -46.06 5.35
C LEU F 67 5.81 -45.06 4.36
N LEU F 68 5.08 -44.80 3.27
CA LEU F 68 5.45 -43.77 2.31
C LEU F 68 4.60 -42.53 2.46
N LEU F 69 3.28 -42.69 2.42
CA LEU F 69 2.37 -41.55 2.38
C LEU F 69 1.27 -41.70 3.41
N TYR F 70 0.84 -40.58 3.99
CA TYR F 70 -0.30 -40.57 4.90
C TYR F 70 -1.10 -39.30 4.68
N ASN F 71 -2.40 -39.39 4.98
CA ASN F 71 -3.35 -38.27 4.87
C ASN F 71 -3.39 -37.70 3.46
N THR F 72 -3.28 -38.59 2.47
CA THR F 72 -3.48 -38.39 1.03
C THR F 72 -2.35 -37.60 0.39
N VAL F 73 -1.53 -36.90 1.19
CA VAL F 73 -0.52 -36.03 0.60
C VAL F 73 0.83 -36.27 1.25
N ALA F 74 0.86 -36.22 2.58
CA ALA F 74 2.11 -36.01 3.31
C ALA F 74 3.03 -37.22 3.20
N ARG F 75 4.31 -36.94 2.96
CA ARG F 75 5.32 -37.98 2.89
C ARG F 75 5.86 -38.29 4.27
N HIS F 76 6.18 -39.56 4.50
CA HIS F 76 6.87 -39.94 5.73
C HIS F 76 8.30 -39.42 5.69
N SER F 77 8.88 -39.22 6.87
CA SER F 77 10.24 -38.73 6.97
C SER F 77 11.22 -39.76 6.40
N GLY F 78 12.01 -39.35 5.41
CA GLY F 78 12.90 -40.24 4.71
C GLY F 78 12.39 -40.73 3.37
N VAL F 79 11.18 -40.37 2.99
CA VAL F 79 10.61 -40.75 1.69
C VAL F 79 11.02 -39.71 0.65
N PRO F 80 11.62 -40.12 -0.46
CA PRO F 80 12.00 -39.16 -1.50
C PRO F 80 10.77 -38.53 -2.15
N SER F 81 10.98 -37.34 -2.70
CA SER F 81 9.88 -36.54 -3.25
C SER F 81 9.30 -37.10 -4.55
N ARG F 82 9.78 -38.26 -5.00
CA ARG F 82 9.22 -38.89 -6.19
C ARG F 82 7.77 -39.31 -5.95
N PHE F 83 7.49 -39.89 -4.79
CA PHE F 83 6.15 -40.36 -4.47
C PHE F 83 5.27 -39.18 -4.08
N SER F 84 4.14 -39.03 -4.77
CA SER F 84 3.17 -38.00 -4.45
C SER F 84 1.77 -38.59 -4.47
N GLY F 85 0.99 -38.28 -3.44
CA GLY F 85 -0.36 -38.80 -3.31
C GLY F 85 -1.39 -37.76 -3.73
N SER F 86 -2.54 -38.24 -4.18
CA SER F 86 -3.64 -37.38 -4.57
C SER F 86 -4.92 -38.21 -4.62
N ILE F 87 -6.04 -37.53 -4.89
CA ILE F 87 -7.31 -38.18 -5.18
C ILE F 87 -7.63 -37.94 -6.65
N SER F 88 -7.60 -39.00 -7.45
CA SER F 88 -7.91 -38.95 -8.87
C SER F 88 -9.31 -39.54 -9.05
N GLY F 89 -10.26 -38.70 -9.43
CA GLY F 89 -11.62 -39.17 -9.67
C GLY F 89 -12.23 -39.73 -8.40
N ASN F 90 -12.62 -41.00 -8.48
CA ASN F 90 -13.23 -41.68 -7.36
C ASN F 90 -12.23 -42.55 -6.60
N LYS F 91 -10.94 -42.46 -6.91
CA LYS F 91 -9.96 -43.35 -6.34
C LYS F 91 -8.74 -42.57 -5.89
N ALA F 92 -7.92 -43.18 -5.05
CA ALA F 92 -6.74 -42.53 -4.48
C ALA F 92 -5.50 -42.99 -5.25
N ALA F 93 -4.63 -42.05 -5.60
CA ALA F 93 -3.53 -42.29 -6.52
C ALA F 93 -2.20 -41.98 -5.86
N LEU F 94 -1.25 -42.90 -6.00
CA LEU F 94 0.16 -42.68 -5.70
C LEU F 94 0.92 -42.60 -7.02
N THR F 95 1.58 -41.47 -7.26
CA THR F 95 2.33 -41.25 -8.49
C THR F 95 3.81 -41.25 -8.17
N ILE F 96 4.56 -42.08 -8.89
CA ILE F 96 6.02 -42.10 -8.82
C ILE F 96 6.54 -41.49 -10.11
N THR F 97 7.30 -40.40 -10.00
CA THR F 97 7.95 -39.80 -11.14
C THR F 97 9.44 -40.11 -11.10
N GLY F 98 9.97 -40.58 -12.23
CA GLY F 98 11.36 -41.01 -12.28
C GLY F 98 11.62 -42.24 -11.43
N ALA F 99 11.14 -43.40 -11.87
CA ALA F 99 11.31 -44.62 -11.09
C ALA F 99 12.75 -45.11 -11.17
N GLN F 100 13.16 -45.85 -10.14
CA GLN F 100 14.48 -46.46 -10.01
C GLN F 100 14.35 -47.94 -9.66
N PRO F 101 15.37 -48.75 -9.92
CA PRO F 101 15.24 -50.20 -9.71
C PRO F 101 14.97 -50.65 -8.29
N GLU F 102 15.31 -49.84 -7.27
CA GLU F 102 14.96 -50.24 -5.91
C GLU F 102 13.52 -49.94 -5.54
N ASP F 103 12.74 -49.32 -6.44
CA ASP F 103 11.32 -49.12 -6.20
C ASP F 103 10.48 -50.35 -6.49
N GLU F 104 11.08 -51.41 -7.05
CA GLU F 104 10.35 -52.64 -7.33
C GLU F 104 10.00 -53.32 -6.00
N ALA F 105 8.73 -53.25 -5.62
CA ALA F 105 8.29 -53.75 -4.32
C ALA F 105 6.76 -53.81 -4.32
N GLY F 106 6.22 -54.33 -3.21
CA GLY F 106 4.78 -54.39 -3.04
C GLY F 106 4.23 -53.12 -2.40
N TYR F 107 3.32 -52.46 -3.08
CA TYR F 107 2.75 -51.20 -2.61
C TYR F 107 1.34 -51.48 -2.10
N TYR F 108 1.06 -51.04 -0.87
CA TYR F 108 -0.20 -51.32 -0.21
C TYR F 108 -0.92 -50.04 0.19
N CYS F 109 -2.25 -50.12 0.21
CA CYS F 109 -3.13 -49.00 0.50
C CYS F 109 -3.95 -49.35 1.72
N ALA F 110 -3.95 -48.45 2.71
CA ALA F 110 -4.75 -48.61 3.91
C ALA F 110 -5.79 -47.49 3.96
N LEU F 111 -7.05 -47.88 3.89
CA LEU F 111 -8.17 -46.95 3.88
C LEU F 111 -8.90 -47.02 5.20
N TYR F 112 -9.18 -45.85 5.77
CA TYR F 112 -9.83 -45.72 7.07
C TYR F 112 -11.32 -45.50 6.86
N MET F 113 -12.13 -46.53 7.14
CA MET F 113 -13.57 -46.36 6.99
C MET F 113 -14.27 -47.12 8.11
N TYR F 114 -15.60 -47.06 8.10
CA TYR F 114 -16.43 -47.78 9.07
C TYR F 114 -16.56 -49.21 8.58
N THR F 115 -15.67 -50.08 9.06
CA THR F 115 -15.64 -51.48 8.64
C THR F 115 -16.49 -52.35 9.56
N GLY F 116 -17.76 -52.51 9.17
CA GLY F 116 -18.62 -53.46 9.85
C GLY F 116 -19.24 -52.96 11.14
N SER F 117 -18.69 -53.38 12.27
CA SER F 117 -19.24 -52.99 13.56
C SER F 117 -18.59 -51.71 14.07
N ASN F 118 -17.25 -51.64 14.01
CA ASN F 118 -16.53 -50.42 14.44
C ASN F 118 -15.94 -49.72 13.21
N ASN F 119 -15.17 -48.65 13.43
CA ASN F 119 -14.54 -47.90 12.31
C ASN F 119 -13.01 -48.01 12.42
N GLY F 120 -12.34 -48.40 11.34
CA GLY F 120 -10.87 -48.58 11.41
C GLY F 120 -10.23 -48.67 10.04
N ARG F 121 -9.02 -49.23 9.97
CA ARG F 121 -8.29 -49.35 8.72
C ARG F 121 -8.61 -50.64 8.00
N VAL F 122 -8.30 -50.68 6.71
CA VAL F 122 -8.42 -51.89 5.90
C VAL F 122 -7.40 -51.82 4.77
N PHE F 123 -6.77 -52.95 4.48
CA PHE F 123 -5.74 -52.99 3.45
C PHE F 123 -6.28 -53.54 2.14
N GLY F 124 -5.51 -53.34 1.08
CA GLY F 124 -5.85 -53.86 -0.23
C GLY F 124 -4.72 -54.74 -0.76
N GLY F 125 -5.05 -55.56 -1.74
CA GLY F 125 -4.06 -56.39 -2.39
C GLY F 125 -3.00 -55.57 -3.10
N GLY F 126 -1.79 -55.58 -2.55
CA GLY F 126 -0.75 -54.67 -3.00
C GLY F 126 -0.25 -54.96 -4.40
N THR F 127 0.21 -53.90 -5.06
CA THR F 127 0.72 -53.97 -6.42
C THR F 127 2.21 -54.29 -6.36
N LEU F 128 2.62 -55.35 -7.05
CA LEU F 128 4.03 -55.70 -7.15
C LEU F 128 4.62 -54.87 -8.28
N LEU F 129 5.01 -53.63 -7.96
CA LEU F 129 5.61 -52.76 -8.96
C LEU F 129 6.99 -53.29 -9.30
N THR F 130 7.18 -53.68 -10.56
CA THR F 130 8.43 -54.20 -11.08
C THR F 130 8.97 -53.24 -12.12
N VAL F 131 10.16 -52.69 -11.85
CA VAL F 131 10.78 -51.76 -12.79
C VAL F 131 11.44 -52.58 -13.90
N LEU F 132 11.13 -52.22 -15.15
CA LEU F 132 11.65 -52.94 -16.31
C LEU F 132 13.17 -52.81 -16.42
N LEU G 21 14.72 -46.14 18.52
CA LEU G 21 13.32 -46.31 18.16
C LEU G 21 13.17 -47.63 17.42
N GLN G 22 12.73 -48.66 18.13
CA GLN G 22 12.63 -50.00 17.57
C GLN G 22 11.57 -50.79 18.33
N LEU G 23 11.01 -51.80 17.65
CA LEU G 23 9.97 -52.65 18.20
C LEU G 23 10.41 -54.11 18.09
N VAL G 24 10.22 -54.86 19.17
CA VAL G 24 10.47 -56.30 19.18
C VAL G 24 9.20 -57.01 19.62
N GLU G 25 8.83 -58.05 18.89
CA GLU G 25 7.64 -58.82 19.18
C GLU G 25 8.00 -60.29 19.36
N SER G 26 7.14 -61.00 20.09
CA SER G 26 7.40 -62.39 20.44
C SER G 26 6.08 -63.12 20.62
N GLY G 27 6.16 -64.44 20.68
CA GLY G 27 5.00 -65.28 20.91
C GLY G 27 4.60 -66.15 19.74
N GLY G 28 5.18 -65.95 18.56
CA GLY G 28 4.80 -66.75 17.41
C GLY G 28 5.28 -68.18 17.53
N GLY G 29 4.63 -69.08 16.80
CA GLY G 29 4.99 -70.48 16.83
C GLY G 29 3.84 -71.33 16.32
N LEU G 30 3.88 -72.60 16.73
CA LEU G 30 2.88 -73.58 16.29
C LEU G 30 1.71 -73.61 17.26
N VAL G 31 0.50 -73.44 16.73
CA VAL G 31 -0.74 -73.47 17.51
C VAL G 31 -1.69 -74.46 16.87
N GLN G 32 -2.36 -75.27 17.69
CA GLN G 32 -3.36 -76.19 17.17
C GLN G 32 -4.59 -75.43 16.69
N PRO G 33 -5.35 -76.01 15.75
CA PRO G 33 -6.62 -75.41 15.35
C PRO G 33 -7.53 -75.17 16.53
N GLY G 34 -8.21 -74.01 16.51
CA GLY G 34 -9.01 -73.60 17.65
C GLY G 34 -8.19 -73.39 18.90
N GLY G 35 -6.97 -72.86 18.75
CA GLY G 35 -6.03 -72.78 19.84
C GLY G 35 -6.03 -71.42 20.53
N SER G 36 -5.00 -71.22 21.35
CA SER G 36 -4.83 -69.96 22.08
C SER G 36 -3.38 -69.53 21.99
N LEU G 37 -3.18 -68.22 21.88
CA LEU G 37 -1.83 -67.65 21.81
C LEU G 37 -1.90 -66.20 22.26
N ARG G 38 -0.77 -65.69 22.76
CA ARG G 38 -0.65 -64.32 23.24
C ARG G 38 0.62 -63.71 22.68
N LEU G 39 0.48 -62.89 21.64
CA LEU G 39 1.63 -62.16 21.11
C LEU G 39 1.98 -61.00 22.03
N SER G 40 3.26 -60.61 22.00
CA SER G 40 3.76 -59.55 22.85
C SER G 40 4.60 -58.59 22.02
N CYS G 41 4.55 -57.31 22.40
CA CYS G 41 5.22 -56.26 21.65
C CYS G 41 5.80 -55.24 22.63
N ALA G 42 7.12 -55.02 22.56
CA ALA G 42 7.79 -54.04 23.41
C ALA G 42 8.65 -53.14 22.54
N ALA G 43 8.63 -51.84 22.84
CA ALA G 43 9.28 -50.86 22.00
C ALA G 43 10.18 -49.94 22.81
N SER G 44 11.07 -49.25 22.11
CA SER G 44 11.96 -48.27 22.72
C SER G 44 12.15 -47.12 21.74
N GLY G 45 12.57 -45.98 22.29
CA GLY G 45 12.80 -44.79 21.51
C GLY G 45 11.65 -43.80 21.46
N PHE G 46 10.48 -44.18 21.98
CA PHE G 46 9.33 -43.29 22.03
C PHE G 46 8.45 -43.73 23.19
N THR G 47 7.29 -43.09 23.34
CA THR G 47 6.39 -43.33 24.46
C THR G 47 5.08 -43.91 23.96
N PHE G 48 4.62 -44.98 24.62
CA PHE G 48 3.32 -45.55 24.26
C PHE G 48 2.17 -44.64 24.65
N ASP G 49 2.37 -43.75 25.63
CA ASP G 49 1.30 -42.87 26.06
C ASP G 49 0.91 -41.85 25.00
N ASP G 50 1.73 -41.65 23.97
CA ASP G 50 1.54 -40.59 22.99
C ASP G 50 0.94 -41.07 21.67
N TYR G 51 0.98 -42.37 21.39
CA TYR G 51 0.60 -42.86 20.08
C TYR G 51 -0.39 -44.00 20.17
N THR G 52 -1.22 -44.14 19.14
CA THR G 52 -2.02 -45.34 19.00
C THR G 52 -1.12 -46.48 18.53
N MET G 53 -1.62 -47.70 18.64
CA MET G 53 -0.83 -48.89 18.37
C MET G 53 -1.65 -49.86 17.55
N ASN G 54 -1.04 -50.43 16.51
CA ASN G 54 -1.75 -51.26 15.56
C ASN G 54 -1.15 -52.65 15.49
N TRP G 55 -2.00 -53.63 15.21
CA TRP G 55 -1.60 -54.97 14.85
C TRP G 55 -1.99 -55.21 13.40
N VAL G 56 -1.02 -55.63 12.59
CA VAL G 56 -1.26 -55.99 11.20
C VAL G 56 -0.78 -57.42 11.02
N ARG G 57 -1.41 -58.16 10.11
CA ARG G 57 -0.96 -59.49 9.77
C ARG G 57 -0.81 -59.62 8.26
N GLN G 58 0.08 -60.51 7.84
CA GLN G 58 0.34 -60.75 6.43
C GLN G 58 0.44 -62.26 6.24
N ALA G 59 -0.46 -62.81 5.43
CA ALA G 59 -0.39 -64.23 5.12
C ALA G 59 0.87 -64.52 4.31
N PRO G 60 1.44 -65.73 4.44
CA PRO G 60 2.67 -66.04 3.69
C PRO G 60 2.45 -66.04 2.19
N GLY G 61 3.05 -65.07 1.51
CA GLY G 61 2.90 -64.91 0.08
C GLY G 61 1.72 -64.06 -0.36
N LYS G 62 0.85 -63.65 0.55
CA LYS G 62 -0.30 -62.83 0.22
C LYS G 62 -0.17 -61.46 0.86
N GLY G 63 -1.22 -60.64 0.68
CA GLY G 63 -1.15 -59.25 1.06
C GLY G 63 -1.30 -59.02 2.56
N LEU G 64 -1.10 -57.75 2.93
CA LEU G 64 -1.25 -57.33 4.32
C LEU G 64 -2.71 -57.36 4.74
N GLU G 65 -2.94 -57.50 6.04
CA GLU G 65 -4.27 -57.46 6.61
C GLU G 65 -4.19 -56.76 7.96
N TRP G 66 -4.81 -55.59 8.06
CA TRP G 66 -4.88 -54.88 9.32
C TRP G 66 -5.74 -55.66 10.30
N VAL G 67 -5.20 -55.92 11.49
CA VAL G 67 -5.84 -56.77 12.48
C VAL G 67 -6.58 -55.95 13.53
N SER G 68 -5.89 -55.02 14.17
CA SER G 68 -6.48 -54.34 15.32
C SER G 68 -5.77 -53.03 15.62
N ALA G 69 -6.38 -52.25 16.50
CA ALA G 69 -5.77 -51.01 16.97
C ALA G 69 -6.23 -50.73 18.39
N ILE G 70 -5.43 -49.95 19.10
CA ILE G 70 -5.73 -49.52 20.46
C ILE G 70 -5.18 -48.11 20.64
N ARG G 71 -5.93 -47.25 21.31
CA ARG G 71 -5.51 -45.86 21.42
C ARG G 71 -4.54 -45.69 22.60
N TRP G 72 -4.30 -44.43 22.96
CA TRP G 72 -3.19 -44.09 23.86
C TRP G 72 -3.37 -44.70 25.24
N ASN G 73 -4.60 -44.76 25.74
CA ASN G 73 -4.84 -45.27 27.09
C ASN G 73 -5.02 -46.78 27.10
N GLY G 74 -5.92 -47.29 26.26
CA GLY G 74 -6.12 -48.72 26.16
C GLY G 74 -7.51 -49.17 26.55
N VAL G 75 -8.43 -48.21 26.73
CA VAL G 75 -9.76 -48.53 27.22
C VAL G 75 -10.69 -48.83 26.06
N THR G 76 -10.36 -48.33 24.87
CA THR G 76 -11.17 -48.54 23.68
C THR G 76 -10.31 -49.09 22.56
N THR G 77 -10.84 -50.07 21.84
CA THR G 77 -10.11 -50.84 20.85
C THR G 77 -10.89 -50.88 19.53
N TYR G 78 -10.18 -51.19 18.46
CA TYR G 78 -10.76 -51.33 17.13
C TYR G 78 -10.32 -52.66 16.54
N TYR G 79 -11.24 -53.35 15.87
CA TYR G 79 -10.96 -54.69 15.36
C TYR G 79 -11.41 -54.81 13.92
N ALA G 80 -10.79 -55.74 13.20
CA ALA G 80 -11.28 -56.14 11.89
C ALA G 80 -12.46 -57.10 12.05
N GLU G 81 -13.35 -57.11 11.06
CA GLU G 81 -14.58 -57.89 11.17
C GLU G 81 -14.32 -59.38 11.08
N SER G 82 -13.33 -59.81 10.32
CA SER G 82 -13.05 -61.23 10.17
C SER G 82 -12.49 -61.86 11.44
N MET G 83 -12.05 -61.06 12.41
CA MET G 83 -11.42 -61.60 13.61
C MET G 83 -11.83 -60.88 14.89
N LYS G 84 -12.91 -60.08 14.86
CA LYS G 84 -13.35 -59.39 16.06
C LYS G 84 -13.91 -60.38 17.07
N GLY G 85 -13.54 -60.20 18.33
CA GLY G 85 -13.93 -61.12 19.39
C GLY G 85 -12.94 -62.24 19.60
N ARG G 86 -12.40 -62.79 18.51
CA ARG G 86 -11.37 -63.82 18.63
C ARG G 86 -10.03 -63.24 19.01
N PHE G 87 -9.84 -61.92 18.87
CA PHE G 87 -8.59 -61.26 19.16
C PHE G 87 -8.83 -60.20 20.23
N THR G 88 -7.96 -60.15 21.25
CA THR G 88 -8.07 -59.14 22.29
C THR G 88 -6.75 -58.38 22.36
N VAL G 89 -6.78 -57.10 22.04
CA VAL G 89 -5.60 -56.24 22.06
C VAL G 89 -5.58 -55.48 23.39
N SER G 90 -4.39 -55.31 23.95
CA SER G 90 -4.25 -54.62 25.23
C SER G 90 -2.88 -53.98 25.31
N ARG G 91 -2.75 -53.00 26.21
CA ARG G 91 -1.51 -52.30 26.46
C ARG G 91 -1.13 -52.43 27.92
N ASP G 92 0.10 -52.02 28.22
CA ASP G 92 0.52 -51.74 29.58
C ASP G 92 1.66 -50.73 29.43
N ASN G 93 1.37 -49.47 29.74
CA ASN G 93 2.31 -48.39 29.49
C ASN G 93 3.40 -48.28 30.55
N GLY G 94 3.24 -48.97 31.68
CA GLY G 94 4.24 -48.87 32.74
C GLY G 94 5.58 -49.44 32.34
N GLN G 95 5.58 -50.63 31.73
CA GLN G 95 6.80 -51.24 31.21
C GLN G 95 6.87 -51.19 29.69
N ASN G 96 5.96 -50.45 29.06
CA ASN G 96 5.92 -50.26 27.60
C ASN G 96 5.79 -51.61 26.89
N THR G 97 4.71 -52.32 27.20
CA THR G 97 4.45 -53.61 26.57
C THR G 97 3.04 -53.64 25.99
N LEU G 98 2.84 -54.57 25.07
CA LEU G 98 1.65 -54.59 24.24
C LEU G 98 1.30 -56.04 23.92
N TYR G 99 0.02 -56.38 23.95
CA TYR G 99 -0.42 -57.76 23.85
C TYR G 99 -1.54 -57.90 22.84
N LEU G 100 -1.57 -59.04 22.16
CA LEU G 100 -2.68 -59.47 21.31
C LEU G 100 -2.95 -60.93 21.65
N GLN G 101 -3.85 -61.16 22.59
CA GLN G 101 -4.20 -62.52 22.95
C GLN G 101 -5.20 -63.07 21.94
N MET G 102 -4.83 -64.17 21.30
CA MET G 102 -5.62 -64.78 20.25
C MET G 102 -6.31 -66.02 20.81
N ASN G 103 -7.62 -65.93 21.04
CA ASN G 103 -8.38 -67.06 21.55
C ASN G 103 -9.30 -67.59 20.46
N SER G 104 -9.59 -68.89 20.54
CA SER G 104 -10.34 -69.63 19.51
C SER G 104 -9.71 -69.43 18.13
N LEU G 105 -8.38 -69.53 18.08
CA LEU G 105 -7.65 -69.39 16.83
C LEU G 105 -8.02 -70.51 15.88
N LYS G 106 -8.33 -70.14 14.63
CA LYS G 106 -8.80 -71.05 13.60
C LYS G 106 -7.67 -71.39 12.65
N ALA G 107 -8.00 -72.16 11.61
CA ALA G 107 -6.99 -72.67 10.70
C ALA G 107 -6.54 -71.65 9.66
N GLU G 108 -7.24 -70.53 9.53
CA GLU G 108 -6.96 -69.53 8.50
C GLU G 108 -6.18 -68.34 9.06
N ASP G 109 -5.69 -68.43 10.28
CA ASP G 109 -5.02 -67.31 10.95
C ASP G 109 -3.50 -67.41 10.92
N THR G 110 -2.94 -68.32 10.13
CA THR G 110 -1.49 -68.42 10.01
C THR G 110 -0.96 -67.23 9.20
N ALA G 111 -0.02 -66.50 9.79
CA ALA G 111 0.47 -65.25 9.19
C ALA G 111 1.69 -64.76 9.95
N VAL G 112 2.41 -63.84 9.32
CA VAL G 112 3.43 -63.05 10.01
C VAL G 112 2.73 -61.81 10.58
N TYR G 113 2.85 -61.62 11.89
CA TYR G 113 2.17 -60.52 12.57
C TYR G 113 3.17 -59.42 12.89
N TYR G 114 2.84 -58.20 12.48
CA TYR G 114 3.64 -57.02 12.74
C TYR G 114 2.94 -56.13 13.74
N CYS G 115 3.63 -55.82 14.84
CA CYS G 115 3.19 -54.78 15.75
C CYS G 115 3.73 -53.44 15.24
N ALA G 116 2.86 -52.44 15.17
CA ALA G 116 3.21 -51.19 14.51
C ALA G 116 2.85 -49.98 15.35
N LYS G 117 3.73 -48.99 15.33
CA LYS G 117 3.53 -47.71 15.98
C LYS G 117 2.83 -46.78 14.99
N GLY G 118 1.62 -46.34 15.36
CA GLY G 118 0.87 -45.39 14.57
C GLY G 118 1.39 -43.99 14.73
N GLY G 119 0.81 -43.09 13.93
CA GLY G 119 1.34 -41.73 13.85
C GLY G 119 0.78 -40.74 14.84
N SER G 120 -0.33 -41.07 15.50
CA SER G 120 -0.99 -40.13 16.38
C SER G 120 -1.81 -40.91 17.40
N ILE G 121 -2.74 -40.23 18.07
CA ILE G 121 -3.58 -40.84 19.10
C ILE G 121 -4.84 -41.42 18.46
N ASP G 122 -4.86 -41.45 17.13
CA ASP G 122 -6.01 -41.94 16.38
C ASP G 122 -5.51 -42.80 15.22
N LEU G 123 -6.45 -43.47 14.54
CA LEU G 123 -6.16 -44.37 13.42
C LEU G 123 -5.62 -43.66 12.20
N THR G 124 -5.47 -42.35 12.25
CA THR G 124 -4.98 -41.54 11.16
C THR G 124 -3.47 -41.37 11.37
N TYR G 125 -2.79 -40.85 10.35
CA TYR G 125 -1.33 -40.59 10.24
C TYR G 125 -0.55 -41.86 9.97
N GLY G 126 -1.21 -42.99 9.75
CA GLY G 126 -0.52 -44.19 9.30
C GLY G 126 0.26 -44.91 10.37
N MET G 127 0.52 -46.20 10.15
CA MET G 127 1.45 -46.94 11.01
C MET G 127 2.84 -46.40 10.74
N ASP G 128 3.30 -45.51 11.62
CA ASP G 128 4.52 -44.76 11.39
C ASP G 128 5.75 -45.66 11.34
N TYR G 129 5.81 -46.65 12.22
CA TYR G 129 6.92 -47.59 12.21
C TYR G 129 6.36 -49.00 12.35
N TRP G 130 7.07 -49.98 11.78
CA TRP G 130 6.66 -51.38 11.83
C TRP G 130 7.76 -52.20 12.48
N GLY G 131 7.36 -53.33 13.06
CA GLY G 131 8.28 -54.27 13.66
C GLY G 131 8.62 -55.41 12.70
N LYS G 132 9.53 -56.27 13.15
CA LYS G 132 9.98 -57.38 12.32
C LYS G 132 8.89 -58.41 12.09
N GLY G 133 8.04 -58.64 13.09
CA GLY G 133 6.95 -59.59 12.92
C GLY G 133 7.32 -60.98 13.39
N THR G 134 6.31 -61.70 13.89
CA THR G 134 6.46 -63.07 14.36
C THR G 134 5.53 -63.97 13.56
N LEU G 135 6.03 -65.14 13.20
CA LEU G 135 5.27 -66.12 12.45
C LEU G 135 4.37 -66.90 13.39
N VAL G 136 3.07 -66.94 13.09
CA VAL G 136 2.10 -67.75 13.81
C VAL G 136 1.57 -68.77 12.81
N THR G 137 1.90 -70.04 13.03
CA THR G 137 1.51 -71.13 12.15
C THR G 137 0.49 -71.99 12.89
N VAL G 138 -0.68 -72.18 12.27
CA VAL G 138 -1.73 -73.01 12.83
C VAL G 138 -1.85 -74.27 11.98
N SER G 139 -1.70 -75.42 12.63
CA SER G 139 -1.71 -76.72 11.96
C SER G 139 -1.81 -77.80 13.03
N SER G 140 -2.09 -79.02 12.58
CA SER G 140 -2.19 -80.16 13.49
C SER G 140 -0.90 -80.96 13.49
N GLU H 20 5.22 -3.14 53.79
CA GLU H 20 4.62 -1.94 53.21
C GLU H 20 5.64 -1.14 52.41
N LEU H 21 5.93 0.07 52.90
CA LEU H 21 6.91 0.95 52.27
C LEU H 21 7.39 1.90 53.35
N GLN H 22 8.57 1.65 53.91
CA GLN H 22 8.99 2.32 55.14
C GLN H 22 10.47 2.63 55.11
N LEU H 23 10.81 3.90 55.42
CA LEU H 23 12.18 4.35 55.60
C LEU H 23 12.25 4.97 57.00
N VAL H 24 13.15 4.45 57.84
CA VAL H 24 13.39 5.01 59.16
C VAL H 24 14.82 5.57 59.18
N GLU H 25 15.00 6.72 59.81
CA GLU H 25 16.29 7.40 59.82
C GLU H 25 16.75 7.63 61.25
N SER H 26 18.07 7.71 61.40
CA SER H 26 18.68 7.86 62.71
C SER H 26 20.04 8.54 62.53
N GLY H 27 20.60 9.00 63.66
CA GLY H 27 21.88 9.66 63.67
C GLY H 27 21.82 11.16 63.88
N GLY H 28 20.64 11.77 63.79
CA GLY H 28 20.54 13.20 63.97
C GLY H 28 20.76 13.61 65.41
N GLY H 29 21.23 14.84 65.59
CA GLY H 29 21.50 15.34 66.92
C GLY H 29 22.18 16.70 66.85
N LEU H 30 22.72 17.11 68.00
CA LEU H 30 23.38 18.39 68.15
C LEU H 30 24.88 18.17 68.26
N VAL H 31 25.66 18.93 67.48
CA VAL H 31 27.12 18.87 67.52
C VAL H 31 27.67 20.29 67.43
N GLN H 32 28.97 20.39 67.72
CA GLN H 32 29.69 21.63 67.47
C GLN H 32 29.93 21.80 65.99
N PRO H 33 30.11 23.04 65.52
CA PRO H 33 30.47 23.25 64.11
C PRO H 33 31.82 22.61 63.80
N GLY H 34 31.94 22.08 62.58
CA GLY H 34 33.12 21.36 62.18
C GLY H 34 33.14 19.91 62.60
N GLY H 35 32.06 19.39 63.19
CA GLY H 35 32.00 18.01 63.62
C GLY H 35 31.64 17.07 62.50
N SER H 36 31.15 15.89 62.88
CA SER H 36 30.81 14.86 61.90
C SER H 36 29.66 14.02 62.42
N LEU H 37 28.79 13.61 61.51
CA LEU H 37 27.70 12.68 61.79
C LEU H 37 27.66 11.61 60.72
N ARG H 38 27.01 10.50 61.06
CA ARG H 38 26.82 9.38 60.14
C ARG H 38 25.34 9.03 60.17
N LEU H 39 24.55 9.72 59.36
CA LEU H 39 23.11 9.50 59.32
C LEU H 39 22.80 8.19 58.59
N SER H 40 21.97 7.37 59.22
CA SER H 40 21.61 6.06 58.69
C SER H 40 20.13 6.02 58.35
N CYS H 41 19.79 5.22 57.34
CA CYS H 41 18.42 5.11 56.84
C CYS H 41 18.18 3.64 56.51
N ALA H 42 17.38 2.98 57.34
CA ALA H 42 17.02 1.59 57.14
C ALA H 42 15.64 1.50 56.51
N ALA H 43 15.50 0.64 55.49
CA ALA H 43 14.26 0.56 54.73
C ALA H 43 13.71 -0.85 54.75
N SER H 44 12.38 -0.93 54.60
CA SER H 44 11.70 -2.19 54.43
C SER H 44 10.52 -1.96 53.49
N GLY H 45 10.15 -3.03 52.78
CA GLY H 45 9.05 -2.98 51.83
C GLY H 45 9.46 -2.84 50.38
N PHE H 46 10.75 -2.63 50.10
CA PHE H 46 11.25 -2.54 48.74
C PHE H 46 12.72 -2.92 48.73
N THR H 47 13.32 -2.93 47.55
CA THR H 47 14.69 -3.38 47.35
C THR H 47 15.56 -2.20 46.90
N PHE H 48 16.70 -2.03 47.56
CA PHE H 48 17.66 -1.02 47.11
C PHE H 48 18.29 -1.38 45.78
N ASP H 49 18.29 -2.66 45.41
CA ASP H 49 18.92 -3.07 44.16
C ASP H 49 18.22 -2.50 42.93
N ASP H 50 16.98 -2.04 43.07
CA ASP H 50 16.22 -1.52 41.94
C ASP H 50 16.08 0.00 41.92
N TYR H 51 16.42 0.69 43.01
CA TYR H 51 16.07 2.11 43.12
C TYR H 51 17.26 2.96 43.54
N THR H 52 17.28 4.18 43.03
CA THR H 52 18.19 5.22 43.50
C THR H 52 17.76 5.68 44.89
N MET H 53 18.73 6.11 45.70
CA MET H 53 18.43 6.62 47.02
C MET H 53 18.96 8.05 47.16
N ASN H 54 18.13 8.92 47.72
CA ASN H 54 18.41 10.35 47.78
C ASN H 54 18.41 10.82 49.22
N TRP H 55 19.24 11.80 49.51
CA TRP H 55 19.20 12.58 50.74
C TRP H 55 18.79 14.00 50.40
N VAL H 56 17.80 14.52 51.12
CA VAL H 56 17.31 15.88 50.95
C VAL H 56 17.37 16.53 52.32
N ARG H 57 17.51 17.85 52.36
CA ARG H 57 17.46 18.53 53.65
C ARG H 57 16.49 19.69 53.58
N GLN H 58 15.94 20.05 54.74
CA GLN H 58 15.03 21.18 54.87
C GLN H 58 15.43 21.96 56.12
N ALA H 59 15.98 23.15 55.92
CA ALA H 59 16.32 23.99 57.06
C ALA H 59 15.05 24.44 57.77
N PRO H 60 15.09 24.62 59.09
CA PRO H 60 13.89 25.02 59.83
C PRO H 60 13.40 26.39 59.40
N GLY H 61 12.19 26.44 58.87
CA GLY H 61 11.60 27.67 58.39
C GLY H 61 11.83 27.98 56.94
N LYS H 62 12.66 27.20 56.24
CA LYS H 62 12.93 27.43 54.84
C LYS H 62 12.52 26.20 54.02
N GLY H 63 12.79 26.26 52.71
CA GLY H 63 12.33 25.24 51.79
C GLY H 63 13.26 24.04 51.72
N LEU H 64 12.84 23.06 50.93
CA LEU H 64 13.62 21.84 50.73
C LEU H 64 14.88 22.13 49.94
N GLU H 65 15.91 21.32 50.16
CA GLU H 65 17.16 21.42 49.44
C GLU H 65 17.70 20.03 49.18
N TRP H 66 17.90 19.68 47.91
CA TRP H 66 18.44 18.39 47.55
C TRP H 66 19.91 18.31 47.95
N VAL H 67 20.28 17.23 48.64
CA VAL H 67 21.62 17.06 49.18
C VAL H 67 22.45 16.11 48.33
N SER H 68 21.98 14.87 48.15
CA SER H 68 22.83 13.85 47.53
C SER H 68 21.95 12.75 46.95
N ALA H 69 22.57 11.93 46.11
CA ALA H 69 21.90 10.77 45.55
C ALA H 69 22.93 9.72 45.17
N ILE H 70 22.48 8.47 45.13
CA ILE H 70 23.37 7.34 44.86
C ILE H 70 22.57 6.25 44.16
N ARG H 71 23.15 5.69 43.11
CA ARG H 71 22.47 4.72 42.26
C ARG H 71 22.46 3.35 42.94
N TRP H 72 22.00 2.33 42.22
CA TRP H 72 21.66 1.05 42.85
C TRP H 72 22.89 0.33 43.39
N ASN H 73 24.05 0.49 42.73
CA ASN H 73 25.26 -0.19 43.14
C ASN H 73 26.08 0.61 44.14
N GLY H 74 26.19 1.92 43.93
CA GLY H 74 26.95 2.78 44.83
C GLY H 74 28.27 3.26 44.27
N VAL H 75 28.63 2.94 43.03
CA VAL H 75 29.92 3.38 42.51
C VAL H 75 29.92 4.83 42.05
N THR H 76 28.77 5.37 41.68
CA THR H 76 28.66 6.75 41.21
C THR H 76 27.61 7.49 42.02
N THR H 77 27.96 8.68 42.48
CA THR H 77 27.16 9.47 43.39
C THR H 77 27.02 10.89 42.86
N TYR H 78 25.90 11.52 43.18
CA TYR H 78 25.63 12.90 42.78
C TYR H 78 25.46 13.75 44.03
N TYR H 79 25.97 14.98 43.98
CA TYR H 79 25.99 15.87 45.14
C TYR H 79 25.57 17.27 44.72
N ALA H 80 25.08 18.03 45.70
CA ALA H 80 24.95 19.46 45.53
C ALA H 80 26.32 20.12 45.70
N GLU H 81 26.53 21.23 44.98
CA GLU H 81 27.83 21.89 45.03
C GLU H 81 28.01 22.77 46.25
N SER H 82 26.95 22.98 47.03
CA SER H 82 27.12 23.46 48.39
C SER H 82 27.56 22.35 49.33
N MET H 83 27.65 21.11 48.83
CA MET H 83 27.89 19.95 49.66
C MET H 83 28.92 19.00 49.05
N LYS H 84 29.38 19.27 47.84
CA LYS H 84 30.27 18.34 47.14
C LYS H 84 31.63 18.30 47.82
N GLY H 85 32.11 17.09 48.07
CA GLY H 85 33.37 16.91 48.77
C GLY H 85 33.22 16.94 50.28
N ARG H 86 32.38 17.85 50.78
CA ARG H 86 32.18 17.97 52.21
C ARG H 86 31.31 16.84 52.76
N PHE H 87 30.41 16.30 51.93
CA PHE H 87 29.51 15.23 52.31
C PHE H 87 29.86 13.97 51.53
N THR H 88 29.56 12.81 52.12
CA THR H 88 29.70 11.53 51.41
C THR H 88 28.43 10.72 51.59
N VAL H 89 28.09 9.92 50.59
CA VAL H 89 26.92 9.05 50.64
C VAL H 89 27.37 7.62 50.30
N SER H 90 26.72 6.64 50.92
CA SER H 90 27.10 5.25 50.74
C SER H 90 25.88 4.36 50.93
N ARG H 91 26.00 3.12 50.46
CA ARG H 91 24.93 2.14 50.61
C ARG H 91 25.51 0.82 51.10
N ASP H 92 24.69 0.09 51.87
CA ASP H 92 24.95 -1.30 52.23
C ASP H 92 23.71 -2.07 51.80
N ASN H 93 23.74 -2.60 50.58
CA ASN H 93 22.64 -3.42 50.10
C ASN H 93 22.51 -4.71 50.88
N GLY H 94 23.64 -5.26 51.36
CA GLY H 94 23.57 -6.42 52.22
C GLY H 94 22.90 -6.12 53.55
N GLN H 95 23.23 -4.99 54.15
CA GLN H 95 22.58 -4.54 55.37
C GLN H 95 21.26 -3.83 55.11
N ASN H 96 20.93 -3.56 53.84
CA ASN H 96 19.70 -2.89 53.42
C ASN H 96 19.56 -1.53 54.10
N THR H 97 20.61 -0.72 53.99
CA THR H 97 20.64 0.59 54.63
C THR H 97 21.43 1.58 53.79
N LEU H 98 21.19 2.85 54.05
CA LEU H 98 21.81 3.96 53.33
C LEU H 98 22.44 4.92 54.32
N TYR H 99 23.62 5.46 53.98
CA TYR H 99 24.36 6.31 54.89
C TYR H 99 24.69 7.64 54.23
N LEU H 100 24.57 8.70 55.00
CA LEU H 100 25.10 10.02 54.65
C LEU H 100 26.07 10.42 55.75
N GLN H 101 27.36 10.42 55.43
CA GLN H 101 28.38 10.84 56.37
C GLN H 101 28.71 12.30 56.11
N MET H 102 28.43 13.15 57.09
CA MET H 102 28.67 14.58 57.00
C MET H 102 29.88 14.94 57.84
N ASN H 103 30.82 15.66 57.25
CA ASN H 103 32.03 16.09 57.92
C ASN H 103 32.19 17.60 57.77
N SER H 104 32.72 18.23 58.83
CA SER H 104 33.01 19.66 58.86
C SER H 104 31.77 20.49 58.54
N LEU H 105 30.76 20.34 59.39
CA LEU H 105 29.51 21.06 59.23
C LEU H 105 29.70 22.53 59.55
N LYS H 106 29.17 23.40 58.70
CA LYS H 106 29.17 24.83 58.96
C LYS H 106 27.93 25.19 59.80
N ALA H 107 27.67 26.48 59.98
CA ALA H 107 26.53 26.89 60.81
C ALA H 107 25.21 26.65 60.08
N GLU H 108 25.21 26.77 58.75
CA GLU H 108 23.98 26.68 57.97
C GLU H 108 23.60 25.25 57.62
N ASP H 109 24.28 24.25 58.20
CA ASP H 109 23.98 22.86 57.88
C ASP H 109 22.94 22.23 58.79
N THR H 110 22.40 22.99 59.74
CA THR H 110 21.31 22.47 60.56
C THR H 110 20.02 22.38 59.74
N ALA H 111 19.37 21.22 59.78
CA ALA H 111 18.21 20.96 58.96
C ALA H 111 17.59 19.63 59.37
N VAL H 112 16.34 19.44 58.97
CA VAL H 112 15.72 18.12 59.02
C VAL H 112 16.10 17.39 57.74
N TYR H 113 16.83 16.28 57.88
CA TYR H 113 17.28 15.50 56.74
C TYR H 113 16.29 14.38 56.45
N TYR H 114 15.96 14.22 55.17
CA TYR H 114 14.98 13.27 54.69
C TYR H 114 15.67 12.24 53.80
N CYS H 115 15.38 10.97 54.06
CA CYS H 115 15.81 9.85 53.23
C CYS H 115 14.68 9.55 52.25
N ALA H 116 14.98 9.62 50.96
CA ALA H 116 13.96 9.49 49.93
C ALA H 116 14.29 8.35 48.98
N LYS H 117 13.33 7.45 48.78
CA LYS H 117 13.42 6.48 47.71
C LYS H 117 13.25 7.19 46.37
N GLY H 118 13.88 6.64 45.33
CA GLY H 118 13.72 7.16 44.00
C GLY H 118 12.75 6.32 43.20
N GLY H 119 12.32 6.87 42.06
CA GLY H 119 11.38 6.15 41.22
C GLY H 119 12.00 5.05 40.39
N SER H 120 13.27 5.15 40.05
CA SER H 120 13.93 4.19 39.18
C SER H 120 15.43 4.25 39.42
N ILE H 121 16.17 3.51 38.60
CA ILE H 121 17.63 3.50 38.70
C ILE H 121 18.27 4.81 38.29
N ASP H 122 17.52 5.69 37.63
CA ASP H 122 18.02 6.98 37.20
C ASP H 122 17.94 7.96 38.37
N LEU H 123 18.28 9.22 38.11
CA LEU H 123 17.98 10.31 39.02
C LEU H 123 16.66 10.99 38.64
N THR H 124 15.78 10.26 37.99
CA THR H 124 14.52 10.75 37.44
C THR H 124 13.40 9.90 38.08
N TYR H 125 12.16 10.09 37.64
CA TYR H 125 10.93 9.51 38.19
C TYR H 125 10.62 9.99 39.60
N GLY H 126 11.29 11.04 40.06
CA GLY H 126 10.95 11.66 41.32
C GLY H 126 11.39 10.86 42.52
N MET H 127 11.12 11.42 43.69
CA MET H 127 11.43 10.80 44.97
C MET H 127 10.11 10.36 45.60
N ASP H 128 9.78 9.08 45.42
CA ASP H 128 8.44 8.58 45.71
C ASP H 128 8.10 8.68 47.19
N TYR H 129 8.80 7.93 48.03
CA TYR H 129 8.48 7.85 49.45
C TYR H 129 9.61 8.47 50.26
N TRP H 130 9.26 9.35 51.19
CA TRP H 130 10.21 10.07 52.01
C TRP H 130 10.14 9.57 53.44
N GLY H 131 11.29 9.64 54.13
CA GLY H 131 11.34 9.30 55.53
C GLY H 131 10.83 10.43 56.41
N LYS H 132 10.80 10.15 57.71
CA LYS H 132 10.37 11.18 58.66
C LYS H 132 11.44 12.25 58.83
N GLY H 133 12.70 11.88 58.67
CA GLY H 133 13.77 12.84 58.76
C GLY H 133 14.33 12.95 60.17
N THR H 134 15.61 13.31 60.25
CA THR H 134 16.28 13.54 61.53
C THR H 134 16.71 14.99 61.60
N LEU H 135 16.45 15.63 62.73
CA LEU H 135 16.75 17.06 62.90
C LEU H 135 18.19 17.17 63.38
N VAL H 136 19.08 17.59 62.47
CA VAL H 136 20.49 17.77 62.77
C VAL H 136 20.72 19.24 63.12
N THR H 137 21.28 19.49 64.30
CA THR H 137 21.54 20.84 64.78
C THR H 137 23.03 21.05 64.90
N VAL H 138 23.50 22.20 64.42
CA VAL H 138 24.89 22.62 64.59
C VAL H 138 24.89 23.97 65.31
N SER H 139 25.67 24.06 66.38
CA SER H 139 25.70 25.26 67.20
C SER H 139 26.92 25.22 68.11
N SER H 140 27.68 26.30 68.14
CA SER H 140 28.78 26.43 69.08
C SER H 140 28.33 26.94 70.45
N ALA H 141 27.07 27.33 70.58
CA ALA H 141 26.56 27.82 71.85
C ALA H 141 26.42 26.69 72.85
N SER H 142 26.75 26.97 74.11
CA SER H 142 26.63 26.00 75.18
C SER H 142 25.22 26.01 75.76
N THR H 143 24.92 24.97 76.54
CA THR H 143 23.61 24.85 77.17
C THR H 143 23.42 25.88 78.28
N ALA I 21 23.10 27.54 38.05
CA ALA I 21 21.78 28.13 37.88
C ALA I 21 20.87 27.86 39.07
N VAL I 22 19.95 28.78 39.35
CA VAL I 22 19.03 28.66 40.46
C VAL I 22 17.63 28.51 39.89
N VAL I 23 16.77 27.75 40.58
CA VAL I 23 15.40 27.54 40.17
C VAL I 23 14.55 28.61 40.84
N THR I 24 14.10 29.58 40.04
CA THR I 24 13.21 30.62 40.52
C THR I 24 11.79 30.10 40.63
N GLN I 25 11.16 30.38 41.76
CA GLN I 25 9.77 30.00 41.98
C GLN I 25 9.09 31.11 42.78
N GLU I 26 7.87 31.43 42.36
CA GLU I 26 7.08 32.48 42.99
C GLU I 26 6.71 32.11 44.43
N PRO I 27 6.62 33.11 45.34
CA PRO I 27 6.67 32.78 46.77
C PRO I 27 5.40 32.19 47.38
N SER I 28 4.24 32.76 47.10
CA SER I 28 3.02 32.30 47.75
C SER I 28 1.81 32.67 46.91
N LEU I 29 0.78 31.83 46.98
CA LEU I 29 -0.41 31.97 46.14
C LEU I 29 -1.65 31.73 46.98
N SER I 30 -2.76 32.30 46.54
CA SER I 30 -4.06 32.14 47.17
C SER I 30 -5.08 31.76 46.11
N VAL I 31 -5.86 30.72 46.38
CA VAL I 31 -6.90 30.26 45.46
C VAL I 31 -8.17 30.00 46.25
N SER I 32 -9.30 30.41 45.70
CA SER I 32 -10.58 30.10 46.31
C SER I 32 -10.88 28.60 46.16
N PRO I 33 -11.59 27.99 47.10
CA PRO I 33 -11.95 26.58 46.96
C PRO I 33 -12.82 26.35 45.73
N GLY I 34 -12.53 25.26 45.02
CA GLY I 34 -13.18 24.98 43.76
C GLY I 34 -12.60 25.71 42.57
N GLY I 35 -11.55 26.52 42.75
CA GLY I 35 -10.96 27.26 41.67
C GLY I 35 -9.80 26.55 41.01
N THR I 36 -9.21 27.23 40.03
CA THR I 36 -8.08 26.70 39.27
C THR I 36 -6.87 27.58 39.52
N VAL I 37 -5.76 26.96 39.91
CA VAL I 37 -4.53 27.67 40.26
C VAL I 37 -3.36 27.03 39.54
N THR I 38 -2.36 27.83 39.19
CA THR I 38 -1.19 27.37 38.45
C THR I 38 0.07 27.84 39.16
N ILE I 39 1.00 26.91 39.38
CA ILE I 39 2.29 27.18 40.03
C ILE I 39 3.38 26.93 39.00
N THR I 40 4.25 27.92 38.81
CA THR I 40 5.31 27.83 37.81
C THR I 40 6.68 27.89 38.45
N CYS I 41 7.58 27.01 38.00
CA CYS I 41 8.97 27.02 38.39
C CYS I 41 9.83 27.13 37.15
N GLY I 42 10.90 27.94 37.21
CA GLY I 42 11.69 28.19 36.03
C GLY I 42 13.18 28.29 36.33
N LEU I 43 13.98 28.24 35.27
CA LEU I 43 15.41 28.52 35.37
C LEU I 43 15.67 30.01 35.25
N SER I 44 16.60 30.50 36.07
CA SER I 44 17.09 31.86 35.90
C SER I 44 17.88 32.01 34.62
N SER I 45 18.64 30.98 34.23
CA SER I 45 19.45 30.98 33.02
C SER I 45 19.09 29.73 32.21
N GLY I 46 18.07 29.85 31.37
CA GLY I 46 17.64 28.78 30.51
C GLY I 46 16.13 28.66 30.51
N SER I 47 15.64 27.60 29.89
CA SER I 47 14.21 27.32 29.81
C SER I 47 13.95 25.91 30.29
N VAL I 48 12.86 25.72 31.03
CA VAL I 48 12.50 24.40 31.54
C VAL I 48 11.93 23.57 30.40
N THR I 49 12.63 22.51 30.05
CA THR I 49 12.14 21.51 29.11
C THR I 49 11.78 20.24 29.87
N ARG I 50 11.29 19.24 29.13
CA ARG I 50 11.06 17.95 29.75
C ARG I 50 12.36 17.24 30.09
N ASN I 51 13.46 17.58 29.41
CA ASN I 51 14.77 17.05 29.78
C ASN I 51 15.24 17.59 31.11
N ASN I 52 14.71 18.73 31.55
CA ASN I 52 14.92 19.23 32.91
C ASN I 52 13.78 18.77 33.81
N TYR I 53 13.69 17.43 33.98
CA TYR I 53 12.53 16.71 34.51
C TYR I 53 11.97 17.33 35.78
N PRO I 54 10.79 17.95 35.70
CA PRO I 54 10.20 18.58 36.89
C PRO I 54 9.50 17.54 37.76
N ASP I 55 9.74 17.61 39.05
CA ASP I 55 9.05 16.78 40.04
C ASP I 55 8.34 17.72 40.99
N TRP I 56 7.04 17.52 41.16
CA TRP I 56 6.23 18.37 42.00
C TRP I 56 5.90 17.64 43.30
N TYR I 57 6.31 18.22 44.42
CA TYR I 57 6.11 17.65 45.74
C TYR I 57 5.22 18.57 46.57
N GLN I 58 4.45 17.96 47.47
CA GLN I 58 3.56 18.68 48.37
C GLN I 58 3.98 18.38 49.80
N GLN I 59 4.08 19.42 50.63
CA GLN I 59 4.48 19.28 52.01
C GLN I 59 3.46 19.97 52.90
N THR I 60 2.81 19.20 53.75
CA THR I 60 2.11 19.77 54.89
C THR I 60 3.13 20.18 55.95
N PRO I 61 3.02 21.40 56.49
CA PRO I 61 3.99 21.84 57.51
C PRO I 61 4.03 20.92 58.72
N GLY I 62 5.19 20.32 58.95
CA GLY I 62 5.37 19.34 59.99
C GLY I 62 5.40 17.90 59.51
N GLN I 63 5.10 17.65 58.24
CA GLN I 63 5.06 16.31 57.68
C GLN I 63 6.10 16.16 56.57
N ALA I 64 6.37 14.91 56.23
CA ALA I 64 7.31 14.63 55.14
C ALA I 64 6.69 15.01 53.80
N PRO I 65 7.51 15.46 52.85
CA PRO I 65 6.99 15.79 51.53
C PRO I 65 6.47 14.56 50.80
N ARG I 66 5.44 14.78 49.98
CA ARG I 66 4.82 13.73 49.19
C ARG I 66 4.99 14.05 47.72
N LEU I 67 5.39 13.06 46.93
CA LEU I 67 5.47 13.27 45.50
C LEU I 67 4.06 13.41 44.93
N LEU I 68 3.82 14.49 44.20
CA LEU I 68 2.59 14.60 43.43
C LEU I 68 2.82 14.21 41.98
N LEU I 69 3.79 14.86 41.34
CA LEU I 69 3.97 14.74 39.89
C LEU I 69 5.42 14.40 39.57
N TYR I 70 5.59 13.56 38.56
CA TYR I 70 6.93 13.24 38.05
C TYR I 70 6.88 13.17 36.54
N ASN I 71 8.04 13.41 35.92
CA ASN I 71 8.21 13.36 34.46
C ASN I 71 7.24 14.29 33.75
N THR I 72 7.02 15.46 34.34
CA THR I 72 6.33 16.64 33.84
C THR I 72 4.81 16.47 33.80
N VAL I 73 4.32 15.23 33.73
CA VAL I 73 2.88 15.04 33.57
C VAL I 73 2.36 13.93 34.48
N ALA I 74 3.21 12.99 34.86
CA ALA I 74 2.74 11.73 35.44
C ALA I 74 2.42 11.91 36.91
N ARG I 75 1.27 11.39 37.32
CA ARG I 75 0.81 11.50 38.69
C ARG I 75 1.28 10.29 39.48
N HIS I 76 1.76 10.54 40.70
CA HIS I 76 2.10 9.46 41.61
C HIS I 76 0.84 8.71 42.03
N SER I 77 1.01 7.46 42.43
CA SER I 77 -0.13 6.65 42.85
C SER I 77 -0.75 7.23 44.12
N GLY I 78 -2.07 7.42 44.08
CA GLY I 78 -2.81 8.04 45.17
C GLY I 78 -3.08 9.51 44.98
N VAL I 79 -2.39 10.16 44.04
CA VAL I 79 -2.56 11.64 43.85
C VAL I 79 -3.82 11.92 43.03
N PRO I 80 -4.76 12.76 43.52
CA PRO I 80 -6.01 13.06 42.82
C PRO I 80 -5.85 13.53 41.35
N SER I 81 -6.81 13.22 40.47
CA SER I 81 -6.69 13.62 39.08
C SER I 81 -6.75 15.13 38.86
N ARG I 82 -7.11 15.91 39.88
CA ARG I 82 -7.17 17.35 39.74
C ARG I 82 -5.79 17.99 39.65
N PHE I 83 -4.74 17.29 40.03
CA PHE I 83 -3.38 17.77 39.83
C PHE I 83 -2.88 17.39 38.45
N SER I 84 -2.44 18.36 37.67
CA SER I 84 -1.87 18.08 36.36
C SER I 84 -0.61 18.92 36.19
N GLY I 85 0.19 18.58 35.20
CA GLY I 85 1.44 19.29 34.96
C GLY I 85 1.74 19.41 33.50
N SER I 86 2.50 20.46 33.16
CA SER I 86 2.87 20.71 31.78
C SER I 86 4.08 21.63 31.74
N ILE I 87 4.55 21.90 30.54
CA ILE I 87 5.59 22.89 30.30
C ILE I 87 4.90 24.10 29.68
N SER I 88 4.73 25.15 30.47
CA SER I 88 4.08 26.38 30.02
C SER I 88 5.16 27.40 29.70
N GLY I 89 5.26 27.76 28.42
CA GLY I 89 6.26 28.73 28.00
C GLY I 89 7.65 28.18 28.24
N ASN I 90 8.41 28.86 29.09
CA ASN I 90 9.74 28.45 29.48
C ASN I 90 9.81 28.01 30.95
N LYS I 91 8.67 27.61 31.51
CA LYS I 91 8.61 27.17 32.90
C LYS I 91 7.80 25.88 32.98
N ALA I 92 7.89 25.21 34.12
CA ALA I 92 7.10 24.04 34.42
C ALA I 92 5.93 24.43 35.31
N ALA I 93 4.73 24.02 34.93
CA ALA I 93 3.51 24.47 35.57
C ALA I 93 2.74 23.29 36.14
N LEU I 94 2.40 23.38 37.42
CA LEU I 94 1.49 22.45 38.09
C LEU I 94 0.14 23.16 38.25
N THR I 95 -0.91 22.55 37.71
CA THR I 95 -2.24 23.14 37.72
C THR I 95 -3.16 22.30 38.61
N ILE I 96 -3.82 22.97 39.54
CA ILE I 96 -4.82 22.36 40.41
C ILE I 96 -6.17 22.92 40.01
N THR I 97 -7.07 22.05 39.56
CA THR I 97 -8.41 22.45 39.13
C THR I 97 -9.41 21.99 40.18
N GLY I 98 -10.19 22.92 40.71
CA GLY I 98 -11.10 22.61 41.79
C GLY I 98 -10.35 22.35 43.07
N ALA I 99 -9.67 23.38 43.57
CA ALA I 99 -8.79 23.25 44.73
C ALA I 99 -9.56 22.89 46.00
N GLN I 100 -9.42 21.65 46.45
CA GLN I 100 -10.02 21.22 47.69
C GLN I 100 -9.35 21.93 48.87
N PRO I 101 -10.07 22.12 49.99
CA PRO I 101 -9.46 22.85 51.12
C PRO I 101 -8.29 22.12 51.77
N GLU I 102 -8.11 20.82 51.53
CA GLU I 102 -6.96 20.12 52.06
C GLU I 102 -5.74 20.21 51.14
N ASP I 103 -5.78 21.04 50.12
CA ASP I 103 -4.65 21.24 49.22
C ASP I 103 -3.77 22.43 49.64
N GLU I 104 -4.05 23.02 50.79
CA GLU I 104 -3.27 24.14 51.31
C GLU I 104 -1.96 23.60 51.90
N ALA I 105 -0.85 23.86 51.23
CA ALA I 105 0.42 23.25 51.61
C ALA I 105 1.56 23.99 50.90
N GLY I 106 2.79 23.55 51.12
CA GLY I 106 3.93 24.06 50.43
C GLY I 106 4.24 23.18 49.22
N TYR I 107 4.32 23.81 48.06
CA TYR I 107 4.46 23.10 46.80
C TYR I 107 5.86 23.38 46.26
N TYR I 108 6.63 22.32 46.04
CA TYR I 108 8.02 22.46 45.64
C TYR I 108 8.25 21.81 44.28
N CYS I 109 9.13 22.42 43.50
CA CYS I 109 9.48 21.96 42.17
C CYS I 109 10.95 21.58 42.17
N ALA I 110 11.25 20.35 41.79
CA ALA I 110 12.62 19.85 41.71
C ALA I 110 12.94 19.59 40.25
N LEU I 111 13.92 20.32 39.72
CA LEU I 111 14.31 20.23 38.32
C LEU I 111 15.65 19.54 38.21
N TYR I 112 15.74 18.58 37.28
CA TYR I 112 16.96 17.83 37.03
C TYR I 112 17.82 18.59 36.03
N MET I 113 18.99 19.05 36.46
CA MET I 113 19.88 19.79 35.59
C MET I 113 21.31 19.31 35.81
N TYR I 114 22.24 19.98 35.15
CA TYR I 114 23.67 19.77 35.33
C TYR I 114 24.20 20.98 36.10
N THR I 115 24.43 20.81 37.40
CA THR I 115 24.95 21.89 38.23
C THR I 115 26.46 21.68 38.32
N GLY I 116 27.22 22.77 38.36
CA GLY I 116 28.62 22.67 38.72
C GLY I 116 29.42 21.72 37.86
N SER I 117 29.70 20.54 38.42
CA SER I 117 30.44 19.50 37.72
C SER I 117 29.69 18.17 37.60
N ASN I 118 28.41 18.10 37.99
CA ASN I 118 27.69 16.84 37.90
C ASN I 118 26.19 17.10 37.77
N ASN I 119 25.47 16.05 37.39
CA ASN I 119 24.02 16.14 37.33
C ASN I 119 23.43 16.18 38.73
N GLY I 120 22.21 16.70 38.84
CA GLY I 120 21.55 16.74 40.13
C GLY I 120 20.22 17.44 40.05
N ARG I 121 19.42 17.25 41.09
CA ARG I 121 18.15 17.91 41.26
C ARG I 121 18.33 19.23 42.01
N VAL I 122 17.53 20.22 41.65
CA VAL I 122 17.53 21.50 42.35
C VAL I 122 16.10 21.84 42.72
N PHE I 123 15.86 22.14 43.99
CA PHE I 123 14.56 22.60 44.44
C PHE I 123 14.46 24.11 44.34
N GLY I 124 13.26 24.59 44.04
CA GLY I 124 12.94 26.00 44.11
C GLY I 124 12.23 26.31 45.41
N GLY I 125 12.22 27.58 45.78
CA GLY I 125 11.46 28.00 46.95
C GLY I 125 9.97 27.81 46.71
N GLY I 126 9.39 26.81 47.37
CA GLY I 126 8.04 26.40 47.05
C GLY I 126 7.00 27.43 47.43
N THR I 127 5.85 27.33 46.77
CA THR I 127 4.73 28.22 47.01
C THR I 127 3.97 27.76 48.24
N LEU I 128 3.71 28.69 49.16
CA LEU I 128 2.84 28.41 50.31
C LEU I 128 1.40 28.62 49.84
N LEU I 129 0.89 27.63 49.12
CA LEU I 129 -0.45 27.74 48.56
C LEU I 129 -1.48 27.63 49.67
N THR I 130 -2.23 28.71 49.86
CA THR I 130 -3.25 28.80 50.90
C THR I 130 -4.62 28.90 50.25
N VAL I 131 -5.54 28.03 50.67
CA VAL I 131 -6.91 28.02 50.19
C VAL I 131 -7.74 28.85 51.15
N LEU I 132 -8.49 29.81 50.62
CA LEU I 132 -9.28 30.73 51.44
C LEU I 132 -10.50 29.98 51.97
N GLY I 133 -10.29 29.26 53.08
CA GLY I 133 -11.37 28.51 53.70
C GLY I 133 -12.45 29.40 54.28
N GLN I 134 -12.07 30.51 54.88
CA GLN I 134 -13.03 31.43 55.47
C GLN I 134 -12.62 32.88 55.22
#